data_3L9R
#
_entry.id   3L9R
#
_cell.length_a   137.533
_cell.length_b   139.975
_cell.length_c   111.953
_cell.angle_alpha   90.00
_cell.angle_beta   90.00
_cell.angle_gamma   90.00
#
_symmetry.space_group_name_H-M   'P 21 21 2'
#
loop_
_entity.id
_entity.type
_entity.pdbx_description
1 polymer CD1b3
2 polymer Beta-2-microglobulin
3 branched alpha-D-mannopyranose-(1-3)-beta-D-mannopyranose-(1-4)-2-acetamido-2-deoxy-beta-D-glucopyranose-(1-4)-[alpha-L-fucopyranose-(1-3)][alpha-L-fucopyranose-(1-6)]2-acetamido-2-deoxy-beta-D-glucopyranose
4 branched beta-D-mannopyranose-(1-4)-2-acetamido-2-deoxy-beta-D-glucopyranose-(1-4)-[alpha-L-fucopyranose-(1-3)][alpha-L-fucopyranose-(1-6)]2-acetamido-2-deoxy-beta-D-glucopyranose
5 non-polymer 2-acetamido-2-deoxy-beta-D-glucopyranose
6 non-polymer '(2S)-3-(octadecanoyloxy)-2-[(9Z)-octadec-9-enoyloxy]propyl 2-(trimethylammonio)ethyl phosphate'
7 non-polymer GLYCEROL
8 non-polymer '(1S)-2-{[(S)-(2-aminoethoxy)(hydroxy)phosphoryl]oxy}-1-[(octadecanoyloxy)methyl]ethyl (9Z)-octadec-9-enoate'
9 non-polymer 'CHLORIDE ION'
10 water water
#
loop_
_entity_poly.entity_id
_entity_poly.type
_entity_poly.pdbx_seq_one_letter_code
_entity_poly.pdbx_strand_id
1 'polypeptide(L)'
;EDVFQGPTSFHLMQISTFVNSTWAQNQGSGWLDDLQIHGWESDSGTAIFLKPWSKGNFSDDEVTELVDLFRAYFIGFTRE
VQDRVNEFQLEYPFVIQVTAGCELHSGEAIESSLRGALGGLDFVSIQNHSCVPAPDSGSRGQKFCALTTQYQGISDIIER
LLSETCPRYLLGVLDAGKAELQRQVKPEAWLSSGPTPGPGRLLLVCHVSGFYPKPVRVMWMRGEQEQPGTQQGDLMPNAD
WTWYLRVTLNVAAGEAAGLNCRVKHSSLGDQDIILYWHHHHHH
;
A,C,E,G
2 'polypeptide(L)'
;IQRPPKIQVYSRHPPEDGKPNYLNCYVYGFHPPQIEIDLLKNGEKIKSEQSDLSFSKDWSFYLLSHAEFTPNSKDQYSCR
VKHVTLEQPRIVKWDRDL
;
B,D,F,H
#
loop_
_chem_comp.id
_chem_comp.type
_chem_comp.name
_chem_comp.formula
BMA D-saccharide, beta linking beta-D-mannopyranose 'C6 H12 O6'
CL non-polymer 'CHLORIDE ION' 'Cl -1'
FUC L-saccharide, alpha linking alpha-L-fucopyranose 'C6 H12 O5'
GOL non-polymer GLYCEROL 'C3 H8 O3'
L9Q non-polymer '(1S)-2-{[(S)-(2-aminoethoxy)(hydroxy)phosphoryl]oxy}-1-[(octadecanoyloxy)methyl]ethyl (9Z)-octadec-9-enoate' 'C41 H80 N O8 P'
L9R non-polymer '(2S)-3-(octadecanoyloxy)-2-[(9Z)-octadec-9-enoyloxy]propyl 2-(trimethylammonio)ethyl phosphate' 'C44 H86 N O8 P'
MAN D-saccharide, alpha linking alpha-D-mannopyranose 'C6 H12 O6'
NAG D-saccharide, beta linking 2-acetamido-2-deoxy-beta-D-glucopyranose 'C8 H15 N O6'
#
# COMPACT_ATOMS: atom_id res chain seq x y z
N VAL A 3 -39.62 -9.15 -46.85
CA VAL A 3 -40.25 -9.46 -48.16
C VAL A 3 -40.50 -8.20 -49.00
N PHE A 4 -40.53 -7.03 -48.36
CA PHE A 4 -40.56 -5.75 -49.08
C PHE A 4 -39.15 -5.45 -49.57
N GLN A 5 -39.00 -5.13 -50.86
CA GLN A 5 -37.66 -5.09 -51.44
C GLN A 5 -37.07 -3.67 -51.53
N GLY A 6 -35.78 -3.58 -51.22
CA GLY A 6 -35.09 -2.27 -51.26
C GLY A 6 -35.35 -1.39 -50.04
N PRO A 7 -34.99 -0.10 -50.14
CA PRO A 7 -34.97 0.81 -48.97
C PRO A 7 -36.34 1.19 -48.41
N THR A 8 -36.37 1.47 -47.11
CA THR A 8 -37.59 1.82 -46.41
C THR A 8 -37.50 3.17 -45.70
N SER A 9 -36.43 3.94 -45.97
CA SER A 9 -36.22 5.20 -45.25
C SER A 9 -35.57 6.26 -46.12
N PHE A 10 -35.83 7.54 -45.82
CA PHE A 10 -35.17 8.66 -46.48
C PHE A 10 -34.55 9.54 -45.41
N HIS A 11 -33.31 9.94 -45.60
CA HIS A 11 -32.68 10.87 -44.68
C HIS A 11 -31.90 11.97 -45.38
N LEU A 12 -32.13 13.20 -44.95
CA LEU A 12 -31.17 14.29 -45.14
C LEU A 12 -29.98 14.08 -44.19
N MET A 13 -28.78 14.38 -44.66
CA MET A 13 -27.58 14.22 -43.83
C MET A 13 -26.72 15.47 -43.89
N GLN A 14 -26.30 15.93 -42.72
CA GLN A 14 -25.49 17.15 -42.57
C GLN A 14 -24.23 16.80 -41.83
N ILE A 15 -23.10 17.25 -42.37
CA ILE A 15 -21.81 17.18 -41.68
C ILE A 15 -21.24 18.61 -41.66
N SER A 16 -21.08 19.14 -40.46
CA SER A 16 -20.66 20.52 -40.27
C SER A 16 -19.39 20.56 -39.44
N THR A 17 -18.31 21.05 -40.05
CA THR A 17 -17.02 21.14 -39.35
C THR A 17 -16.72 22.57 -38.96
N PHE A 18 -16.38 22.79 -37.69
CA PHE A 18 -16.02 24.11 -37.19
C PHE A 18 -14.58 24.11 -36.72
N VAL A 19 -13.73 24.75 -37.52
CA VAL A 19 -12.27 24.70 -37.32
C VAL A 19 -11.77 25.87 -36.49
N ASN A 20 -12.34 27.05 -36.74
CA ASN A 20 -12.04 28.26 -35.97
C ASN A 20 -13.13 29.33 -36.13
N SER A 21 -12.91 30.51 -35.56
CA SER A 21 -13.89 31.60 -35.57
C SER A 21 -14.28 32.05 -36.99
N THR A 22 -13.41 31.77 -37.95
CA THR A 22 -13.63 32.21 -39.33
C THR A 22 -13.77 31.09 -40.36
N TRP A 23 -13.71 29.84 -39.93
CA TRP A 23 -13.74 28.71 -40.88
C TRP A 23 -14.66 27.56 -40.49
N ALA A 24 -15.73 27.39 -41.27
CA ALA A 24 -16.68 26.32 -41.05
C ALA A 24 -17.18 25.76 -42.39
N GLN A 25 -17.40 24.45 -42.42
CA GLN A 25 -17.76 23.74 -43.64
C GLN A 25 -18.99 22.87 -43.44
N ASN A 26 -19.95 22.99 -44.37
CA ASN A 26 -21.11 22.13 -44.37
C ASN A 26 -21.06 21.23 -45.59
N GLN A 27 -21.46 19.98 -45.38
CA GLN A 27 -21.55 18.97 -46.42
C GLN A 27 -22.92 18.40 -46.22
N GLY A 28 -23.68 18.29 -47.30
CA GLY A 28 -25.07 17.84 -47.22
C GLY A 28 -25.36 16.77 -48.24
N SER A 29 -26.42 16.00 -48.00
CA SER A 29 -26.83 14.97 -48.93
C SER A 29 -28.17 14.34 -48.56
N GLY A 30 -28.74 13.59 -49.50
CA GLY A 30 -30.00 12.86 -49.29
C GLY A 30 -29.87 11.38 -49.66
N TRP A 31 -30.44 10.51 -48.84
CA TRP A 31 -30.19 9.10 -48.89
C TRP A 31 -31.48 8.29 -48.71
N LEU A 32 -31.59 7.20 -49.45
CA LEU A 32 -32.60 6.17 -49.22
C LEU A 32 -31.86 4.98 -48.64
N ASP A 33 -32.15 4.65 -47.37
CA ASP A 33 -31.27 3.81 -46.57
C ASP A 33 -29.83 4.29 -46.85
N ASP A 34 -28.97 3.42 -47.36
CA ASP A 34 -27.56 3.78 -47.63
C ASP A 34 -27.27 4.04 -49.14
N LEU A 35 -28.30 4.43 -49.88
CA LEU A 35 -28.17 4.73 -51.29
C LEU A 35 -28.31 6.26 -51.56
N GLN A 36 -27.25 6.92 -51.99
CA GLN A 36 -27.33 8.38 -52.14
C GLN A 36 -28.21 8.77 -53.33
N ILE A 37 -29.24 9.57 -53.09
CA ILE A 37 -30.06 10.06 -54.22
C ILE A 37 -29.97 11.61 -54.41
N HIS A 38 -29.37 12.29 -53.44
CA HIS A 38 -29.04 13.72 -53.58
C HIS A 38 -27.64 14.08 -53.12
N GLY A 39 -27.01 14.96 -53.90
CA GLY A 39 -25.78 15.63 -53.49
C GLY A 39 -26.10 17.08 -53.20
N TRP A 40 -25.12 17.81 -52.71
CA TRP A 40 -25.33 19.18 -52.35
C TRP A 40 -24.06 19.93 -52.60
N GLU A 41 -24.15 20.97 -53.42
CA GLU A 41 -23.06 21.89 -53.70
C GLU A 41 -23.11 22.99 -52.65
N SER A 42 -22.14 23.00 -51.73
CA SER A 42 -22.15 23.90 -50.58
C SER A 42 -22.07 25.41 -50.88
N ASP A 43 -21.18 25.83 -51.76
CA ASP A 43 -21.00 27.26 -52.01
C ASP A 43 -22.30 27.94 -52.41
N SER A 44 -22.93 27.43 -53.47
CA SER A 44 -24.11 28.07 -54.01
C SER A 44 -25.38 27.59 -53.30
N GLY A 45 -25.28 26.47 -52.60
CA GLY A 45 -26.43 25.86 -51.96
C GLY A 45 -27.37 25.26 -52.99
N THR A 46 -26.78 24.47 -53.91
CA THR A 46 -27.46 23.85 -55.04
C THR A 46 -27.56 22.34 -54.85
N ALA A 47 -28.76 21.79 -55.05
CA ALA A 47 -28.94 20.35 -54.99
C ALA A 47 -28.49 19.66 -56.29
N ILE A 48 -28.19 18.37 -56.18
CA ILE A 48 -27.74 17.57 -57.29
C ILE A 48 -28.67 16.36 -57.30
N PHE A 49 -29.35 16.17 -58.42
CA PHE A 49 -30.37 15.11 -58.50
C PHE A 49 -29.74 13.95 -59.22
N LEU A 50 -29.32 12.99 -58.37
CA LEU A 50 -28.46 11.90 -58.80
C LEU A 50 -29.21 10.89 -59.66
N LYS A 51 -30.53 10.85 -59.55
CA LYS A 51 -31.32 9.80 -60.21
C LYS A 51 -32.44 10.42 -61.01
N PRO A 52 -32.90 9.73 -62.07
CA PRO A 52 -34.07 10.28 -62.78
C PRO A 52 -35.27 10.57 -61.86
N TRP A 53 -35.37 9.82 -60.76
CA TRP A 53 -36.54 9.87 -59.89
C TRP A 53 -36.30 10.56 -58.55
N SER A 54 -35.17 11.25 -58.45
CA SER A 54 -34.78 11.95 -57.22
C SER A 54 -35.78 12.95 -56.70
N LYS A 55 -36.63 13.48 -57.56
CA LYS A 55 -37.66 14.37 -57.05
C LYS A 55 -38.94 13.65 -56.62
N GLY A 56 -38.91 12.32 -56.68
CA GLY A 56 -40.09 11.52 -56.32
C GLY A 56 -41.32 12.00 -57.09
N ASN A 57 -42.42 12.22 -56.36
CA ASN A 57 -43.63 12.76 -56.96
C ASN A 57 -43.82 14.23 -56.68
N PHE A 58 -42.76 14.92 -56.27
CA PHE A 58 -42.87 16.36 -55.93
C PHE A 58 -42.73 17.22 -57.17
N SER A 59 -43.49 18.31 -57.25
CA SER A 59 -43.30 19.30 -58.31
C SER A 59 -41.96 20.02 -58.19
N ASP A 60 -41.46 20.49 -59.33
CA ASP A 60 -40.29 21.37 -59.37
C ASP A 60 -40.37 22.54 -58.40
N ASP A 61 -41.51 23.23 -58.33
CA ASP A 61 -41.68 24.35 -57.41
C ASP A 61 -41.54 23.92 -55.96
N GLU A 62 -42.09 22.76 -55.61
CA GLU A 62 -41.93 22.28 -54.25
C GLU A 62 -40.48 21.92 -53.93
N VAL A 63 -39.83 21.16 -54.82
CA VAL A 63 -38.40 20.89 -54.69
C VAL A 63 -37.60 22.21 -54.55
N THR A 64 -37.86 23.20 -55.41
CA THR A 64 -37.15 24.48 -55.34
C THR A 64 -37.33 25.19 -53.98
N GLU A 65 -38.56 25.22 -53.45
CA GLU A 65 -38.82 25.77 -52.13
C GLU A 65 -38.00 25.07 -51.07
N LEU A 66 -37.95 23.73 -51.13
CA LEU A 66 -37.22 22.94 -50.14
C LEU A 66 -35.72 23.24 -50.20
N VAL A 67 -35.20 23.29 -51.43
CA VAL A 67 -33.80 23.66 -51.66
C VAL A 67 -33.47 25.04 -51.11
N ASP A 68 -34.34 26.03 -51.37
CA ASP A 68 -34.15 27.39 -50.87
C ASP A 68 -34.08 27.32 -49.35
N LEU A 69 -34.95 26.49 -48.80
CA LEU A 69 -35.03 26.34 -47.37
C LEU A 69 -33.72 25.77 -46.81
N PHE A 70 -33.19 24.74 -47.44
CA PHE A 70 -31.98 24.11 -46.91
C PHE A 70 -30.78 25.04 -47.06
N ARG A 71 -30.77 25.80 -48.16
CA ARG A 71 -29.70 26.75 -48.37
C ARG A 71 -29.68 27.78 -47.24
N ALA A 72 -30.86 28.28 -46.85
CA ALA A 72 -30.93 29.27 -45.78
C ALA A 72 -30.54 28.68 -44.42
N TYR A 73 -30.91 27.43 -44.24
CA TYR A 73 -30.62 26.69 -43.02
C TYR A 73 -29.12 26.58 -42.78
N PHE A 74 -28.38 26.10 -43.76
CA PHE A 74 -26.93 25.99 -43.64
C PHE A 74 -26.30 27.33 -43.26
N ILE A 75 -26.67 28.39 -43.96
CA ILE A 75 -26.16 29.73 -43.66
C ILE A 75 -26.48 30.15 -42.22
N GLY A 76 -27.73 29.94 -41.80
CA GLY A 76 -28.16 30.28 -40.43
C GLY A 76 -27.54 29.40 -39.35
N PHE A 77 -27.62 28.09 -39.54
CA PHE A 77 -26.98 27.11 -38.67
C PHE A 77 -25.55 27.51 -38.37
N THR A 78 -24.76 27.74 -39.41
CA THR A 78 -23.36 28.13 -39.25
C THR A 78 -23.24 29.38 -38.37
N ARG A 79 -23.98 30.42 -38.71
CA ARG A 79 -23.87 31.67 -38.00
C ARG A 79 -24.21 31.46 -36.52
N GLU A 80 -25.32 30.77 -36.26
CA GLU A 80 -25.77 30.53 -34.88
C GLU A 80 -24.75 29.78 -34.04
N VAL A 81 -24.20 28.68 -34.59
CA VAL A 81 -23.19 27.93 -33.84
C VAL A 81 -21.97 28.84 -33.52
N GLN A 82 -21.41 29.47 -34.55
CA GLN A 82 -20.30 30.40 -34.37
C GLN A 82 -20.52 31.39 -33.22
N ASP A 83 -21.70 31.99 -33.17
CA ASP A 83 -22.06 32.98 -32.13
C ASP A 83 -22.20 32.40 -30.73
N ARG A 84 -22.55 31.13 -30.66
CA ARG A 84 -22.84 30.50 -29.38
C ARG A 84 -21.76 29.55 -28.92
N VAL A 85 -20.58 29.65 -29.55
CA VAL A 85 -19.42 28.83 -29.16
C VAL A 85 -19.09 28.94 -27.65
N ASN A 86 -19.05 30.17 -27.13
CA ASN A 86 -18.77 30.37 -25.70
C ASN A 86 -19.91 29.91 -24.79
N GLU A 87 -21.13 30.33 -25.11
CA GLU A 87 -22.33 29.94 -24.36
C GLU A 87 -22.44 28.42 -24.15
N PHE A 88 -22.16 27.65 -25.20
CA PHE A 88 -22.22 26.18 -25.11
C PHE A 88 -20.85 25.55 -24.82
N GLN A 89 -19.89 26.39 -24.43
CA GLN A 89 -18.51 25.97 -24.15
C GLN A 89 -18.02 24.89 -25.10
N LEU A 90 -18.09 25.21 -26.39
CA LEU A 90 -17.57 24.37 -27.43
C LEU A 90 -16.14 24.82 -27.68
N GLU A 91 -15.26 23.85 -27.92
CA GLU A 91 -13.87 24.19 -28.24
C GLU A 91 -13.52 23.66 -29.64
N TYR A 92 -12.79 24.49 -30.38
CA TYR A 92 -12.38 24.15 -31.72
C TYR A 92 -11.28 23.11 -31.65
N PRO A 93 -11.20 22.18 -32.61
CA PRO A 93 -12.13 21.96 -33.73
C PRO A 93 -13.33 21.12 -33.28
N PHE A 94 -14.48 21.27 -33.93
CA PHE A 94 -15.64 20.46 -33.56
C PHE A 94 -16.58 20.11 -34.70
N VAL A 95 -17.15 18.91 -34.64
CA VAL A 95 -17.97 18.39 -35.69
C VAL A 95 -19.39 18.19 -35.16
N ILE A 96 -20.36 18.73 -35.91
CA ILE A 96 -21.76 18.45 -35.71
C ILE A 96 -22.32 17.63 -36.88
N GLN A 97 -23.07 16.58 -36.55
CA GLN A 97 -23.66 15.69 -37.53
C GLN A 97 -25.16 15.67 -37.28
N VAL A 98 -25.95 15.62 -38.35
CA VAL A 98 -27.41 15.63 -38.23
C VAL A 98 -28.00 14.69 -39.28
N THR A 99 -28.95 13.85 -38.87
CA THR A 99 -29.81 13.17 -39.87
C THR A 99 -31.25 13.59 -39.57
N ALA A 100 -32.06 13.72 -40.61
CA ALA A 100 -33.46 14.07 -40.47
C ALA A 100 -34.20 13.31 -41.55
N GLY A 101 -35.25 12.61 -41.19
CA GLY A 101 -36.05 11.93 -42.22
C GLY A 101 -37.01 10.98 -41.58
N CYS A 102 -37.50 10.03 -42.37
CA CYS A 102 -38.63 9.21 -41.97
C CYS A 102 -38.51 7.79 -42.49
N GLU A 103 -39.33 6.89 -41.98
CA GLU A 103 -39.10 5.47 -42.17
C GLU A 103 -40.43 4.70 -42.14
N LEU A 104 -40.58 3.81 -43.10
CA LEU A 104 -41.70 2.85 -43.14
C LEU A 104 -41.60 1.83 -42.02
N HIS A 105 -42.76 1.46 -41.46
CA HIS A 105 -42.87 0.32 -40.56
C HIS A 105 -44.10 -0.46 -40.98
N SER A 106 -43.95 -1.76 -41.21
CA SER A 106 -45.04 -2.58 -41.74
C SER A 106 -46.41 -2.27 -41.09
N GLY A 107 -47.29 -1.67 -41.89
CA GLY A 107 -48.64 -1.27 -41.49
C GLY A 107 -49.24 -0.26 -42.47
N ALA A 109 -47.55 2.82 -39.67
CA ALA A 109 -47.54 4.30 -39.70
C ALA A 109 -46.13 4.84 -39.71
N ILE A 110 -45.79 5.61 -40.75
CA ILE A 110 -44.48 6.22 -40.92
C ILE A 110 -43.96 7.00 -39.71
N GLU A 111 -42.72 6.71 -39.32
CA GLU A 111 -42.06 7.34 -38.17
C GLU A 111 -41.06 8.39 -38.63
N SER A 112 -40.98 9.51 -37.94
CA SER A 112 -40.06 10.61 -38.28
C SER A 112 -39.24 11.07 -37.09
N SER A 113 -38.03 11.55 -37.35
CA SER A 113 -37.21 12.19 -36.32
C SER A 113 -36.00 12.88 -36.90
N LEU A 114 -35.45 13.81 -36.13
CA LEU A 114 -34.18 14.41 -36.43
C LEU A 114 -33.22 13.97 -35.32
N ARG A 115 -32.04 13.50 -35.69
CA ARG A 115 -31.05 13.14 -34.68
C ARG A 115 -29.81 13.98 -34.88
N GLY A 116 -29.27 14.50 -33.79
CA GLY A 116 -28.05 15.29 -33.81
C GLY A 116 -26.93 14.72 -32.96
N ALA A 117 -25.71 14.91 -33.44
CA ALA A 117 -24.53 14.45 -32.74
C ALA A 117 -23.49 15.53 -32.63
N LEU A 118 -22.73 15.50 -31.54
CA LEU A 118 -21.62 16.40 -31.32
C LEU A 118 -20.41 15.58 -30.89
N GLY A 119 -19.25 15.92 -31.43
CA GLY A 119 -18.02 15.20 -31.13
C GLY A 119 -18.13 13.72 -31.45
N GLY A 120 -19.04 13.37 -32.36
CA GLY A 120 -19.24 11.96 -32.72
C GLY A 120 -20.16 11.17 -31.79
N LEU A 121 -20.85 11.88 -30.88
CA LEU A 121 -21.68 11.24 -29.85
C LEU A 121 -23.12 11.78 -29.88
N ASP A 122 -24.09 10.88 -29.69
CA ASP A 122 -25.51 11.25 -29.55
C ASP A 122 -25.65 12.54 -28.74
N PHE A 123 -26.31 13.54 -29.30
CA PHE A 123 -26.49 14.79 -28.55
C PHE A 123 -27.96 15.08 -28.26
N VAL A 124 -28.80 14.96 -29.29
CA VAL A 124 -30.20 15.25 -29.16
C VAL A 124 -30.98 14.46 -30.18
N SER A 125 -32.26 14.26 -29.91
CA SER A 125 -33.16 13.84 -30.97
C SER A 125 -34.43 14.68 -30.88
N ILE A 126 -35.03 14.96 -32.02
CA ILE A 126 -36.20 15.83 -32.06
C ILE A 126 -37.33 15.10 -32.77
N GLN A 127 -38.44 14.87 -32.06
CA GLN A 127 -39.62 14.10 -32.53
C GLN A 127 -40.91 14.63 -31.90
N ASN A 128 -42.02 14.57 -32.65
CA ASN A 128 -43.37 14.79 -32.10
C ASN A 128 -43.48 16.13 -31.37
N HIS A 129 -43.03 17.17 -32.07
CA HIS A 129 -42.83 18.52 -31.52
C HIS A 129 -42.24 18.50 -30.13
N SER A 130 -41.20 17.69 -29.94
CA SER A 130 -40.46 17.59 -28.69
C SER A 130 -38.97 17.34 -28.92
N CYS A 131 -38.17 18.08 -28.18
CA CYS A 131 -36.73 17.92 -28.14
C CYS A 131 -36.38 17.02 -26.94
N VAL A 132 -35.58 15.98 -27.17
CA VAL A 132 -35.09 15.10 -26.09
C VAL A 132 -33.57 15.03 -26.15
N PRO A 133 -32.87 15.61 -25.17
CA PRO A 133 -31.42 15.49 -25.23
C PRO A 133 -30.95 14.08 -24.86
N ALA A 134 -29.89 13.61 -25.52
CA ALA A 134 -29.36 12.27 -25.25
C ALA A 134 -28.94 12.19 -23.79
N PRO A 135 -29.06 10.99 -23.16
CA PRO A 135 -28.85 10.84 -21.73
C PRO A 135 -27.46 11.28 -21.29
N ASP A 136 -26.50 11.25 -22.22
CA ASP A 136 -25.14 11.65 -21.88
C ASP A 136 -24.85 13.13 -22.12
N SER A 137 -25.74 13.84 -22.84
CA SER A 137 -25.51 15.21 -23.30
C SER A 137 -25.35 16.31 -22.24
N GLY A 138 -25.75 16.02 -20.99
CA GLY A 138 -25.55 16.93 -19.85
C GLY A 138 -26.36 18.22 -19.88
N SER A 139 -25.90 19.22 -19.13
CA SER A 139 -26.53 20.54 -19.11
C SER A 139 -26.58 21.17 -20.51
N ARG A 140 -25.48 21.03 -21.24
CA ARG A 140 -25.37 21.46 -22.65
C ARG A 140 -26.53 20.94 -23.53
N GLY A 141 -26.91 19.68 -23.34
CA GLY A 141 -28.10 19.11 -23.99
C GLY A 141 -29.42 19.76 -23.58
N GLN A 142 -29.64 19.92 -22.27
CA GLN A 142 -30.85 20.55 -21.71
C GLN A 142 -30.96 22.01 -22.15
N LYS A 143 -29.82 22.69 -22.17
CA LYS A 143 -29.68 24.07 -22.68
C LYS A 143 -30.11 24.17 -24.15
N PHE A 144 -29.65 23.23 -24.98
CA PHE A 144 -30.00 23.24 -26.38
C PHE A 144 -31.50 23.08 -26.56
N CYS A 145 -32.09 22.14 -25.84
CA CYS A 145 -33.53 21.88 -25.97
C CYS A 145 -34.34 23.10 -25.53
N ALA A 146 -33.94 23.70 -24.42
CA ALA A 146 -34.49 24.99 -23.95
C ALA A 146 -34.44 26.06 -25.04
N LEU A 147 -33.29 26.16 -25.72
CA LEU A 147 -33.08 27.04 -26.85
C LEU A 147 -34.05 26.86 -28.01
N THR A 148 -34.37 25.62 -28.37
CA THR A 148 -35.28 25.34 -29.49
C THR A 148 -36.67 25.88 -29.25
N THR A 149 -37.03 26.04 -27.98
CA THR A 149 -38.31 26.63 -27.64
C THR A 149 -38.30 28.15 -27.70
N GLN A 150 -37.11 28.75 -27.82
CA GLN A 150 -36.98 30.18 -28.11
C GLN A 150 -37.04 30.41 -29.63
N TYR A 151 -36.97 29.32 -30.39
CA TYR A 151 -36.89 29.34 -31.86
C TYR A 151 -38.06 28.61 -32.50
N GLN A 152 -39.26 28.94 -32.02
CA GLN A 152 -40.47 28.21 -32.38
C GLN A 152 -40.74 28.16 -33.90
N GLY A 153 -40.40 29.24 -34.60
CA GLY A 153 -40.54 29.30 -36.06
C GLY A 153 -39.69 28.24 -36.72
N ILE A 154 -38.42 28.19 -36.35
CA ILE A 154 -37.53 27.21 -36.93
C ILE A 154 -38.01 25.80 -36.54
N SER A 155 -38.40 25.64 -35.26
CA SER A 155 -38.96 24.36 -34.76
C SER A 155 -40.21 23.91 -35.52
N ASP A 156 -41.09 24.83 -35.84
CA ASP A 156 -42.30 24.49 -36.58
C ASP A 156 -42.00 24.07 -38.03
N ILE A 157 -41.00 24.69 -38.65
CA ILE A 157 -40.62 24.35 -40.02
C ILE A 157 -40.12 22.93 -40.03
N ILE A 158 -39.28 22.62 -39.05
CA ILE A 158 -38.69 21.29 -38.95
C ILE A 158 -39.72 20.19 -38.68
N GLU A 159 -40.70 20.48 -37.82
CA GLU A 159 -41.72 19.50 -37.48
C GLU A 159 -42.64 19.22 -38.68
N ARG A 160 -42.96 20.27 -39.43
CA ARG A 160 -43.68 20.16 -40.69
C ARG A 160 -42.94 19.24 -41.64
N LEU A 161 -41.64 19.45 -41.76
CA LEU A 161 -40.81 18.71 -42.67
C LEU A 161 -40.80 17.25 -42.30
N LEU A 162 -40.77 16.99 -40.98
CA LEU A 162 -40.66 15.65 -40.44
C LEU A 162 -41.97 14.89 -40.55
N SER A 163 -43.07 15.54 -40.19
CA SER A 163 -44.36 14.88 -40.04
C SER A 163 -45.25 14.93 -41.26
N GLU A 164 -45.03 15.92 -42.10
CA GLU A 164 -45.93 16.17 -43.23
C GLU A 164 -45.24 15.95 -44.57
N THR A 165 -44.14 16.66 -44.78
CA THR A 165 -43.43 16.64 -46.05
C THR A 165 -42.74 15.31 -46.28
N CYS A 166 -41.91 14.88 -45.32
CA CYS A 166 -41.17 13.64 -45.45
C CYS A 166 -42.01 12.36 -45.69
N PRO A 167 -43.12 12.16 -44.96
CA PRO A 167 -43.86 10.90 -45.25
C PRO A 167 -44.37 10.82 -46.70
N ARG A 168 -44.76 11.98 -47.21
CA ARG A 168 -45.26 12.20 -48.53
C ARG A 168 -44.12 11.96 -49.52
N TYR A 169 -42.93 12.51 -49.22
CA TYR A 169 -41.81 12.41 -50.12
C TYR A 169 -41.32 10.96 -50.22
N LEU A 170 -41.19 10.31 -49.07
CA LEU A 170 -40.75 8.93 -49.04
C LEU A 170 -41.64 7.96 -49.87
N LEU A 171 -42.95 8.10 -49.70
CA LEU A 171 -43.88 7.25 -50.43
C LEU A 171 -43.83 7.54 -51.94
N GLY A 172 -43.76 8.81 -52.29
CA GLY A 172 -43.62 9.25 -53.67
C GLY A 172 -42.34 8.75 -54.32
N VAL A 173 -41.22 8.78 -53.60
CA VAL A 173 -39.96 8.44 -54.21
C VAL A 173 -39.75 6.91 -54.31
N LEU A 174 -40.21 6.15 -53.33
CA LEU A 174 -40.20 4.70 -53.47
C LEU A 174 -41.01 4.23 -54.67
N ASP A 175 -42.11 4.92 -54.96
CA ASP A 175 -42.91 4.61 -56.14
C ASP A 175 -42.19 5.04 -57.42
N ALA A 176 -41.61 6.24 -57.42
CA ALA A 176 -40.96 6.79 -58.60
C ALA A 176 -39.74 5.95 -59.04
N GLY A 177 -38.96 5.49 -58.05
CA GLY A 177 -37.74 4.71 -58.29
C GLY A 177 -37.95 3.22 -58.10
N LYS A 178 -39.21 2.81 -58.05
CA LYS A 178 -39.58 1.42 -57.76
C LYS A 178 -38.83 0.36 -58.62
N ALA A 179 -38.87 0.53 -59.94
CA ALA A 179 -38.20 -0.39 -60.86
C ALA A 179 -36.72 -0.61 -60.47
N GLU A 180 -36.00 0.49 -60.27
CA GLU A 180 -34.61 0.42 -59.87
C GLU A 180 -34.39 -0.06 -58.41
N LEU A 181 -35.24 0.41 -57.49
CA LEU A 181 -35.09 0.09 -56.08
C LEU A 181 -35.43 -1.34 -55.76
N GLN A 182 -36.22 -1.99 -56.63
CA GLN A 182 -36.63 -3.38 -56.40
C GLN A 182 -36.11 -4.35 -57.44
N ARG A 183 -35.19 -3.89 -58.28
CA ARG A 183 -34.51 -4.75 -59.23
C ARG A 183 -33.76 -5.82 -58.47
N GLN A 184 -33.55 -6.95 -59.12
CA GLN A 184 -32.83 -8.04 -58.57
C GLN A 184 -31.58 -8.19 -59.43
N VAL A 185 -30.42 -8.11 -58.80
CA VAL A 185 -29.14 -8.29 -59.47
C VAL A 185 -28.41 -9.47 -58.85
N LYS A 186 -28.05 -10.43 -59.67
CA LYS A 186 -27.37 -11.64 -59.19
C LYS A 186 -25.90 -11.41 -58.80
N PRO A 187 -25.48 -11.98 -57.67
CA PRO A 187 -24.08 -11.81 -57.28
C PRO A 187 -23.13 -12.57 -58.21
N GLU A 188 -21.94 -12.03 -58.40
CA GLU A 188 -20.80 -12.82 -58.84
C GLU A 188 -20.09 -13.35 -57.60
N ALA A 189 -19.64 -14.59 -57.65
CA ALA A 189 -19.00 -15.21 -56.50
C ALA A 189 -17.69 -15.83 -56.93
N TRP A 190 -16.71 -15.82 -56.03
CA TRP A 190 -15.46 -16.54 -56.27
C TRP A 190 -14.71 -16.89 -54.99
N LEU A 191 -13.83 -17.88 -55.07
CA LEU A 191 -13.07 -18.33 -53.92
C LEU A 191 -11.63 -17.99 -54.08
N SER A 192 -10.96 -17.68 -52.98
CA SER A 192 -9.49 -17.60 -52.99
C SER A 192 -8.97 -18.13 -51.68
N SER A 193 -7.65 -18.26 -51.58
CA SER A 193 -7.01 -18.59 -50.31
C SER A 193 -6.18 -17.40 -49.84
N GLY A 194 -6.46 -16.91 -48.64
CA GLY A 194 -5.87 -15.68 -48.15
C GLY A 194 -4.52 -15.86 -47.49
N PRO A 195 -3.95 -14.78 -46.93
CA PRO A 195 -2.64 -14.91 -46.29
C PRO A 195 -2.66 -16.07 -45.29
N THR A 196 -1.64 -16.92 -45.36
CA THR A 196 -1.49 -18.06 -44.48
C THR A 196 -1.57 -17.60 -42.98
N PRO A 197 -2.55 -18.13 -42.22
CA PRO A 197 -2.73 -17.65 -40.84
C PRO A 197 -1.88 -18.39 -39.80
N GLY A 198 -1.50 -19.63 -40.12
CA GLY A 198 -0.59 -20.40 -39.29
C GLY A 198 -0.21 -21.74 -39.90
N PRO A 199 0.71 -22.48 -39.26
CA PRO A 199 1.17 -23.75 -39.83
C PRO A 199 0.04 -24.74 -40.13
N GLY A 200 -0.08 -25.13 -41.40
CA GLY A 200 -0.98 -26.20 -41.82
C GLY A 200 -2.45 -25.81 -41.93
N ARG A 201 -2.70 -24.50 -41.94
CA ARG A 201 -4.05 -24.01 -41.96
C ARG A 201 -4.23 -23.17 -43.21
N LEU A 202 -5.42 -23.15 -43.78
CA LEU A 202 -5.71 -22.27 -44.90
C LEU A 202 -6.76 -21.26 -44.48
N LEU A 203 -6.65 -20.06 -45.03
CA LEU A 203 -7.72 -19.09 -44.99
C LEU A 203 -8.54 -19.21 -46.28
N LEU A 204 -9.70 -19.86 -46.21
CA LEU A 204 -10.53 -19.99 -47.40
C LEU A 204 -11.48 -18.81 -47.43
N VAL A 205 -11.46 -18.06 -48.54
CA VAL A 205 -12.27 -16.85 -48.63
C VAL A 205 -13.29 -17.01 -49.73
N CYS A 206 -14.56 -16.81 -49.38
CA CYS A 206 -15.62 -16.73 -50.39
C CYS A 206 -15.99 -15.25 -50.61
N HIS A 207 -15.84 -14.80 -51.86
CA HIS A 207 -16.11 -13.42 -52.23
C HIS A 207 -17.44 -13.39 -52.95
N VAL A 208 -18.28 -12.44 -52.57
CA VAL A 208 -19.59 -12.30 -53.19
C VAL A 208 -19.77 -10.83 -53.56
N SER A 209 -19.97 -10.55 -54.84
CA SER A 209 -19.98 -9.15 -55.23
C SER A 209 -21.05 -8.85 -56.26
N GLY A 210 -21.62 -7.65 -56.18
CA GLY A 210 -22.42 -7.15 -57.27
C GLY A 210 -23.87 -7.50 -57.10
N PHE A 211 -24.26 -7.92 -55.91
CA PHE A 211 -25.65 -8.32 -55.68
C PHE A 211 -26.50 -7.11 -55.28
N TYR A 212 -27.77 -7.17 -55.58
CA TYR A 212 -28.72 -6.13 -55.15
C TYR A 212 -30.08 -6.78 -55.18
N PRO A 213 -30.89 -6.56 -54.13
CA PRO A 213 -30.68 -5.77 -52.92
C PRO A 213 -29.66 -6.37 -51.91
N LYS A 214 -29.55 -5.69 -50.77
CA LYS A 214 -28.55 -5.93 -49.74
C LYS A 214 -28.60 -7.25 -48.95
N PRO A 215 -29.79 -7.71 -48.54
CA PRO A 215 -29.82 -8.95 -47.75
C PRO A 215 -29.24 -10.11 -48.54
N VAL A 216 -28.40 -10.89 -47.87
CA VAL A 216 -27.69 -11.98 -48.50
C VAL A 216 -27.30 -12.95 -47.36
N ARG A 217 -27.11 -14.22 -47.69
CA ARG A 217 -26.62 -15.18 -46.70
C ARG A 217 -25.59 -16.09 -47.37
N VAL A 218 -24.37 -15.99 -46.87
CA VAL A 218 -23.24 -16.72 -47.40
C VAL A 218 -22.66 -17.57 -46.30
N MET A 219 -22.38 -18.85 -46.59
CA MET A 219 -21.99 -19.80 -45.57
C MET A 219 -21.06 -20.90 -46.09
N TRP A 220 -20.00 -21.20 -45.33
CA TRP A 220 -19.17 -22.36 -45.64
C TRP A 220 -19.88 -23.64 -45.20
N MET A 221 -19.86 -24.64 -46.08
CA MET A 221 -20.55 -25.92 -45.85
C MET A 221 -19.59 -27.07 -46.08
N ARG A 222 -19.85 -28.17 -45.39
CA ARG A 222 -19.33 -29.45 -45.82
C ARG A 222 -20.54 -30.34 -46.05
N GLY A 223 -20.80 -30.67 -47.32
CA GLY A 223 -22.08 -31.20 -47.71
C GLY A 223 -23.23 -30.31 -47.24
N GLU A 224 -23.88 -30.75 -46.17
CA GLU A 224 -25.08 -30.12 -45.61
C GLU A 224 -24.83 -29.35 -44.29
N GLN A 225 -23.78 -29.73 -43.56
CA GLN A 225 -23.43 -29.12 -42.27
C GLN A 225 -22.80 -27.72 -42.44
N GLU A 226 -23.44 -26.70 -41.89
CA GLU A 226 -22.83 -25.36 -41.80
C GLU A 226 -21.57 -25.39 -40.95
N GLN A 227 -20.51 -24.77 -41.43
CA GLN A 227 -19.25 -24.71 -40.70
C GLN A 227 -19.26 -23.60 -39.63
N PRO A 228 -19.12 -23.98 -38.35
CA PRO A 228 -19.20 -23.03 -37.24
C PRO A 228 -18.04 -22.02 -37.19
N GLY A 229 -16.93 -22.31 -37.87
CA GLY A 229 -15.84 -21.32 -37.98
C GLY A 229 -16.07 -20.16 -38.95
N THR A 230 -17.23 -20.15 -39.63
CA THR A 230 -17.49 -19.17 -40.68
C THR A 230 -17.45 -17.72 -40.17
N GLN A 231 -16.63 -16.88 -40.77
CA GLN A 231 -16.46 -15.49 -40.35
C GLN A 231 -17.22 -14.62 -41.33
N GLN A 232 -18.27 -13.95 -40.85
CA GLN A 232 -19.07 -13.06 -41.68
C GLN A 232 -18.37 -11.72 -41.77
N GLY A 233 -17.82 -11.37 -42.93
CA GLY A 233 -17.32 -10.01 -43.13
C GLY A 233 -18.47 -9.01 -43.14
N ASP A 234 -18.14 -7.73 -43.03
CA ASP A 234 -19.11 -6.67 -43.21
C ASP A 234 -19.43 -6.42 -44.69
N LEU A 235 -20.70 -6.13 -44.94
CA LEU A 235 -21.16 -5.64 -46.21
C LEU A 235 -20.42 -4.36 -46.61
N MET A 236 -19.83 -4.34 -47.78
CA MET A 236 -19.09 -3.18 -48.18
C MET A 236 -19.62 -2.73 -49.51
N PRO A 237 -19.67 -1.42 -49.75
CA PRO A 237 -20.30 -0.97 -50.97
C PRO A 237 -19.41 -1.08 -52.21
N ASN A 238 -20.02 -1.33 -53.36
CA ASN A 238 -19.36 -1.07 -54.66
C ASN A 238 -19.79 0.32 -55.15
N ALA A 239 -19.24 0.82 -56.26
CA ALA A 239 -19.66 2.14 -56.76
C ALA A 239 -21.01 2.17 -57.55
N ASP A 240 -21.61 1.00 -57.79
CA ASP A 240 -22.78 0.90 -58.67
C ASP A 240 -24.06 0.37 -57.96
N TRP A 241 -24.31 0.80 -56.73
CA TRP A 241 -25.48 0.31 -55.98
C TRP A 241 -25.59 -1.22 -55.91
N THR A 242 -24.46 -1.87 -55.68
CA THR A 242 -24.44 -3.27 -55.30
C THR A 242 -23.48 -3.39 -54.13
N TRP A 243 -23.35 -4.58 -53.55
CA TRP A 243 -22.44 -4.72 -52.42
C TRP A 243 -21.43 -5.86 -52.62
N TYR A 244 -20.38 -5.80 -51.81
CA TYR A 244 -19.35 -6.80 -51.83
C TYR A 244 -19.27 -7.41 -50.44
N LEU A 245 -19.09 -8.74 -50.36
CA LEU A 245 -18.92 -9.39 -49.06
C LEU A 245 -17.84 -10.47 -49.13
N ARG A 246 -16.98 -10.53 -48.12
CA ARG A 246 -16.04 -11.63 -47.86
C ARG A 246 -16.49 -12.54 -46.70
N VAL A 247 -16.65 -13.83 -46.97
CA VAL A 247 -16.88 -14.82 -45.93
C VAL A 247 -15.70 -15.83 -45.87
N THR A 248 -15.09 -15.90 -44.70
CA THR A 248 -13.77 -16.54 -44.52
C THR A 248 -13.90 -17.80 -43.66
N LEU A 249 -13.06 -18.80 -43.93
CA LEU A 249 -12.96 -19.97 -43.10
C LEU A 249 -11.48 -20.37 -42.85
N ASN A 250 -11.11 -20.36 -41.57
CA ASN A 250 -9.79 -20.80 -41.11
C ASN A 250 -9.85 -22.31 -40.83
N VAL A 251 -9.23 -23.09 -41.70
CA VAL A 251 -9.40 -24.54 -41.66
C VAL A 251 -8.06 -25.30 -41.82
N ALA A 252 -7.96 -26.51 -41.27
CA ALA A 252 -6.77 -27.35 -41.49
C ALA A 252 -6.61 -27.72 -42.97
N ALA A 253 -5.37 -27.77 -43.44
CA ALA A 253 -5.10 -27.99 -44.86
C ALA A 253 -5.68 -29.33 -45.34
N GLY A 254 -5.42 -30.40 -44.57
CA GLY A 254 -5.94 -31.73 -44.89
C GLY A 254 -7.44 -31.93 -44.63
N GLU A 255 -8.19 -30.82 -44.61
CA GLU A 255 -9.64 -30.85 -44.35
C GLU A 255 -10.42 -29.91 -45.25
N ALA A 256 -9.69 -29.17 -46.08
CA ALA A 256 -10.29 -28.23 -47.03
C ALA A 256 -11.09 -28.91 -48.15
N ALA A 257 -10.77 -30.18 -48.43
CA ALA A 257 -11.45 -30.98 -49.44
C ALA A 257 -12.89 -31.29 -49.05
N GLY A 258 -13.81 -31.09 -49.97
CA GLY A 258 -15.22 -31.31 -49.69
C GLY A 258 -15.94 -30.09 -49.14
N LEU A 259 -15.22 -28.98 -48.93
CA LEU A 259 -15.89 -27.75 -48.49
C LEU A 259 -16.48 -26.96 -49.66
N ASN A 260 -17.60 -26.30 -49.40
CA ASN A 260 -18.15 -25.41 -50.39
C ASN A 260 -18.75 -24.19 -49.77
N CYS A 261 -18.78 -23.11 -50.55
CA CYS A 261 -19.39 -21.90 -50.14
C CYS A 261 -20.79 -21.88 -50.74
N ARG A 262 -21.82 -21.64 -49.93
CA ARG A 262 -23.20 -21.58 -50.41
C ARG A 262 -23.71 -20.14 -50.36
N VAL A 263 -24.12 -19.61 -51.51
CA VAL A 263 -24.62 -18.24 -51.57
C VAL A 263 -26.12 -18.24 -51.80
N LYS A 264 -26.88 -17.71 -50.84
CA LYS A 264 -28.32 -17.51 -50.99
C LYS A 264 -28.60 -16.03 -51.23
N HIS A 265 -29.45 -15.73 -52.21
CA HIS A 265 -29.86 -14.35 -52.46
C HIS A 265 -31.20 -14.31 -53.18
N SER A 266 -31.96 -13.25 -52.95
CA SER A 266 -33.32 -13.13 -53.45
C SER A 266 -33.36 -13.22 -54.96
N SER A 267 -32.28 -12.79 -55.63
CA SER A 267 -32.21 -12.78 -57.10
C SER A 267 -32.11 -14.19 -57.67
N LEU A 268 -31.84 -15.16 -56.80
CA LEU A 268 -31.56 -16.53 -57.21
C LEU A 268 -32.72 -17.44 -56.93
N GLY A 269 -33.77 -16.88 -56.33
CA GLY A 269 -34.94 -17.69 -55.96
C GLY A 269 -34.44 -18.73 -54.97
N ASP A 270 -34.97 -19.94 -55.08
CA ASP A 270 -34.55 -21.03 -54.19
C ASP A 270 -33.22 -21.71 -54.57
N GLN A 271 -32.62 -21.37 -55.71
CA GLN A 271 -31.40 -22.05 -56.12
C GLN A 271 -30.15 -21.30 -55.73
N ASP A 272 -29.52 -21.74 -54.65
CA ASP A 272 -28.30 -21.12 -54.19
C ASP A 272 -27.17 -21.37 -55.18
N ILE A 273 -26.28 -20.40 -55.33
CA ILE A 273 -24.99 -20.62 -55.96
C ILE A 273 -24.02 -21.39 -55.03
N ILE A 274 -23.33 -22.39 -55.56
CA ILE A 274 -22.37 -23.17 -54.78
C ILE A 274 -21.01 -23.10 -55.43
N LEU A 275 -19.96 -22.99 -54.61
CA LEU A 275 -18.56 -22.94 -55.07
C LEU A 275 -17.73 -23.95 -54.30
N TYR A 276 -17.11 -24.87 -55.02
CA TYR A 276 -16.28 -25.88 -54.39
C TYR A 276 -14.81 -25.49 -54.29
N TRP A 277 -14.22 -25.79 -53.14
CA TRP A 277 -12.81 -25.64 -52.98
C TRP A 277 -12.11 -26.90 -53.46
N HIS A 278 -11.04 -26.69 -54.22
CA HIS A 278 -10.09 -27.75 -54.53
C HIS A 278 -8.75 -27.11 -54.88
N ILE B 1 -14.91 12.65 -29.69
CA ILE B 1 -14.10 11.40 -29.61
C ILE B 1 -13.43 11.11 -30.96
N GLN B 2 -12.18 10.65 -30.89
CA GLN B 2 -11.41 10.28 -32.07
C GLN B 2 -11.41 8.77 -32.29
N ARG B 3 -11.64 8.35 -33.54
CA ARG B 3 -11.60 6.94 -33.94
C ARG B 3 -10.74 6.75 -35.19
N PRO B 4 -9.84 5.74 -35.17
CA PRO B 4 -9.00 5.44 -36.33
C PRO B 4 -9.82 4.84 -37.48
N PRO B 5 -9.43 5.14 -38.74
CA PRO B 5 -10.08 4.59 -39.92
C PRO B 5 -9.82 3.12 -40.08
N LYS B 6 -10.84 2.39 -40.51
CA LYS B 6 -10.63 1.01 -40.93
C LYS B 6 -10.62 1.02 -42.46
N ILE B 7 -9.80 0.16 -43.05
CA ILE B 7 -9.54 0.15 -44.48
C ILE B 7 -9.72 -1.26 -45.07
N GLN B 8 -10.53 -1.40 -46.09
CA GLN B 8 -10.57 -2.65 -46.86
C GLN B 8 -10.39 -2.33 -48.32
N VAL B 9 -9.74 -3.25 -49.04
CA VAL B 9 -9.43 -3.12 -50.46
C VAL B 9 -9.92 -4.39 -51.17
N TYR B 10 -10.58 -4.21 -52.31
CA TYR B 10 -11.23 -5.31 -53.01
C TYR B 10 -11.58 -4.88 -54.43
N SER B 11 -11.72 -5.86 -55.30
CA SER B 11 -12.10 -5.63 -56.68
C SER B 11 -13.59 -5.88 -56.90
N ARG B 12 -14.17 -5.12 -57.82
CA ARG B 12 -15.57 -5.17 -58.10
C ARG B 12 -15.99 -6.53 -58.66
N HIS B 13 -15.18 -7.07 -59.55
CA HIS B 13 -15.42 -8.33 -60.24
C HIS B 13 -14.29 -9.34 -59.90
N PRO B 14 -14.56 -10.67 -60.09
CA PRO B 14 -13.49 -11.66 -59.91
C PRO B 14 -12.25 -11.21 -60.67
N PRO B 15 -11.10 -11.09 -59.98
CA PRO B 15 -9.89 -10.71 -60.72
C PRO B 15 -9.49 -11.75 -61.78
N GLU B 16 -9.11 -11.27 -62.95
CA GLU B 16 -8.57 -12.13 -64.00
C GLU B 16 -7.47 -11.32 -64.69
N ASP B 17 -6.27 -11.89 -64.78
CA ASP B 17 -5.15 -11.18 -65.39
C ASP B 17 -5.49 -10.60 -66.75
N GLY B 18 -5.17 -9.33 -66.94
CA GLY B 18 -5.35 -8.67 -68.22
C GLY B 18 -6.77 -8.23 -68.50
N LYS B 19 -7.66 -8.37 -67.52
CA LYS B 19 -9.08 -8.06 -67.71
C LYS B 19 -9.47 -6.82 -66.89
N PRO B 20 -9.95 -5.74 -67.57
CA PRO B 20 -10.36 -4.48 -66.94
C PRO B 20 -11.41 -4.69 -65.86
N ASN B 21 -11.32 -3.89 -64.80
CA ASN B 21 -11.95 -4.16 -63.52
C ASN B 21 -11.95 -2.85 -62.69
N TYR B 22 -12.46 -2.89 -61.47
CA TYR B 22 -12.43 -1.75 -60.58
C TYR B 22 -11.88 -2.18 -59.24
N LEU B 23 -11.12 -1.27 -58.65
CA LEU B 23 -10.49 -1.49 -57.38
C LEU B 23 -11.18 -0.54 -56.45
N ASN B 24 -11.65 -1.09 -55.34
CA ASN B 24 -12.39 -0.35 -54.34
C ASN B 24 -11.56 -0.27 -53.07
N CYS B 25 -11.49 0.92 -52.48
CA CYS B 25 -10.94 1.12 -51.13
C CYS B 25 -12.01 1.77 -50.22
N TYR B 26 -12.46 0.99 -49.23
CA TYR B 26 -13.52 1.41 -48.30
C TYR B 26 -12.92 1.76 -46.95
N VAL B 27 -13.10 3.01 -46.57
CA VAL B 27 -12.51 3.52 -45.38
C VAL B 27 -13.62 4.04 -44.48
N TYR B 28 -13.71 3.48 -43.27
CA TYR B 28 -14.87 3.67 -42.39
C TYR B 28 -14.50 3.60 -40.90
N GLY B 29 -15.47 3.93 -40.05
CA GLY B 29 -15.32 3.87 -38.59
C GLY B 29 -14.49 5.00 -38.01
N PHE B 30 -14.24 6.04 -38.81
CA PHE B 30 -13.28 7.06 -38.36
C PHE B 30 -13.95 8.34 -37.91
N HIS B 31 -13.21 9.11 -37.13
CA HIS B 31 -13.62 10.41 -36.62
C HIS B 31 -12.37 11.13 -36.15
N PRO B 32 -12.19 12.43 -36.53
CA PRO B 32 -13.05 13.33 -37.31
C PRO B 32 -13.01 13.06 -38.83
N PRO B 33 -13.83 13.79 -39.63
CA PRO B 33 -14.04 13.44 -41.04
C PRO B 33 -12.93 13.79 -42.03
N GLN B 34 -12.00 14.64 -41.64
CA GLN B 34 -10.89 15.05 -42.52
C GLN B 34 -10.05 13.84 -42.81
N ILE B 35 -9.85 13.56 -44.09
CA ILE B 35 -9.09 12.38 -44.43
C ILE B 35 -8.55 12.43 -45.85
N GLU B 36 -7.47 11.72 -46.08
CA GLU B 36 -6.84 11.67 -47.38
C GLU B 36 -6.70 10.22 -47.77
N ILE B 37 -7.41 9.86 -48.84
CA ILE B 37 -7.44 8.51 -49.41
C ILE B 37 -6.98 8.51 -50.87
N ASP B 38 -5.96 7.71 -51.14
CA ASP B 38 -5.39 7.57 -52.47
C ASP B 38 -5.19 6.09 -52.74
N LEU B 39 -5.67 5.65 -53.90
CA LEU B 39 -5.34 4.31 -54.40
C LEU B 39 -3.97 4.37 -55.09
N LEU B 40 -3.22 3.28 -55.03
CA LEU B 40 -1.86 3.31 -55.57
C LEU B 40 -1.58 2.16 -56.53
N LYS B 41 -0.73 2.44 -57.53
CA LYS B 41 -0.23 1.42 -58.44
C LYS B 41 1.28 1.35 -58.25
N ASN B 42 1.76 0.22 -57.72
CA ASN B 42 3.19 0.05 -57.38
C ASN B 42 3.71 1.19 -56.50
N GLY B 43 2.88 1.59 -55.52
CA GLY B 43 3.22 2.67 -54.57
C GLY B 43 3.07 4.08 -55.12
N GLU B 44 2.45 4.21 -56.30
CA GLU B 44 2.23 5.52 -56.93
C GLU B 44 0.75 5.78 -57.21
N LYS B 45 0.35 7.05 -57.14
CA LYS B 45 -1.06 7.44 -57.20
C LYS B 45 -1.68 7.34 -58.60
N ILE B 46 -2.77 6.59 -58.70
CA ILE B 46 -3.64 6.60 -59.89
C ILE B 46 -4.90 7.44 -59.63
N LYS B 47 -5.52 7.93 -60.70
CA LYS B 47 -6.77 8.68 -60.61
C LYS B 47 -7.89 7.80 -60.08
N SER B 48 -8.54 8.27 -59.03
CA SER B 48 -9.70 7.61 -58.47
C SER B 48 -10.83 8.61 -58.28
N GLU B 49 -12.03 8.07 -58.08
CA GLU B 49 -13.20 8.84 -57.72
C GLU B 49 -13.60 8.49 -56.30
N GLN B 50 -14.02 9.50 -55.54
CA GLN B 50 -14.34 9.34 -54.13
C GLN B 50 -15.83 9.68 -53.90
N SER B 51 -16.57 8.80 -53.21
CA SER B 51 -17.99 9.04 -52.89
C SER B 51 -18.12 10.31 -52.03
N ASP B 52 -19.34 10.86 -51.95
CA ASP B 52 -19.59 11.94 -51.00
C ASP B 52 -19.44 11.44 -49.54
N LEU B 53 -19.02 12.31 -48.64
CA LEU B 53 -18.85 11.87 -47.26
C LEU B 53 -20.20 11.45 -46.66
N SER B 54 -20.18 10.34 -45.92
CA SER B 54 -21.37 9.91 -45.22
C SER B 54 -21.00 9.33 -43.84
N PHE B 55 -22.00 8.84 -43.11
CA PHE B 55 -21.76 8.26 -41.79
C PHE B 55 -22.78 7.20 -41.44
N SER B 56 -22.38 6.30 -40.54
CA SER B 56 -23.22 5.19 -40.12
C SER B 56 -24.09 5.61 -38.95
N LYS B 57 -24.95 4.70 -38.52
CA LYS B 57 -25.89 4.94 -37.41
C LYS B 57 -25.19 5.34 -36.12
N ASP B 58 -23.94 4.94 -35.95
CA ASP B 58 -23.21 5.30 -34.73
C ASP B 58 -22.40 6.61 -34.93
N TRP B 59 -22.62 7.27 -36.05
CA TRP B 59 -21.99 8.57 -36.35
C TRP B 59 -20.57 8.49 -36.92
N SER B 60 -20.02 7.30 -37.04
CA SER B 60 -18.70 7.18 -37.64
C SER B 60 -18.78 7.31 -39.17
N PHE B 61 -17.75 7.94 -39.72
CA PHE B 61 -17.73 8.29 -41.13
C PHE B 61 -17.29 7.14 -42.00
N TYR B 62 -17.71 7.18 -43.28
CA TYR B 62 -17.17 6.29 -44.27
C TYR B 62 -17.09 6.92 -45.66
N LEU B 63 -16.12 6.43 -46.44
CA LEU B 63 -15.91 6.83 -47.82
C LEU B 63 -15.54 5.63 -48.71
N LEU B 64 -15.95 5.67 -49.97
CA LEU B 64 -15.57 4.63 -50.90
C LEU B 64 -14.79 5.28 -51.99
N SER B 65 -13.60 4.78 -52.19
CA SER B 65 -12.70 5.28 -53.19
C SER B 65 -12.61 4.19 -54.24
N HIS B 66 -12.69 4.55 -55.52
CA HIS B 66 -12.63 3.53 -56.56
C HIS B 66 -12.04 4.00 -57.90
N ALA B 67 -11.41 3.08 -58.61
CA ALA B 67 -10.69 3.40 -59.85
C ALA B 67 -10.68 2.21 -60.79
N GLU B 68 -10.51 2.48 -62.08
CA GLU B 68 -10.34 1.42 -63.06
C GLU B 68 -8.93 0.88 -62.94
N PHE B 69 -8.81 -0.44 -62.97
CA PHE B 69 -7.48 -1.08 -63.03
C PHE B 69 -7.56 -2.36 -63.86
N THR B 70 -6.40 -2.77 -64.38
CA THR B 70 -6.29 -4.04 -65.05
C THR B 70 -5.25 -4.85 -64.30
N PRO B 71 -5.69 -5.86 -63.53
CA PRO B 71 -4.73 -6.64 -62.75
C PRO B 71 -3.84 -7.53 -63.60
N ASN B 72 -2.61 -7.78 -63.15
CA ASN B 72 -1.72 -8.76 -63.76
C ASN B 72 -0.69 -9.24 -62.75
N SER B 73 -0.14 -10.42 -62.97
CA SER B 73 0.83 -11.03 -62.04
C SER B 73 1.99 -10.12 -61.61
N LYS B 74 2.23 -9.04 -62.33
CA LYS B 74 3.38 -8.17 -62.07
C LYS B 74 3.09 -6.98 -61.16
N ASP B 75 2.01 -6.26 -61.43
CA ASP B 75 1.71 -5.01 -60.74
C ASP B 75 1.12 -5.19 -59.35
N GLN B 76 1.56 -4.38 -58.40
CA GLN B 76 0.96 -4.34 -57.06
C GLN B 76 0.08 -3.10 -56.94
N TYR B 77 -1.04 -3.25 -56.22
CA TYR B 77 -1.98 -2.16 -56.01
C TYR B 77 -2.24 -2.01 -54.52
N SER B 78 -2.36 -0.77 -54.06
CA SER B 78 -2.67 -0.54 -52.66
C SER B 78 -3.56 0.69 -52.46
N CYS B 79 -3.97 0.89 -51.21
CA CYS B 79 -4.72 2.07 -50.76
C CYS B 79 -3.99 2.71 -49.60
N ARG B 80 -3.78 4.03 -49.70
CA ARG B 80 -3.01 4.78 -48.73
C ARG B 80 -3.89 5.83 -48.06
N VAL B 81 -3.87 5.85 -46.72
CA VAL B 81 -4.77 6.68 -45.94
C VAL B 81 -4.05 7.55 -44.91
N LYS B 82 -4.25 8.87 -45.04
CA LYS B 82 -3.72 9.84 -44.09
C LYS B 82 -4.83 10.35 -43.17
N HIS B 83 -4.60 10.29 -41.86
CA HIS B 83 -5.59 10.74 -40.87
C HIS B 83 -4.87 11.20 -39.61
N VAL B 84 -5.46 12.19 -38.93
CA VAL B 84 -4.88 12.77 -37.73
C VAL B 84 -4.51 11.73 -36.65
N THR B 85 -5.25 10.62 -36.61
CA THR B 85 -5.03 9.56 -35.63
C THR B 85 -3.90 8.61 -36.05
N LEU B 86 -3.34 8.82 -37.23
CA LEU B 86 -2.27 7.96 -37.73
C LEU B 86 -0.93 8.68 -37.78
N GLU B 87 0.04 8.16 -37.03
CA GLU B 87 1.38 8.73 -37.01
C GLU B 87 1.93 8.87 -38.42
N GLN B 88 1.74 7.80 -39.20
CA GLN B 88 2.22 7.75 -40.55
C GLN B 88 1.09 7.26 -41.44
N PRO B 89 1.10 7.67 -42.73
CA PRO B 89 0.09 7.16 -43.64
C PRO B 89 0.05 5.63 -43.59
N ARG B 90 -1.16 5.07 -43.51
CA ARG B 90 -1.32 3.63 -43.45
C ARG B 90 -1.59 3.11 -44.86
N ILE B 91 -0.88 2.05 -45.23
CA ILE B 91 -1.03 1.42 -46.53
C ILE B 91 -1.64 0.05 -46.34
N VAL B 92 -2.73 -0.21 -47.07
CA VAL B 92 -3.30 -1.55 -47.15
C VAL B 92 -3.18 -2.00 -48.59
N LYS B 93 -2.52 -3.12 -48.80
CA LYS B 93 -2.25 -3.59 -50.15
C LYS B 93 -3.44 -4.42 -50.61
N TRP B 94 -3.80 -4.28 -51.88
CA TRP B 94 -4.75 -5.21 -52.49
C TRP B 94 -4.17 -6.59 -52.43
N ASP B 95 -4.86 -7.47 -51.72
CA ASP B 95 -4.49 -8.86 -51.67
C ASP B 95 -5.55 -9.56 -52.47
N ARG B 96 -5.29 -9.70 -53.76
CA ARG B 96 -6.22 -10.35 -54.67
C ARG B 96 -6.82 -11.57 -53.99
N ASP B 97 -5.95 -12.33 -53.32
CA ASP B 97 -6.33 -13.51 -52.57
C ASP B 97 -7.18 -13.15 -51.36
N VAL C 3 -37.80 -18.12 -13.05
CA VAL C 3 -36.33 -17.78 -13.04
C VAL C 3 -35.97 -16.66 -14.04
N PHE C 4 -36.81 -16.51 -15.06
CA PHE C 4 -36.71 -15.41 -16.04
C PHE C 4 -37.18 -14.07 -15.42
N GLN C 5 -37.81 -14.16 -14.25
CA GLN C 5 -37.99 -13.03 -13.37
C GLN C 5 -36.66 -12.40 -12.84
N GLY C 6 -35.63 -13.20 -12.55
CA GLY C 6 -34.32 -12.57 -12.24
C GLY C 6 -33.30 -12.60 -13.39
N PRO C 7 -31.98 -12.62 -13.07
CA PRO C 7 -30.90 -12.79 -14.06
C PRO C 7 -30.98 -14.12 -14.82
N THR C 8 -30.56 -14.13 -16.08
CA THR C 8 -30.63 -15.32 -16.92
C THR C 8 -29.29 -15.80 -17.47
N SER C 9 -28.19 -15.28 -16.92
CA SER C 9 -26.89 -15.57 -17.48
C SER C 9 -25.86 -15.55 -16.37
N PHE C 10 -24.77 -16.27 -16.60
CA PHE C 10 -23.60 -16.16 -15.75
C PHE C 10 -22.35 -15.96 -16.60
N HIS C 11 -21.49 -15.04 -16.16
CA HIS C 11 -20.25 -14.78 -16.88
C HIS C 11 -19.09 -14.64 -15.92
N LEU C 12 -17.97 -15.26 -16.26
CA LEU C 12 -16.67 -14.88 -15.74
C LEU C 12 -16.15 -13.66 -16.51
N MET C 13 -15.59 -12.70 -15.81
CA MET C 13 -15.05 -11.50 -16.47
C MET C 13 -13.60 -11.27 -16.07
N GLN C 14 -12.79 -10.97 -17.08
CA GLN C 14 -11.36 -10.74 -16.94
C GLN C 14 -10.99 -9.40 -17.55
N ILE C 15 -10.25 -8.62 -16.78
CA ILE C 15 -9.59 -7.43 -17.29
C ILE C 15 -8.10 -7.62 -17.02
N SER C 16 -7.31 -7.69 -18.09
CA SER C 16 -5.86 -7.84 -18.00
C SER C 16 -5.14 -6.64 -18.59
N THR C 17 -4.42 -5.89 -17.76
CA THR C 17 -3.66 -4.71 -18.23
C THR C 17 -2.14 -5.02 -18.33
N PHE C 18 -1.60 -4.84 -19.52
CA PHE C 18 -0.18 -5.09 -19.75
C PHE C 18 0.54 -3.77 -19.92
N VAL C 19 1.30 -3.40 -18.90
CA VAL C 19 2.03 -2.13 -18.90
C VAL C 19 3.39 -2.25 -19.62
N ASN C 20 4.20 -3.22 -19.21
CA ASN C 20 5.47 -3.50 -19.88
C ASN C 20 5.82 -5.00 -19.84
N SER C 21 7.03 -5.36 -20.28
CA SER C 21 7.46 -6.77 -20.27
C SER C 21 7.61 -7.36 -18.86
N THR C 22 7.56 -6.49 -17.85
CA THR C 22 7.76 -6.91 -16.46
C THR C 22 6.52 -6.72 -15.60
N TRP C 23 5.62 -5.84 -16.03
CA TRP C 23 4.42 -5.51 -15.23
C TRP C 23 3.07 -5.81 -15.92
N ALA C 24 2.32 -6.75 -15.36
CA ALA C 24 1.00 -7.05 -15.86
C ALA C 24 0.00 -7.39 -14.75
N GLN C 25 -1.21 -6.87 -14.86
CA GLN C 25 -2.24 -7.02 -13.82
C GLN C 25 -3.48 -7.71 -14.36
N ASN C 26 -3.95 -8.74 -13.65
CA ASN C 26 -5.19 -9.40 -13.98
C ASN C 26 -6.27 -9.14 -12.94
N GLN C 27 -7.46 -8.76 -13.40
CA GLN C 27 -8.65 -8.71 -12.55
C GLN C 27 -9.75 -9.61 -13.10
N GLY C 28 -10.28 -10.37 -12.15
CA GLY C 28 -11.31 -11.39 -12.41
C GLY C 28 -12.53 -11.19 -11.53
N SER C 29 -13.66 -11.72 -11.99
CA SER C 29 -14.91 -11.72 -11.22
C SER C 29 -15.97 -12.62 -11.90
N GLY C 30 -17.09 -12.87 -11.23
CA GLY C 30 -18.19 -13.66 -11.76
C GLY C 30 -19.52 -12.94 -11.52
N TRP C 31 -20.45 -13.09 -12.46
CA TRP C 31 -21.59 -12.19 -12.55
C TRP C 31 -22.80 -12.94 -13.03
N LEU C 32 -23.95 -12.65 -12.41
CA LEU C 32 -25.26 -13.07 -12.94
C LEU C 32 -25.86 -11.82 -13.54
N ASP C 33 -25.97 -11.77 -14.88
CA ASP C 33 -26.20 -10.50 -15.60
C ASP C 33 -25.27 -9.48 -14.99
N ASP C 34 -25.83 -8.44 -14.37
CA ASP C 34 -25.00 -7.34 -13.86
C ASP C 34 -24.87 -7.33 -12.34
N LEU C 35 -25.21 -8.45 -11.71
CA LEU C 35 -25.07 -8.63 -10.26
C LEU C 35 -23.87 -9.49 -9.95
N GLN C 36 -22.89 -8.92 -9.26
CA GLN C 36 -21.64 -9.60 -9.04
C GLN C 36 -21.80 -10.58 -7.90
N ILE C 37 -21.37 -11.82 -8.13
CA ILE C 37 -21.41 -12.84 -7.07
C ILE C 37 -20.03 -13.38 -6.70
N HIS C 38 -19.02 -13.12 -7.53
CA HIS C 38 -17.65 -13.55 -7.21
C HIS C 38 -16.69 -12.41 -7.41
N GLY C 39 -15.71 -12.31 -6.52
CA GLY C 39 -14.54 -11.49 -6.73
C GLY C 39 -13.33 -12.40 -6.80
N TRP C 40 -12.15 -11.81 -6.94
CA TRP C 40 -10.95 -12.57 -7.18
C TRP C 40 -9.81 -11.80 -6.57
N GLU C 41 -9.09 -12.45 -5.67
CA GLU C 41 -7.91 -11.82 -5.08
C GLU C 41 -6.74 -12.30 -5.92
N SER C 42 -6.16 -11.39 -6.70
CA SER C 42 -5.16 -11.71 -7.73
C SER C 42 -3.85 -12.23 -7.22
N ASP C 43 -3.34 -11.64 -6.14
CA ASP C 43 -2.09 -12.05 -5.52
C ASP C 43 -2.08 -13.55 -5.22
N SER C 44 -2.89 -13.99 -4.26
CA SER C 44 -2.93 -15.41 -3.94
C SER C 44 -3.73 -16.20 -4.97
N GLY C 45 -4.46 -15.51 -5.81
CA GLY C 45 -5.31 -16.21 -6.78
C GLY C 45 -6.36 -17.04 -6.07
N THR C 46 -7.24 -16.37 -5.35
CA THR C 46 -8.33 -17.04 -4.66
C THR C 46 -9.67 -16.33 -4.91
N ALA C 47 -10.74 -17.13 -4.90
CA ALA C 47 -12.09 -16.62 -5.11
C ALA C 47 -12.59 -15.89 -3.88
N ILE C 48 -13.37 -14.84 -4.14
CA ILE C 48 -14.16 -14.21 -3.08
C ILE C 48 -15.64 -14.47 -3.38
N PHE C 49 -16.34 -15.07 -2.45
CA PHE C 49 -17.76 -15.39 -2.65
C PHE C 49 -18.60 -14.31 -2.02
N LEU C 50 -19.20 -13.48 -2.86
CA LEU C 50 -19.90 -12.28 -2.40
C LEU C 50 -21.32 -12.54 -1.89
N LYS C 51 -21.89 -13.70 -2.19
CA LYS C 51 -23.18 -14.10 -1.61
C LYS C 51 -23.05 -15.50 -1.00
N PRO C 52 -23.75 -15.78 0.12
CA PRO C 52 -23.63 -17.08 0.76
C PRO C 52 -23.92 -18.27 -0.18
N TRP C 53 -24.92 -18.13 -1.06
CA TRP C 53 -25.31 -19.20 -2.01
C TRP C 53 -24.49 -19.21 -3.34
N SER C 54 -23.52 -18.31 -3.48
CA SER C 54 -22.82 -18.17 -4.77
C SER C 54 -22.00 -19.42 -5.26
N LYS C 55 -21.92 -20.49 -4.48
CA LYS C 55 -21.34 -21.71 -5.02
C LYS C 55 -22.37 -22.60 -5.72
N GLY C 56 -23.64 -22.19 -5.72
CA GLY C 56 -24.70 -22.93 -6.41
C GLY C 56 -24.85 -24.32 -5.84
N ASN C 57 -24.89 -25.33 -6.73
CA ASN C 57 -24.92 -26.72 -6.32
C ASN C 57 -23.58 -27.46 -6.55
N PHE C 58 -22.49 -26.71 -6.65
CA PHE C 58 -21.21 -27.34 -6.92
C PHE C 58 -20.56 -27.80 -5.63
N SER C 59 -20.14 -29.07 -5.59
CA SER C 59 -19.44 -29.61 -4.44
C SER C 59 -18.16 -28.81 -4.12
N ASP C 60 -17.70 -28.96 -2.86
CA ASP C 60 -16.46 -28.34 -2.42
C ASP C 60 -15.29 -28.76 -3.33
N ASP C 61 -15.15 -30.05 -3.60
CA ASP C 61 -14.20 -30.58 -4.60
C ASP C 61 -14.24 -29.85 -5.96
N GLU C 62 -15.44 -29.67 -6.54
CA GLU C 62 -15.51 -29.06 -7.87
C GLU C 62 -15.22 -27.57 -7.83
N VAL C 63 -15.64 -26.91 -6.77
CA VAL C 63 -15.28 -25.50 -6.59
C VAL C 63 -13.75 -25.35 -6.43
N THR C 64 -13.11 -26.24 -5.68
CA THR C 64 -11.66 -26.16 -5.49
C THR C 64 -10.91 -26.33 -6.81
N GLU C 65 -11.23 -27.41 -7.56
CA GLU C 65 -10.66 -27.62 -8.91
C GLU C 65 -10.81 -26.39 -9.81
N LEU C 66 -11.97 -25.76 -9.77
CA LEU C 66 -12.22 -24.63 -10.65
C LEU C 66 -11.41 -23.39 -10.27
N VAL C 67 -11.36 -23.09 -8.98
CA VAL C 67 -10.51 -22.03 -8.45
C VAL C 67 -9.04 -22.31 -8.81
N ASP C 68 -8.59 -23.55 -8.62
CA ASP C 68 -7.19 -23.91 -8.95
C ASP C 68 -6.91 -23.74 -10.45
N LEU C 69 -7.93 -24.00 -11.27
CA LEU C 69 -7.85 -23.87 -12.70
C LEU C 69 -7.71 -22.39 -13.10
N PHE C 70 -8.55 -21.53 -12.52
CA PHE C 70 -8.47 -20.10 -12.82
C PHE C 70 -7.16 -19.46 -12.35
N ARG C 71 -6.62 -19.99 -11.26
CA ARG C 71 -5.37 -19.53 -10.73
C ARG C 71 -4.26 -19.86 -11.76
N ALA C 72 -4.17 -21.12 -12.18
CA ALA C 72 -3.15 -21.50 -13.18
C ALA C 72 -3.45 -20.75 -14.47
N TYR C 73 -4.74 -20.55 -14.77
CA TYR C 73 -5.11 -19.81 -15.99
C TYR C 73 -4.48 -18.41 -16.09
N PHE C 74 -4.63 -17.58 -15.04
CA PHE C 74 -4.09 -16.22 -15.00
C PHE C 74 -2.55 -16.20 -15.06
N ILE C 75 -1.91 -17.14 -14.38
CA ILE C 75 -0.46 -17.21 -14.42
C ILE C 75 0.01 -17.53 -15.84
N GLY C 76 -0.68 -18.44 -16.52
CA GLY C 76 -0.33 -18.82 -17.89
C GLY C 76 -0.72 -17.76 -18.92
N PHE C 77 -1.90 -17.20 -18.75
CA PHE C 77 -2.36 -16.18 -19.66
C PHE C 77 -1.32 -15.07 -19.76
N THR C 78 -0.89 -14.55 -18.62
CA THR C 78 0.06 -13.45 -18.58
C THR C 78 1.35 -13.82 -19.31
N ARG C 79 1.87 -15.00 -19.03
CA ARG C 79 3.10 -15.50 -19.64
C ARG C 79 3.00 -15.63 -21.14
N GLU C 80 1.88 -16.16 -21.64
CA GLU C 80 1.74 -16.34 -23.09
C GLU C 80 1.70 -15.01 -23.80
N VAL C 81 0.88 -14.10 -23.29
CA VAL C 81 0.74 -12.79 -23.90
C VAL C 81 2.09 -12.08 -23.91
N GLN C 82 2.77 -12.06 -22.76
CA GLN C 82 4.10 -11.44 -22.69
C GLN C 82 5.08 -12.01 -23.71
N ASP C 83 5.14 -13.34 -23.84
CA ASP C 83 6.04 -13.99 -24.82
C ASP C 83 5.66 -13.66 -26.28
N ARG C 84 4.42 -13.19 -26.48
CA ARG C 84 3.90 -13.06 -27.83
C ARG C 84 3.66 -11.64 -28.31
N VAL C 85 4.09 -10.66 -27.51
CA VAL C 85 3.99 -9.24 -27.85
C VAL C 85 4.61 -8.88 -29.21
N ASN C 86 5.85 -9.31 -29.45
CA ASN C 86 6.53 -8.98 -30.70
C ASN C 86 5.81 -9.58 -31.91
N GLU C 87 5.56 -10.89 -31.82
CA GLU C 87 4.92 -11.65 -32.89
C GLU C 87 3.52 -11.11 -33.25
N PHE C 88 2.76 -10.69 -32.24
CA PHE C 88 1.44 -10.12 -32.45
C PHE C 88 1.46 -8.60 -32.54
N GLN C 89 2.67 -8.03 -32.65
CA GLN C 89 2.84 -6.59 -32.79
C GLN C 89 1.99 -5.76 -31.83
N LEU C 90 2.00 -6.14 -30.55
CA LEU C 90 1.30 -5.36 -29.52
C LEU C 90 2.15 -4.20 -29.01
N GLU C 91 1.49 -3.10 -28.65
CA GLU C 91 2.22 -1.93 -28.16
C GLU C 91 1.83 -1.70 -26.73
N TYR C 92 2.81 -1.52 -25.85
CA TYR C 92 2.54 -1.22 -24.46
C TYR C 92 2.14 0.25 -24.35
N PRO C 93 1.13 0.56 -23.52
CA PRO C 93 0.31 -0.38 -22.75
C PRO C 93 -0.89 -0.89 -23.53
N PHE C 94 -1.33 -2.10 -23.22
CA PHE C 94 -2.53 -2.65 -23.84
C PHE C 94 -3.43 -3.46 -22.88
N VAL C 95 -4.71 -3.51 -23.23
CA VAL C 95 -5.71 -4.08 -22.33
C VAL C 95 -6.45 -5.20 -23.05
N ILE C 96 -6.47 -6.37 -22.41
CA ILE C 96 -7.28 -7.47 -22.91
C ILE C 96 -8.48 -7.61 -21.98
N GLN C 97 -9.64 -7.87 -22.58
CA GLN C 97 -10.88 -8.08 -21.82
C GLN C 97 -11.48 -9.37 -22.31
N VAL C 98 -11.99 -10.16 -21.38
CA VAL C 98 -12.59 -11.44 -21.69
C VAL C 98 -13.85 -11.63 -20.86
N THR C 99 -14.87 -12.18 -21.49
CA THR C 99 -16.05 -12.57 -20.80
C THR C 99 -16.39 -13.97 -21.33
N ALA C 100 -16.64 -14.91 -20.43
CA ALA C 100 -16.92 -16.31 -20.79
C ALA C 100 -18.08 -16.79 -19.95
N GLY C 101 -19.08 -17.38 -20.57
CA GLY C 101 -20.14 -18.02 -19.80
C GLY C 101 -21.32 -18.41 -20.66
N CYS C 102 -22.50 -18.40 -20.07
CA CYS C 102 -23.64 -18.98 -20.74
C CYS C 102 -24.91 -18.25 -20.36
N GLU C 103 -25.99 -18.54 -21.08
CA GLU C 103 -27.23 -17.82 -20.91
C GLU C 103 -28.46 -18.68 -21.32
N LEU C 104 -29.52 -18.58 -20.54
CA LEU C 104 -30.81 -19.23 -20.84
C LEU C 104 -31.58 -18.62 -22.02
N HIS C 105 -32.39 -19.45 -22.67
CA HIS C 105 -33.34 -19.00 -23.68
C HIS C 105 -34.59 -19.86 -23.61
N SER C 106 -35.76 -19.23 -23.51
CA SER C 106 -37.05 -19.93 -23.42
C SER C 106 -37.25 -21.06 -24.43
N GLY C 107 -36.93 -20.80 -25.70
CA GLY C 107 -37.06 -21.80 -26.77
C GLY C 107 -36.05 -22.94 -26.65
N ALA C 109 -33.04 -23.99 -24.05
CA ALA C 109 -31.88 -24.13 -24.94
C ALA C 109 -30.67 -23.21 -24.59
N ILE C 110 -29.85 -23.58 -23.60
CA ILE C 110 -28.74 -22.72 -23.11
C ILE C 110 -27.63 -22.46 -24.15
N GLU C 111 -27.26 -21.18 -24.28
CA GLU C 111 -26.19 -20.72 -25.18
C GLU C 111 -24.91 -20.41 -24.38
N SER C 112 -23.75 -20.81 -24.91
CA SER C 112 -22.47 -20.54 -24.27
C SER C 112 -21.47 -19.88 -25.20
N SER C 113 -20.68 -18.95 -24.69
CA SER C 113 -19.53 -18.43 -25.45
C SER C 113 -18.50 -17.64 -24.63
N LEU C 114 -17.32 -17.51 -25.23
CA LEU C 114 -16.23 -16.69 -24.74
C LEU C 114 -16.05 -15.55 -25.75
N ARG C 115 -16.02 -14.32 -25.25
CA ARG C 115 -15.83 -13.14 -26.09
C ARG C 115 -14.60 -12.40 -25.59
N GLY C 116 -13.76 -11.95 -26.51
CA GLY C 116 -12.53 -11.27 -26.16
C GLY C 116 -12.38 -9.98 -26.91
N ALA C 117 -11.84 -8.99 -26.22
CA ALA C 117 -11.54 -7.68 -26.77
C ALA C 117 -10.05 -7.33 -26.59
N LEU C 118 -9.53 -6.54 -27.52
CA LEU C 118 -8.24 -5.90 -27.36
C LEU C 118 -8.44 -4.42 -27.69
N GLY C 119 -7.81 -3.53 -26.94
CA GLY C 119 -7.94 -2.09 -27.19
C GLY C 119 -9.38 -1.62 -27.06
N GLY C 120 -10.19 -2.37 -26.34
CA GLY C 120 -11.59 -2.03 -26.13
C GLY C 120 -12.48 -2.44 -27.30
N LEU C 121 -11.90 -3.14 -28.28
CA LEU C 121 -12.64 -3.51 -29.49
C LEU C 121 -12.84 -5.00 -29.60
N ASP C 122 -14.03 -5.41 -30.04
CA ASP C 122 -14.31 -6.80 -30.40
C ASP C 122 -13.06 -7.41 -31.06
N PHE C 123 -12.56 -8.50 -30.49
CA PHE C 123 -11.40 -9.16 -31.08
C PHE C 123 -11.73 -10.55 -31.58
N VAL C 124 -12.39 -11.34 -30.75
CA VAL C 124 -12.64 -12.73 -31.06
C VAL C 124 -13.86 -13.27 -30.34
N SER C 125 -14.49 -14.28 -30.89
CA SER C 125 -15.44 -15.03 -30.08
C SER C 125 -15.17 -16.51 -30.25
N ILE C 126 -15.35 -17.28 -29.18
CA ILE C 126 -15.10 -18.71 -29.24
C ILE C 126 -16.36 -19.48 -28.86
N GLN C 127 -16.80 -20.40 -29.72
CA GLN C 127 -18.00 -21.21 -29.50
C GLN C 127 -17.99 -22.48 -30.35
N ASN C 128 -18.31 -23.61 -29.74
CA ASN C 128 -18.44 -24.90 -30.46
C ASN C 128 -17.06 -25.39 -30.94
N HIS C 129 -16.05 -25.21 -30.10
CA HIS C 129 -14.65 -25.53 -30.44
C HIS C 129 -14.16 -24.71 -31.65
N SER C 130 -14.95 -23.68 -31.99
CA SER C 130 -14.64 -22.76 -33.08
C SER C 130 -14.23 -21.37 -32.60
N CYS C 131 -13.12 -20.91 -33.14
CA CYS C 131 -12.65 -19.56 -32.98
C CYS C 131 -13.09 -18.75 -34.21
N VAL C 132 -13.65 -17.56 -33.97
CA VAL C 132 -14.12 -16.68 -35.06
C VAL C 132 -13.58 -15.29 -34.78
N PRO C 133 -12.59 -14.83 -35.55
CA PRO C 133 -12.10 -13.48 -35.32
C PRO C 133 -13.18 -12.45 -35.67
N ALA C 134 -13.17 -11.32 -34.97
CA ALA C 134 -14.12 -10.25 -35.26
C ALA C 134 -13.71 -9.60 -36.59
N PRO C 135 -14.68 -9.00 -37.32
CA PRO C 135 -14.22 -8.12 -38.42
C PRO C 135 -13.50 -6.92 -37.81
N ASP C 136 -12.54 -6.37 -38.55
CA ASP C 136 -11.67 -5.34 -37.97
C ASP C 136 -10.54 -5.94 -37.14
N SER C 137 -10.68 -7.18 -36.68
CA SER C 137 -9.54 -7.86 -36.02
C SER C 137 -8.42 -8.17 -37.03
N GLY C 138 -8.77 -8.40 -38.29
CA GLY C 138 -7.78 -8.53 -39.37
C GLY C 138 -6.87 -9.73 -39.26
N SER C 139 -5.64 -9.59 -39.77
CA SER C 139 -4.68 -10.69 -39.77
C SER C 139 -4.30 -11.13 -38.36
N ARG C 140 -4.23 -10.16 -37.43
CA ARG C 140 -3.98 -10.46 -36.04
C ARG C 140 -5.08 -11.38 -35.46
N GLY C 141 -6.34 -11.11 -35.80
CA GLY C 141 -7.42 -11.98 -35.39
C GLY C 141 -7.33 -13.38 -35.98
N GLN C 142 -6.93 -13.44 -37.27
CA GLN C 142 -6.73 -14.70 -37.98
C GLN C 142 -5.54 -15.47 -37.45
N LYS C 143 -4.50 -14.74 -37.01
CA LYS C 143 -3.32 -15.38 -36.45
C LYS C 143 -3.67 -16.00 -35.10
N PHE C 144 -4.52 -15.30 -34.35
CA PHE C 144 -4.90 -15.80 -33.04
C PHE C 144 -5.73 -17.06 -33.19
N CYS C 145 -6.72 -17.02 -34.08
CA CYS C 145 -7.57 -18.18 -34.28
C CYS C 145 -6.76 -19.37 -34.82
N ALA C 146 -5.75 -19.10 -35.63
CA ALA C 146 -4.85 -20.17 -36.09
C ALA C 146 -4.08 -20.76 -34.91
N LEU C 147 -3.64 -19.86 -34.02
CA LEU C 147 -2.81 -20.24 -32.89
C LEU C 147 -3.57 -21.15 -31.92
N THR C 148 -4.87 -20.90 -31.76
CA THR C 148 -5.72 -21.72 -30.88
C THR C 148 -5.78 -23.18 -31.28
N THR C 149 -5.62 -23.47 -32.57
CA THR C 149 -5.59 -24.85 -33.05
C THR C 149 -4.26 -25.56 -32.72
N GLN C 150 -3.25 -24.80 -32.28
CA GLN C 150 -2.01 -25.38 -31.74
C GLN C 150 -2.16 -25.63 -30.23
N TYR C 151 -3.28 -25.17 -29.66
CA TYR C 151 -3.54 -25.32 -28.23
C TYR C 151 -4.78 -26.19 -27.98
N GLN C 152 -4.77 -27.43 -28.48
CA GLN C 152 -5.91 -28.34 -28.33
C GLN C 152 -6.33 -28.59 -26.87
N GLY C 153 -5.36 -28.77 -25.98
CA GLY C 153 -5.65 -29.03 -24.57
C GLY C 153 -6.38 -27.88 -23.91
N ILE C 154 -5.92 -26.67 -24.19
CA ILE C 154 -6.51 -25.53 -23.56
C ILE C 154 -7.89 -25.31 -24.19
N SER C 155 -7.99 -25.42 -25.50
CA SER C 155 -9.28 -25.15 -26.11
C SER C 155 -10.32 -26.23 -25.74
N ASP C 156 -9.88 -27.49 -25.61
CA ASP C 156 -10.70 -28.55 -25.00
C ASP C 156 -11.18 -28.23 -23.58
N ILE C 157 -10.30 -27.68 -22.73
CA ILE C 157 -10.72 -27.19 -21.41
C ILE C 157 -11.77 -26.08 -21.50
N ILE C 158 -11.59 -25.15 -22.44
CA ILE C 158 -12.51 -24.03 -22.60
C ILE C 158 -13.87 -24.48 -23.12
N GLU C 159 -13.87 -25.39 -24.09
CA GLU C 159 -15.11 -25.93 -24.65
C GLU C 159 -15.92 -26.72 -23.59
N ARG C 160 -15.22 -27.49 -22.77
CA ARG C 160 -15.88 -28.20 -21.66
C ARG C 160 -16.46 -27.23 -20.64
N LEU C 161 -15.69 -26.21 -20.27
CA LEU C 161 -16.19 -25.21 -19.33
C LEU C 161 -17.46 -24.55 -19.85
N LEU C 162 -17.44 -24.18 -21.13
CA LEU C 162 -18.50 -23.41 -21.74
C LEU C 162 -19.77 -24.21 -21.89
N SER C 163 -19.63 -25.42 -22.43
CA SER C 163 -20.78 -26.13 -22.91
C SER C 163 -21.28 -27.25 -21.97
N GLU C 164 -20.45 -27.67 -21.03
CA GLU C 164 -20.88 -28.65 -20.02
C GLU C 164 -20.90 -28.07 -18.60
N THR C 165 -19.85 -27.39 -18.19
CA THR C 165 -19.79 -26.86 -16.81
C THR C 165 -20.70 -25.64 -16.54
N CYS C 166 -20.51 -24.56 -17.29
CA CYS C 166 -21.32 -23.37 -17.12
C CYS C 166 -22.87 -23.64 -17.11
N PRO C 167 -23.40 -24.40 -18.09
CA PRO C 167 -24.85 -24.64 -18.01
C PRO C 167 -25.30 -25.30 -16.68
N ARG C 168 -24.49 -26.23 -16.17
CA ARG C 168 -24.76 -26.85 -14.89
C ARG C 168 -24.72 -25.80 -13.78
N TYR C 169 -23.71 -24.95 -13.84
CA TYR C 169 -23.48 -24.00 -12.79
C TYR C 169 -24.62 -22.97 -12.78
N LEU C 170 -25.02 -22.53 -13.97
CA LEU C 170 -26.04 -21.49 -14.11
C LEU C 170 -27.37 -21.93 -13.49
N LEU C 171 -27.87 -23.08 -13.92
CA LEU C 171 -29.12 -23.58 -13.39
C LEU C 171 -29.03 -23.79 -11.89
N GLY C 172 -27.95 -24.43 -11.42
CA GLY C 172 -27.73 -24.65 -9.98
C GLY C 172 -27.66 -23.36 -9.18
N VAL C 173 -26.98 -22.35 -9.71
CA VAL C 173 -26.89 -21.09 -8.97
C VAL C 173 -28.15 -20.20 -9.04
N LEU C 174 -28.92 -20.27 -10.13
CA LEU C 174 -30.18 -19.52 -10.19
C LEU C 174 -31.17 -20.06 -9.16
N ASP C 175 -31.18 -21.38 -9.01
CA ASP C 175 -31.97 -22.04 -8.01
C ASP C 175 -31.46 -21.74 -6.60
N ALA C 176 -30.17 -21.89 -6.37
CA ALA C 176 -29.57 -21.61 -5.08
C ALA C 176 -29.82 -20.17 -4.55
N GLY C 177 -29.76 -19.17 -5.44
CA GLY C 177 -30.06 -17.77 -5.05
C GLY C 177 -31.51 -17.31 -5.31
N LYS C 178 -32.43 -18.24 -5.62
CA LYS C 178 -33.85 -17.92 -5.90
C LYS C 178 -34.38 -16.81 -5.04
N ALA C 179 -34.16 -16.95 -3.73
CA ALA C 179 -34.89 -16.08 -2.79
C ALA C 179 -34.45 -14.62 -2.89
N GLU C 180 -33.20 -14.37 -3.28
CA GLU C 180 -32.76 -12.98 -3.59
C GLU C 180 -32.97 -12.61 -5.03
N LEU C 181 -32.69 -13.54 -5.94
CA LEU C 181 -32.74 -13.22 -7.37
C LEU C 181 -34.15 -13.03 -7.91
N GLN C 182 -35.15 -13.60 -7.23
CA GLN C 182 -36.55 -13.48 -7.66
C GLN C 182 -37.41 -12.70 -6.65
N ARG C 183 -36.76 -12.00 -5.73
CA ARG C 183 -37.47 -11.16 -4.74
C ARG C 183 -37.99 -9.94 -5.48
N GLN C 184 -39.00 -9.28 -4.93
CA GLN C 184 -39.56 -8.09 -5.52
C GLN C 184 -39.37 -6.96 -4.53
N VAL C 185 -38.69 -5.90 -4.96
CA VAL C 185 -38.50 -4.74 -4.10
C VAL C 185 -39.13 -3.50 -4.72
N LYS C 186 -40.02 -2.89 -3.97
CA LYS C 186 -40.65 -1.63 -4.42
C LYS C 186 -39.70 -0.44 -4.49
N PRO C 187 -39.79 0.33 -5.57
CA PRO C 187 -39.06 1.59 -5.65
C PRO C 187 -39.57 2.64 -4.68
N GLU C 188 -38.68 3.54 -4.26
CA GLU C 188 -39.10 4.85 -3.76
C GLU C 188 -39.01 5.80 -4.95
N ALA C 189 -39.88 6.79 -4.96
CA ALA C 189 -39.94 7.70 -6.06
C ALA C 189 -40.20 9.09 -5.50
N TRP C 190 -39.56 10.11 -6.09
CA TRP C 190 -39.78 11.48 -5.63
C TRP C 190 -39.54 12.46 -6.74
N LEU C 191 -39.99 13.71 -6.58
CA LEU C 191 -39.83 14.72 -7.60
C LEU C 191 -38.90 15.83 -7.17
N SER C 192 -38.17 16.38 -8.14
CA SER C 192 -37.44 17.60 -7.91
C SER C 192 -37.49 18.50 -9.13
N SER C 193 -37.00 19.72 -8.93
CA SER C 193 -36.96 20.72 -9.95
C SER C 193 -35.49 20.95 -10.29
N GLY C 194 -35.08 20.52 -11.48
CA GLY C 194 -33.68 20.56 -11.91
C GLY C 194 -33.14 21.95 -12.19
N PRO C 195 -31.81 22.04 -12.50
CA PRO C 195 -31.25 23.33 -12.83
C PRO C 195 -31.99 23.84 -14.05
N THR C 196 -32.31 25.13 -14.03
CA THR C 196 -33.21 25.71 -15.02
C THR C 196 -32.62 25.67 -16.43
N PRO C 197 -33.34 25.07 -17.39
CA PRO C 197 -32.80 24.83 -18.72
C PRO C 197 -32.66 26.11 -19.55
N GLY C 198 -33.63 27.02 -19.40
CA GLY C 198 -33.62 28.33 -20.04
C GLY C 198 -34.80 29.16 -19.57
N PRO C 199 -34.96 30.38 -20.11
CA PRO C 199 -35.96 31.36 -19.66
C PRO C 199 -37.37 30.81 -19.34
N ARG C 201 -39.19 28.20 -18.48
CA ARG C 201 -38.73 26.83 -18.68
C ARG C 201 -38.32 26.13 -17.38
N LEU C 202 -38.92 24.98 -17.13
CA LEU C 202 -38.56 24.18 -15.95
C LEU C 202 -38.08 22.77 -16.31
N LEU C 203 -37.23 22.20 -15.46
CA LEU C 203 -36.79 20.85 -15.66
C LEU C 203 -37.33 20.00 -14.53
N LEU C 204 -38.35 19.19 -14.81
CA LEU C 204 -38.97 18.29 -13.83
C LEU C 204 -38.24 16.96 -13.81
N VAL C 205 -37.85 16.55 -12.60
CA VAL C 205 -37.09 15.33 -12.44
C VAL C 205 -37.87 14.36 -11.57
N CYS C 206 -38.12 13.18 -12.10
CA CYS C 206 -38.77 12.10 -11.36
C CYS C 206 -37.70 11.06 -10.99
N HIS C 207 -37.35 10.96 -9.73
CA HIS C 207 -36.33 10.02 -9.30
C HIS C 207 -36.99 8.71 -8.88
N VAL C 208 -36.58 7.60 -9.48
CA VAL C 208 -37.06 6.27 -9.07
C VAL C 208 -35.84 5.46 -8.58
N SER C 209 -35.87 5.06 -7.30
CA SER C 209 -34.75 4.38 -6.64
C SER C 209 -35.12 3.18 -5.74
N GLY C 210 -34.33 2.12 -5.82
CA GLY C 210 -34.43 0.99 -4.89
C GLY C 210 -35.29 -0.17 -5.37
N PHE C 211 -35.55 -0.23 -6.66
CA PHE C 211 -36.40 -1.27 -7.19
C PHE C 211 -35.59 -2.48 -7.58
N TYR C 212 -36.18 -3.66 -7.41
CA TYR C 212 -35.63 -4.90 -7.94
C TYR C 212 -36.81 -5.81 -8.25
N PRO C 213 -36.80 -6.49 -9.41
CA PRO C 213 -35.78 -6.56 -10.47
C PRO C 213 -35.74 -5.33 -11.36
N LYS C 214 -34.89 -5.39 -12.38
CA LYS C 214 -34.46 -4.22 -13.18
C LYS C 214 -35.51 -3.69 -14.14
N PRO C 215 -36.28 -4.56 -14.82
CA PRO C 215 -37.26 -3.94 -15.75
C PRO C 215 -38.17 -2.97 -14.99
N VAL C 216 -38.41 -1.80 -15.54
CA VAL C 216 -39.20 -0.74 -14.91
C VAL C 216 -39.70 0.18 -16.05
N ARG C 217 -40.92 0.72 -15.91
CA ARG C 217 -41.45 1.68 -16.87
C ARG C 217 -41.84 2.98 -16.16
N VAL C 218 -41.21 4.08 -16.55
CA VAL C 218 -41.38 5.36 -15.87
C VAL C 218 -41.57 6.46 -16.90
N MET C 219 -42.58 7.31 -16.67
CA MET C 219 -43.10 8.18 -17.71
C MET C 219 -43.84 9.41 -17.20
N TRP C 220 -43.64 10.54 -17.86
CA TRP C 220 -44.41 11.74 -17.57
C TRP C 220 -45.73 11.75 -18.31
N MET C 221 -46.80 12.06 -17.59
CA MET C 221 -48.17 12.04 -18.15
C MET C 221 -48.88 13.36 -17.92
N ARG C 222 -49.85 13.63 -18.77
CA ARG C 222 -50.93 14.55 -18.44
C ARG C 222 -52.22 13.81 -18.74
N GLY C 223 -53.01 13.58 -17.68
CA GLY C 223 -54.12 12.64 -17.73
C GLY C 223 -53.54 11.28 -18.05
N GLU C 224 -53.99 10.72 -19.16
CA GLU C 224 -53.48 9.43 -19.66
C GLU C 224 -52.63 9.59 -20.94
N GLN C 225 -52.36 10.83 -21.34
CA GLN C 225 -51.47 11.10 -22.48
C GLN C 225 -50.00 11.13 -22.05
N GLU C 226 -49.20 10.17 -22.53
CA GLU C 226 -47.75 10.16 -22.27
C GLU C 226 -47.07 11.34 -22.93
N GLN C 227 -46.23 12.05 -22.17
CA GLN C 227 -45.64 13.27 -22.69
C GLN C 227 -44.42 12.99 -23.59
N PRO C 228 -44.42 13.54 -24.82
CA PRO C 228 -43.37 13.18 -25.78
C PRO C 228 -41.99 13.71 -25.42
N GLY C 229 -41.93 14.77 -24.62
CA GLY C 229 -40.66 15.30 -24.11
C GLY C 229 -39.91 14.39 -23.15
N THR C 230 -40.59 13.41 -22.57
CA THR C 230 -40.00 12.52 -21.57
C THR C 230 -38.58 12.02 -21.92
N GLN C 231 -37.61 12.35 -21.07
CA GLN C 231 -36.23 11.85 -21.22
C GLN C 231 -35.92 10.69 -20.27
N GLN C 232 -35.66 9.50 -20.84
CA GLN C 232 -35.25 8.36 -20.03
C GLN C 232 -33.77 8.43 -19.71
N GLY C 233 -33.44 8.54 -18.43
CA GLY C 233 -32.06 8.34 -18.01
C GLY C 233 -31.64 6.88 -18.18
N ASP C 234 -30.34 6.65 -18.18
CA ASP C 234 -29.84 5.29 -18.08
C ASP C 234 -30.03 4.78 -16.66
N LEU C 235 -30.34 3.51 -16.55
CA LEU C 235 -30.36 2.80 -15.26
C LEU C 235 -28.99 2.81 -14.63
N MET C 236 -28.94 3.28 -13.39
CA MET C 236 -27.69 3.35 -12.68
C MET C 236 -27.79 2.50 -11.44
N PRO C 237 -26.67 1.85 -11.05
CA PRO C 237 -26.71 0.93 -9.92
C PRO C 237 -26.67 1.63 -8.56
N ASN C 238 -27.45 1.10 -7.63
CA ASN C 238 -27.23 1.33 -6.22
C ASN C 238 -26.28 0.23 -5.75
N ALA C 239 -25.84 0.30 -4.50
CA ALA C 239 -24.80 -0.63 -4.01
C ALA C 239 -25.42 -1.87 -3.36
N ASP C 240 -26.74 -1.94 -3.31
CA ASP C 240 -27.45 -3.02 -2.63
C ASP C 240 -28.34 -3.86 -3.58
N TRP C 241 -27.91 -4.08 -4.82
CA TRP C 241 -28.72 -4.90 -5.78
C TRP C 241 -30.09 -4.32 -6.09
N THR C 242 -30.14 -2.99 -6.19
CA THR C 242 -31.30 -2.25 -6.71
C THR C 242 -30.79 -1.22 -7.75
N TRP C 243 -31.70 -0.56 -8.47
CA TRP C 243 -31.30 0.47 -9.43
C TRP C 243 -31.89 1.82 -9.11
N TYR C 244 -31.30 2.82 -9.75
CA TYR C 244 -31.72 4.20 -9.67
C TYR C 244 -31.97 4.70 -11.11
N LEU C 245 -33.11 5.36 -11.31
CA LEU C 245 -33.40 5.98 -12.62
C LEU C 245 -33.88 7.44 -12.47
N ARG C 246 -33.36 8.33 -13.32
CA ARG C 246 -33.88 9.70 -13.43
C ARG C 246 -34.68 9.83 -14.72
N VAL C 247 -35.93 10.27 -14.62
CA VAL C 247 -36.71 10.55 -15.83
C VAL C 247 -37.15 12.02 -15.85
N THR C 248 -36.68 12.77 -16.84
CA THR C 248 -36.79 14.22 -16.78
C THR C 248 -37.70 14.78 -17.86
N LEU C 249 -38.36 15.89 -17.56
CA LEU C 249 -39.22 16.57 -18.51
C LEU C 249 -38.91 18.07 -18.50
N ASN C 250 -38.61 18.61 -19.68
CA ASN C 250 -38.29 20.02 -19.87
C ASN C 250 -39.57 20.67 -20.39
N VAL C 251 -40.09 21.65 -19.66
CA VAL C 251 -41.45 22.15 -19.86
C VAL C 251 -41.62 23.69 -19.68
N ALA C 252 -42.58 24.24 -20.44
CA ALA C 252 -42.96 25.64 -20.30
C ALA C 252 -43.50 25.87 -18.89
N ALA C 253 -42.78 26.71 -18.16
CA ALA C 253 -43.01 26.95 -16.73
C ALA C 253 -44.48 27.20 -16.36
N GLY C 254 -45.17 28.00 -17.19
CA GLY C 254 -46.58 28.28 -16.97
C GLY C 254 -47.52 27.12 -17.24
N GLU C 255 -47.11 26.22 -18.14
CA GLU C 255 -47.98 25.16 -18.64
C GLU C 255 -47.53 23.76 -18.20
N ALA C 256 -47.31 23.60 -16.90
CA ALA C 256 -46.80 22.36 -16.33
C ALA C 256 -47.71 21.79 -15.22
N ALA C 257 -48.92 22.35 -15.08
CA ALA C 257 -49.93 21.82 -14.16
C ALA C 257 -50.75 20.69 -14.83
N GLY C 258 -51.07 19.65 -14.07
CA GLY C 258 -51.74 18.45 -14.61
C GLY C 258 -50.76 17.31 -14.72
N LEU C 259 -49.48 17.66 -14.82
CA LEU C 259 -48.44 16.66 -15.05
C LEU C 259 -48.20 15.75 -13.85
N ASN C 260 -47.97 14.48 -14.14
CA ASN C 260 -47.58 13.51 -13.13
C ASN C 260 -46.56 12.52 -13.66
N CYS C 261 -45.67 12.08 -12.79
CA CYS C 261 -44.76 11.00 -13.09
C CYS C 261 -45.43 9.68 -12.66
N ARG C 262 -45.30 8.65 -13.50
CA ARG C 262 -46.01 7.41 -13.27
C ARG C 262 -45.05 6.25 -13.31
N VAL C 263 -45.05 5.44 -12.25
CA VAL C 263 -44.08 4.36 -12.16
C VAL C 263 -44.79 3.02 -12.20
N LYS C 264 -44.47 2.25 -13.23
CA LYS C 264 -44.90 0.86 -13.32
C LYS C 264 -43.77 -0.07 -12.94
N HIS C 265 -44.06 -1.06 -12.08
CA HIS C 265 -43.04 -2.06 -11.71
C HIS C 265 -43.69 -3.33 -11.23
N SER C 266 -43.07 -4.46 -11.56
CA SER C 266 -43.58 -5.78 -11.21
C SER C 266 -43.93 -5.92 -9.73
N SER C 267 -43.19 -5.25 -8.83
CA SER C 267 -43.45 -5.31 -7.40
C SER C 267 -44.69 -4.56 -6.99
N LEU C 268 -45.26 -3.77 -7.89
CA LEU C 268 -46.38 -2.93 -7.53
C LEU C 268 -47.72 -3.51 -7.97
N GLY C 269 -47.69 -4.64 -8.67
CA GLY C 269 -48.91 -5.24 -9.23
C GLY C 269 -49.72 -4.21 -10.02
N ASP C 270 -51.01 -4.14 -9.75
CA ASP C 270 -51.92 -3.30 -10.56
C ASP C 270 -51.87 -1.82 -10.16
N GLN C 271 -51.10 -1.49 -9.11
CA GLN C 271 -51.18 -0.16 -8.50
C GLN C 271 -49.88 0.62 -8.67
N ASP C 272 -49.82 1.44 -9.70
CA ASP C 272 -48.67 2.28 -10.03
C ASP C 272 -48.45 3.36 -9.00
N ILE C 273 -47.21 3.80 -8.84
CA ILE C 273 -46.89 5.03 -8.12
C ILE C 273 -47.14 6.23 -9.03
N ILE C 274 -47.91 7.18 -8.54
CA ILE C 274 -48.18 8.38 -9.29
C ILE C 274 -47.80 9.61 -8.48
N LEU C 275 -46.98 10.47 -9.06
CA LEU C 275 -46.55 11.71 -8.40
C LEU C 275 -46.91 12.95 -9.20
N TYR C 276 -47.83 13.74 -8.68
CA TYR C 276 -48.25 14.99 -9.32
C TYR C 276 -47.36 16.15 -8.95
N TRP C 277 -47.14 17.03 -9.93
CA TRP C 277 -46.34 18.21 -9.76
C TRP C 277 -47.35 19.33 -9.79
N HIS C 278 -47.35 20.18 -8.77
CA HIS C 278 -48.16 21.37 -8.78
C HIS C 278 -47.25 22.60 -8.72
N ILE D 1 -8.61 2.11 -27.93
CA ILE D 1 -9.24 3.47 -28.05
C ILE D 1 -9.38 4.13 -26.68
N GLN D 2 -9.49 5.46 -26.69
CA GLN D 2 -9.70 6.22 -25.45
C GLN D 2 -11.07 6.89 -25.42
N ARG D 3 -11.81 6.60 -24.36
CA ARG D 3 -13.12 7.18 -24.10
C ARG D 3 -13.11 7.77 -22.69
N PRO D 4 -13.46 9.07 -22.56
CA PRO D 4 -13.48 9.75 -21.26
C PRO D 4 -14.63 9.27 -20.38
N PRO D 5 -14.51 9.45 -19.06
CA PRO D 5 -15.57 8.96 -18.20
C PRO D 5 -16.85 9.79 -18.26
N LYS D 6 -17.98 9.13 -18.08
CA LYS D 6 -19.23 9.82 -17.78
C LYS D 6 -19.43 9.69 -16.29
N ILE D 7 -19.79 10.80 -15.64
CA ILE D 7 -19.91 10.87 -14.19
C ILE D 7 -21.31 11.29 -13.81
N GLN D 8 -21.88 10.55 -12.87
CA GLN D 8 -23.24 10.81 -12.39
C GLN D 8 -23.30 10.65 -10.88
N VAL D 9 -24.00 11.57 -10.23
CA VAL D 9 -24.05 11.61 -8.77
C VAL D 9 -25.50 11.64 -8.31
N TYR D 10 -25.87 10.73 -7.40
CA TYR D 10 -27.26 10.60 -6.93
C TYR D 10 -27.34 9.98 -5.52
N SER D 11 -28.42 10.27 -4.81
CA SER D 11 -28.61 9.72 -3.45
C SER D 11 -29.43 8.44 -3.54
N ARG D 12 -29.20 7.53 -2.60
CA ARG D 12 -29.88 6.24 -2.66
C ARG D 12 -31.34 6.42 -2.34
N HIS D 13 -31.62 7.29 -1.37
CA HIS D 13 -32.94 7.56 -0.84
C HIS D 13 -33.34 9.01 -1.10
N PRO D 14 -34.66 9.31 -1.16
CA PRO D 14 -35.01 10.72 -1.29
C PRO D 14 -34.32 11.53 -0.22
N PRO D 15 -33.57 12.58 -0.60
CA PRO D 15 -32.83 13.33 0.40
C PRO D 15 -33.75 14.11 1.35
N GLU D 16 -33.45 14.00 2.65
CA GLU D 16 -34.16 14.69 3.73
C GLU D 16 -33.12 15.34 4.63
N ASP D 17 -33.23 16.65 4.85
CA ASP D 17 -32.28 17.36 5.70
C ASP D 17 -32.10 16.64 7.05
N GLY D 18 -30.85 16.28 7.35
CA GLY D 18 -30.51 15.69 8.64
C GLY D 18 -30.80 14.22 8.78
N LYS D 19 -31.11 13.56 7.67
CA LYS D 19 -31.39 12.11 7.66
C LYS D 19 -30.24 11.34 6.98
N PRO D 20 -29.64 10.34 7.67
CA PRO D 20 -28.57 9.54 7.06
C PRO D 20 -29.02 8.86 5.75
N ASN D 21 -28.10 8.74 4.81
CA ASN D 21 -28.40 8.37 3.42
C ASN D 21 -27.12 7.78 2.76
N TYR D 22 -27.14 7.52 1.46
CA TYR D 22 -25.92 7.15 0.74
C TYR D 22 -25.70 8.03 -0.50
N LEU D 23 -24.45 8.44 -0.70
CA LEU D 23 -24.11 9.20 -1.88
C LEU D 23 -23.48 8.26 -2.90
N ASN D 24 -23.98 8.30 -4.13
CA ASN D 24 -23.51 7.42 -5.17
C ASN D 24 -22.88 8.20 -6.27
N CYS D 25 -21.67 7.80 -6.64
CA CYS D 25 -21.03 8.32 -7.80
C CYS D 25 -20.82 7.18 -8.78
N TYR D 26 -21.54 7.25 -9.89
CA TYR D 26 -21.45 6.25 -10.93
C TYR D 26 -20.61 6.77 -12.09
N VAL D 27 -19.47 6.11 -12.34
CA VAL D 27 -18.52 6.56 -13.35
C VAL D 27 -18.34 5.47 -14.41
N TYR D 28 -18.58 5.82 -15.69
CA TYR D 28 -18.75 4.78 -16.68
C TYR D 28 -18.48 5.20 -18.12
N GLY D 29 -18.35 4.22 -19.00
CA GLY D 29 -18.22 4.47 -20.44
C GLY D 29 -16.80 4.79 -20.83
N PHE D 30 -15.86 4.62 -19.90
CA PHE D 30 -14.47 5.08 -20.08
C PHE D 30 -13.47 3.97 -20.50
N HIS D 31 -12.29 4.41 -20.96
CA HIS D 31 -11.20 3.52 -21.39
C HIS D 31 -9.93 4.35 -21.57
N PRO D 32 -8.75 3.83 -21.13
CA PRO D 32 -8.40 2.60 -20.42
C PRO D 32 -8.98 2.56 -19.00
N PRO D 33 -8.83 1.42 -18.29
CA PRO D 33 -9.52 1.30 -16.99
C PRO D 33 -8.92 2.09 -15.83
N GLN D 34 -7.70 2.58 -15.97
CA GLN D 34 -7.03 3.34 -14.92
C GLN D 34 -7.78 4.61 -14.63
N ILE D 35 -8.17 4.80 -13.37
CA ILE D 35 -9.02 5.93 -12.99
C ILE D 35 -8.99 6.19 -11.48
N GLU D 36 -9.12 7.46 -11.09
CA GLU D 36 -9.18 7.83 -9.68
C GLU D 36 -10.52 8.51 -9.34
N ILE D 37 -11.31 7.90 -8.47
CA ILE D 37 -12.62 8.45 -8.08
C ILE D 37 -12.71 8.77 -6.60
N ASP D 38 -12.95 10.03 -6.28
CA ASP D 38 -13.13 10.43 -4.89
C ASP D 38 -14.43 11.16 -4.60
N LEU D 39 -15.00 10.85 -3.43
CA LEU D 39 -16.20 11.52 -2.96
C LEU D 39 -15.81 12.62 -1.99
N LEU D 40 -16.42 13.79 -2.17
CA LEU D 40 -16.03 14.98 -1.42
C LEU D 40 -17.17 15.63 -0.62
N LYS D 41 -16.80 16.14 0.55
CA LYS D 41 -17.64 16.93 1.42
C LYS D 41 -16.92 18.24 1.68
N ASN D 42 -17.47 19.34 1.16
CA ASN D 42 -16.89 20.69 1.28
C ASN D 42 -15.44 20.76 0.79
N GLY D 43 -15.18 20.17 -0.38
CA GLY D 43 -13.87 20.16 -1.00
C GLY D 43 -12.92 19.06 -0.54
N GLU D 44 -13.31 18.31 0.48
CA GLU D 44 -12.42 17.31 1.09
C GLU D 44 -12.95 15.87 1.00
N LYS D 45 -12.03 14.90 0.94
CA LYS D 45 -12.38 13.50 0.78
C LYS D 45 -13.24 13.01 1.94
N ILE D 46 -14.25 12.22 1.62
CA ILE D 46 -14.89 11.38 2.65
C ILE D 46 -14.66 9.93 2.30
N LYS D 47 -14.67 9.08 3.34
CA LYS D 47 -14.49 7.63 3.16
C LYS D 47 -15.59 7.09 2.26
N SER D 48 -15.20 6.43 1.18
CA SER D 48 -16.16 5.77 0.28
C SER D 48 -15.73 4.33 -0.06
N GLU D 49 -16.67 3.53 -0.55
CA GLU D 49 -16.37 2.20 -1.05
C GLU D 49 -16.48 2.24 -2.58
N GLN D 50 -15.65 1.49 -3.26
CA GLN D 50 -15.74 1.39 -4.71
C GLN D 50 -16.03 -0.06 -5.09
N SER D 51 -16.92 -0.29 -6.05
CA SER D 51 -17.15 -1.62 -6.59
C SER D 51 -15.87 -2.14 -7.29
N ASP D 52 -15.74 -3.48 -7.40
CA ASP D 52 -14.71 -4.06 -8.30
C ASP D 52 -14.98 -3.58 -9.74
N LEU D 53 -13.93 -3.36 -10.49
CA LEU D 53 -14.03 -2.90 -11.86
C LEU D 53 -14.84 -3.86 -12.72
N SER D 54 -15.69 -3.29 -13.56
CA SER D 54 -16.46 -4.07 -14.50
C SER D 54 -16.56 -3.34 -15.85
N PHE D 55 -17.27 -3.95 -16.82
CA PHE D 55 -17.44 -3.36 -18.13
C PHE D 55 -18.73 -3.81 -18.79
N SER D 56 -19.23 -3.01 -19.73
CA SER D 56 -20.52 -3.31 -20.40
C SER D 56 -20.28 -4.11 -21.67
N LYS D 57 -21.37 -4.43 -22.37
CA LYS D 57 -21.33 -5.28 -23.57
C LYS D 57 -20.38 -4.71 -24.59
N ASP D 58 -20.32 -3.37 -24.66
CA ASP D 58 -19.45 -2.67 -25.60
C ASP D 58 -17.99 -2.48 -25.12
N TRP D 59 -17.64 -3.21 -24.05
CA TRP D 59 -16.28 -3.24 -23.47
C TRP D 59 -15.82 -2.00 -22.67
N SER D 60 -16.63 -0.96 -22.66
CA SER D 60 -16.28 0.26 -21.90
C SER D 60 -16.45 0.01 -20.39
N PHE D 61 -15.55 0.56 -19.59
CA PHE D 61 -15.53 0.21 -18.16
C PHE D 61 -16.55 0.95 -17.33
N TYR D 62 -16.82 0.45 -16.11
CA TYR D 62 -17.67 1.17 -15.16
C TYR D 62 -17.39 0.84 -13.70
N LEU D 63 -17.61 1.84 -12.86
CA LEU D 63 -17.42 1.74 -11.43
C LEU D 63 -18.52 2.49 -10.69
N LEU D 64 -18.86 2.00 -9.50
CA LEU D 64 -19.74 2.70 -8.56
C LEU D 64 -18.95 2.97 -7.29
N SER D 65 -19.02 4.22 -6.83
CA SER D 65 -18.33 4.65 -5.64
C SER D 65 -19.43 5.12 -4.72
N HIS D 66 -19.43 4.73 -3.44
CA HIS D 66 -20.52 5.19 -2.55
C HIS D 66 -20.12 5.42 -1.11
N ALA D 67 -20.80 6.35 -0.45
CA ALA D 67 -20.48 6.71 0.93
C ALA D 67 -21.71 7.04 1.77
N GLU D 68 -21.61 6.73 3.07
CA GLU D 68 -22.54 7.21 4.07
C GLU D 68 -22.43 8.73 4.08
N PHE D 69 -23.57 9.40 4.09
CA PHE D 69 -23.59 10.85 4.27
C PHE D 69 -24.91 11.33 4.89
N THR D 70 -24.87 12.47 5.58
CA THR D 70 -26.08 13.10 6.09
C THR D 70 -26.21 14.51 5.49
N PRO D 71 -27.15 14.68 4.54
CA PRO D 71 -27.29 15.95 3.85
C PRO D 71 -27.96 17.00 4.72
N ASN D 72 -27.69 18.28 4.43
CA ASN D 72 -28.33 19.41 5.13
C ASN D 72 -28.37 20.69 4.28
N SER D 73 -28.63 21.82 4.92
CA SER D 73 -28.69 23.10 4.21
C SER D 73 -27.32 23.55 3.68
N LYS D 74 -26.29 23.42 4.51
CA LYS D 74 -25.00 24.06 4.22
C LYS D 74 -24.02 23.22 3.40
N ASP D 75 -23.96 21.92 3.68
CA ASP D 75 -22.91 21.05 3.14
C ASP D 75 -23.03 20.73 1.64
N GLN D 76 -21.97 21.03 0.89
CA GLN D 76 -21.90 20.67 -0.53
C GLN D 76 -21.10 19.37 -0.73
N TYR D 77 -21.61 18.51 -1.62
CA TYR D 77 -20.96 17.25 -1.92
C TYR D 77 -20.66 17.12 -3.40
N SER D 78 -19.60 16.38 -3.72
CA SER D 78 -19.23 16.17 -5.13
C SER D 78 -18.44 14.89 -5.41
N CYS D 79 -18.21 14.65 -6.70
CA CYS D 79 -17.39 13.54 -7.16
C CYS D 79 -16.23 14.01 -8.04
N ARG D 80 -14.99 13.81 -7.56
CA ARG D 80 -13.78 14.17 -8.30
C ARG D 80 -13.22 12.95 -9.03
N VAL D 81 -12.95 13.10 -10.32
CA VAL D 81 -12.45 11.99 -11.14
C VAL D 81 -11.18 12.36 -11.92
N LYS D 82 -10.16 11.50 -11.81
CA LYS D 82 -8.92 11.65 -12.57
C LYS D 82 -8.83 10.49 -13.56
N HIS D 83 -8.67 10.83 -14.84
CA HIS D 83 -8.51 9.88 -15.92
C HIS D 83 -7.43 10.45 -16.86
N VAL D 84 -6.85 9.61 -17.70
CA VAL D 84 -5.85 10.10 -18.67
C VAL D 84 -6.47 10.98 -19.77
N THR D 85 -7.80 10.90 -19.94
CA THR D 85 -8.49 11.70 -20.95
C THR D 85 -8.80 13.13 -20.48
N LEU D 86 -8.79 13.33 -19.17
CA LEU D 86 -9.07 14.65 -18.61
C LEU D 86 -7.77 15.33 -18.20
N GLU D 87 -7.53 16.53 -18.73
CA GLU D 87 -6.39 17.33 -18.32
C GLU D 87 -6.50 17.65 -16.84
N GLN D 88 -7.61 18.27 -16.45
CA GLN D 88 -7.86 18.56 -15.04
C GLN D 88 -8.85 17.57 -14.44
N PRO D 89 -8.69 17.21 -13.15
CA PRO D 89 -9.67 16.40 -12.44
C PRO D 89 -11.05 17.01 -12.54
N ARG D 90 -12.01 16.24 -13.03
CA ARG D 90 -13.37 16.72 -13.23
C ARG D 90 -14.18 16.62 -11.94
N ILE D 91 -14.91 17.68 -11.61
CA ILE D 91 -15.75 17.67 -10.42
C ILE D 91 -17.25 17.77 -10.76
N VAL D 92 -17.99 16.73 -10.40
CA VAL D 92 -19.46 16.76 -10.49
C VAL D 92 -20.10 16.87 -9.11
N LYS D 93 -20.63 18.06 -8.83
CA LYS D 93 -21.34 18.37 -7.60
C LYS D 93 -22.67 17.63 -7.51
N TRP D 94 -23.04 17.23 -6.30
CA TRP D 94 -24.34 16.62 -6.12
C TRP D 94 -25.40 17.70 -6.12
N ASP D 95 -26.19 17.74 -7.19
CA ASP D 95 -27.31 18.65 -7.23
C ASP D 95 -28.53 17.91 -6.69
N ARG D 96 -28.81 18.17 -5.42
CA ARG D 96 -29.92 17.56 -4.68
C ARG D 96 -31.19 17.44 -5.51
N ASP D 97 -31.38 18.38 -6.44
CA ASP D 97 -32.59 18.47 -7.24
C ASP D 97 -32.43 17.96 -8.69
N LEU D 98 -31.34 17.23 -8.97
CA LEU D 98 -31.10 16.64 -10.30
C LEU D 98 -30.35 15.32 -10.22
N VAL E 3 36.46 -15.39 50.43
CA VAL E 3 36.63 -14.27 49.45
C VAL E 3 36.70 -12.88 50.11
N PHE E 4 37.09 -11.89 49.32
CA PHE E 4 37.41 -10.55 49.80
C PHE E 4 36.18 -9.73 50.18
N GLN E 5 36.20 -9.14 51.37
CA GLN E 5 35.05 -8.42 51.89
C GLN E 5 35.16 -6.86 51.85
N GLY E 6 34.03 -6.21 51.60
CA GLY E 6 34.00 -4.76 51.50
C GLY E 6 34.43 -4.28 50.12
N PRO E 7 34.59 -2.96 49.97
CA PRO E 7 34.82 -2.38 48.63
C PRO E 7 36.22 -2.58 48.06
N THR E 8 36.32 -2.49 46.74
CA THR E 8 37.55 -2.73 46.02
C THR E 8 37.90 -1.55 45.09
N SER E 9 37.16 -0.44 45.22
CA SER E 9 37.40 0.70 44.33
C SER E 9 37.19 2.04 45.00
N PHE E 10 37.93 3.04 44.55
CA PHE E 10 37.71 4.43 44.97
C PHE E 10 37.34 5.28 43.78
N HIS E 11 36.34 6.15 43.89
CA HIS E 11 36.10 7.14 42.81
C HIS E 11 35.79 8.51 43.31
N LEU E 12 36.34 9.49 42.61
CA LEU E 12 35.90 10.86 42.72
C LEU E 12 34.72 10.97 41.77
N MET E 13 33.67 11.67 42.18
N MET E 13 33.69 11.69 42.20
CA MET E 13 32.49 11.82 41.35
CA MET E 13 32.48 11.86 41.42
C MET E 13 32.07 13.27 41.23
C MET E 13 32.22 13.33 41.21
N GLN E 14 31.84 13.70 39.98
CA GLN E 14 31.58 15.10 39.63
C GLN E 14 30.26 15.18 38.88
N ILE E 15 29.37 16.06 39.33
CA ILE E 15 28.13 16.39 38.60
C ILE E 15 28.14 17.90 38.39
N SER E 16 28.17 18.30 37.12
CA SER E 16 28.28 19.71 36.75
C SER E 16 27.09 20.10 35.92
N THR E 17 26.29 21.04 36.42
CA THR E 17 25.08 21.46 35.72
C THR E 17 25.25 22.84 35.10
N PHE E 18 25.08 22.92 33.78
CA PHE E 18 25.21 24.20 33.09
C PHE E 18 23.84 24.72 32.64
N VAL E 19 23.32 25.69 33.40
CA VAL E 19 21.94 26.17 33.20
C VAL E 19 21.83 27.30 32.18
N ASN E 20 22.71 28.30 32.31
CA ASN E 20 22.87 29.35 31.30
C ASN E 20 24.29 29.91 31.31
N SER E 21 24.54 30.94 30.50
CA SER E 21 25.89 31.50 30.34
C SER E 21 26.48 32.10 31.62
N THR E 22 25.65 32.30 32.63
CA THR E 22 26.10 32.87 33.89
C THR E 22 25.73 32.00 35.09
N TRP E 23 25.32 30.76 34.84
CA TRP E 23 24.91 29.89 35.95
C TRP E 23 25.21 28.43 35.70
N ALA E 24 26.17 27.93 36.47
CA ALA E 24 26.57 26.56 36.43
C ALA E 24 26.94 26.14 37.84
N GLN E 25 26.70 24.87 38.15
CA GLN E 25 26.89 24.35 39.50
C GLN E 25 27.74 23.08 39.45
N ASN E 26 28.66 22.95 40.40
CA ASN E 26 29.39 21.71 40.57
C ASN E 26 29.02 21.06 41.86
N GLN E 27 28.87 19.73 41.81
CA GLN E 27 28.76 18.90 43.01
C GLN E 27 29.83 17.83 42.96
N GLY E 28 30.43 17.53 44.10
CA GLY E 28 31.51 16.58 44.15
C GLY E 28 31.45 15.70 45.36
N SER E 29 32.07 14.53 45.28
CA SER E 29 32.09 13.61 46.37
C SER E 29 33.12 12.52 46.07
N GLY E 30 33.49 11.74 47.08
CA GLY E 30 34.36 10.58 46.87
C GLY E 30 33.75 9.32 47.47
N TRP E 31 33.98 8.17 46.83
CA TRP E 31 33.27 6.93 47.14
C TRP E 31 34.19 5.71 47.14
N LEU E 32 33.96 4.80 48.09
CA LEU E 32 34.43 3.43 48.02
C LEU E 32 33.28 2.55 47.57
N ASP E 33 33.41 1.96 46.38
CA ASP E 33 32.30 1.36 45.69
C ASP E 33 31.14 2.34 45.85
N ASP E 34 30.04 1.91 46.48
CA ASP E 34 28.93 2.82 46.69
C ASP E 34 28.84 3.39 48.13
N LEU E 35 29.96 3.45 48.84
CA LEU E 35 29.95 4.04 50.18
C LEU E 35 30.62 5.42 50.13
N GLN E 36 29.91 6.48 50.56
CA GLN E 36 30.46 7.84 50.48
C GLN E 36 31.44 8.10 51.62
N ILE E 37 32.67 8.45 51.26
CA ILE E 37 33.69 8.77 52.26
C ILE E 37 34.15 10.26 52.24
N HIS E 38 33.86 10.96 51.14
CA HIS E 38 34.15 12.38 51.05
C HIS E 38 32.94 13.14 50.56
N GLY E 39 32.74 14.31 51.16
CA GLY E 39 31.81 15.29 50.64
C GLY E 39 32.60 16.49 50.14
N TRP E 40 31.89 17.49 49.60
CA TRP E 40 32.55 18.62 48.97
C TRP E 40 31.65 19.82 49.13
N GLU E 41 32.10 20.86 49.81
CA GLU E 41 31.36 22.11 49.88
C GLU E 41 31.83 22.94 48.70
N SER E 42 30.96 23.08 47.71
CA SER E 42 31.31 23.68 46.43
C SER E 42 31.65 25.16 46.49
N ASP E 43 31.03 25.89 47.40
CA ASP E 43 31.26 27.32 47.52
C ASP E 43 32.70 27.65 47.85
N SER E 44 33.17 27.14 48.98
CA SER E 44 34.54 27.39 49.44
C SER E 44 35.48 26.41 48.78
N GLY E 45 34.91 25.37 48.20
CA GLY E 45 35.71 24.31 47.63
C GLY E 45 36.48 23.58 48.71
N THR E 46 35.82 23.19 49.80
CA THR E 46 36.48 22.43 50.86
C THR E 46 35.95 20.99 51.00
N ALA E 47 36.86 20.07 51.28
CA ALA E 47 36.52 18.68 51.42
C ALA E 47 35.84 18.42 52.77
N ILE E 48 34.98 17.40 52.82
CA ILE E 48 34.38 16.97 54.07
C ILE E 48 34.75 15.53 54.28
N PHE E 49 35.38 15.26 55.42
CA PHE E 49 35.90 13.89 55.66
C PHE E 49 34.92 13.15 56.55
N LEU E 50 34.15 12.26 55.91
CA LEU E 50 32.97 11.66 56.53
C LEU E 50 33.32 10.56 57.52
N LYS E 51 34.54 10.03 57.41
CA LYS E 51 34.93 8.87 58.18
C LYS E 51 36.21 9.16 58.93
N PRO E 52 36.40 8.49 60.07
CA PRO E 52 37.65 8.65 60.79
C PRO E 52 38.87 8.43 59.88
N TRP E 53 38.71 7.57 58.90
CA TRP E 53 39.82 7.07 58.09
C TRP E 53 39.77 7.57 56.66
N SER E 54 38.93 8.57 56.40
CA SER E 54 38.77 9.14 55.07
C SER E 54 40.06 9.65 54.40
N LYS E 55 41.13 9.91 55.16
CA LYS E 55 42.36 10.35 54.53
C LYS E 55 43.33 9.19 54.31
N GLY E 56 42.88 7.97 54.59
CA GLY E 56 43.68 6.78 54.31
C GLY E 56 45.02 6.83 55.01
N ASN E 57 46.08 6.53 54.30
CA ASN E 57 47.42 6.70 54.87
C ASN E 57 48.07 7.99 54.38
N PHE E 58 47.29 8.96 53.92
CA PHE E 58 47.94 10.17 53.35
C PHE E 58 48.24 11.18 54.49
N SER E 59 49.37 11.86 54.45
CA SER E 59 49.55 13.00 55.37
C SER E 59 48.53 14.14 55.11
N ASP E 60 48.25 14.93 56.15
CA ASP E 60 47.52 16.21 56.02
C ASP E 60 48.00 17.10 54.86
N ASP E 61 49.31 17.32 54.76
CA ASP E 61 49.84 18.14 53.69
C ASP E 61 49.45 17.59 52.31
N GLU E 62 49.51 16.26 52.12
CA GLU E 62 49.25 15.72 50.80
C GLU E 62 47.76 15.81 50.49
N VAL E 63 46.95 15.57 51.50
CA VAL E 63 45.53 15.74 51.37
C VAL E 63 45.13 17.19 51.02
N THR E 64 45.68 18.18 51.73
CA THR E 64 45.43 19.60 51.46
C THR E 64 45.80 20.01 50.01
N GLU E 65 46.96 19.56 49.56
CA GLU E 65 47.43 19.81 48.19
C GLU E 65 46.50 19.28 47.13
N LEU E 66 45.91 18.13 47.41
CA LEU E 66 44.95 17.50 46.51
C LEU E 66 43.64 18.29 46.48
N VAL E 67 43.13 18.67 47.65
CA VAL E 67 41.94 19.52 47.80
C VAL E 67 42.12 20.86 47.09
N ASP E 68 43.28 21.49 47.28
CA ASP E 68 43.64 22.72 46.53
C ASP E 68 43.55 22.48 45.01
N LEU E 69 44.02 21.31 44.60
CA LEU E 69 43.95 20.95 43.20
C LEU E 69 42.50 20.81 42.70
N PHE E 70 41.65 20.11 43.45
CA PHE E 70 40.28 19.95 43.01
C PHE E 70 39.52 21.27 43.01
N ARG E 71 39.84 22.11 43.98
CA ARG E 71 39.25 23.42 44.05
C ARG E 71 39.53 24.17 42.75
N ALA E 72 40.79 24.20 42.36
CA ALA E 72 41.22 24.90 41.13
C ALA E 72 40.61 24.21 39.91
N TYR E 73 40.54 22.89 39.95
CA TYR E 73 39.96 22.11 38.86
C TYR E 73 38.51 22.53 38.53
N PHE E 74 37.66 22.60 39.54
CA PHE E 74 36.25 22.96 39.32
C PHE E 74 36.11 24.36 38.81
N ILE E 75 36.92 25.28 39.34
CA ILE E 75 36.93 26.65 38.86
C ILE E 75 37.37 26.69 37.40
N GLY E 76 38.51 26.08 37.10
CA GLY E 76 39.00 25.94 35.72
C GLY E 76 38.02 25.28 34.77
N PHE E 77 37.56 24.08 35.13
CA PHE E 77 36.60 23.31 34.34
C PHE E 77 35.34 24.11 33.97
N THR E 78 34.71 24.75 34.94
CA THR E 78 33.49 25.53 34.65
C THR E 78 33.77 26.62 33.61
N ARG E 79 34.83 27.39 33.84
CA ARG E 79 35.25 28.46 32.93
C ARG E 79 35.42 27.96 31.49
N GLU E 80 36.24 26.91 31.32
CA GLU E 80 36.48 26.32 30.00
C GLU E 80 35.19 25.88 29.32
N VAL E 81 34.31 25.19 30.05
CA VAL E 81 33.08 24.70 29.42
C VAL E 81 32.25 25.87 28.93
N GLN E 82 32.04 26.84 29.80
CA GLN E 82 31.37 28.08 29.42
C GLN E 82 31.96 28.79 28.19
N ASP E 83 33.29 28.81 28.08
CA ASP E 83 33.99 29.40 26.92
C ASP E 83 33.70 28.64 25.62
N ARG E 84 33.50 27.32 25.74
CA ARG E 84 33.53 26.43 24.60
C ARG E 84 32.14 25.97 24.18
N VAL E 85 31.11 26.51 24.81
CA VAL E 85 29.74 26.14 24.48
C VAL E 85 29.40 26.21 22.98
N ASN E 86 29.79 27.28 22.31
CA ASN E 86 29.52 27.45 20.89
C ASN E 86 30.30 26.46 20.07
N GLU E 87 31.61 26.41 20.31
CA GLU E 87 32.53 25.53 19.60
C GLU E 87 32.08 24.06 19.62
N PHE E 88 31.52 23.62 20.75
CA PHE E 88 31.07 22.23 20.90
C PHE E 88 29.56 22.12 20.74
N GLN E 89 28.95 23.21 20.31
CA GLN E 89 27.51 23.31 20.04
C GLN E 89 26.68 22.62 21.13
N LEU E 90 26.85 23.08 22.36
CA LEU E 90 26.10 22.55 23.50
C LEU E 90 24.90 23.45 23.70
N GLU E 91 23.76 22.86 24.10
CA GLU E 91 22.54 23.63 24.30
C GLU E 91 22.16 23.62 25.75
N TYR E 92 22.03 24.82 26.33
CA TYR E 92 21.56 24.97 27.70
C TYR E 92 20.12 24.49 27.79
N PRO E 93 19.78 23.76 28.88
CA PRO E 93 20.70 23.30 29.94
C PRO E 93 21.36 21.96 29.60
N PHE E 94 22.51 21.68 30.20
CA PHE E 94 23.17 20.39 29.96
C PHE E 94 23.98 19.97 31.16
N VAL E 95 24.02 18.66 31.42
CA VAL E 95 24.80 18.11 32.53
C VAL E 95 26.04 17.34 32.05
N ILE E 96 27.18 17.57 32.70
CA ILE E 96 28.36 16.74 32.52
C ILE E 96 28.56 15.94 33.79
N GLN E 97 28.85 14.64 33.65
CA GLN E 97 29.22 13.80 34.79
C GLN E 97 30.61 13.17 34.55
N VAL E 98 31.38 13.00 35.62
CA VAL E 98 32.72 12.42 35.57
C VAL E 98 32.92 11.49 36.77
N THR E 99 33.49 10.30 36.54
CA THR E 99 34.04 9.49 37.64
C THR E 99 35.51 9.24 37.35
N ALA E 100 36.34 9.26 38.36
CA ALA E 100 37.76 9.08 38.16
C ALA E 100 38.30 8.38 39.38
N GLY E 101 39.04 7.30 39.16
CA GLY E 101 39.60 6.56 40.29
C GLY E 101 40.15 5.24 39.84
N CYS E 102 40.18 4.28 40.75
CA CYS E 102 40.89 3.06 40.48
C CYS E 102 40.23 1.86 41.17
N GLU E 103 40.67 0.65 40.82
CA GLU E 103 39.98 -0.57 41.22
C GLU E 103 40.93 -1.75 41.40
N LEU E 104 40.74 -2.53 42.45
CA LEU E 104 41.49 -3.78 42.62
C LEU E 104 41.00 -4.83 41.66
N HIS E 105 41.94 -5.65 41.21
CA HIS E 105 41.62 -6.89 40.55
C HIS E 105 42.44 -8.02 41.16
N SER E 106 41.72 -9.04 41.61
CA SER E 106 42.28 -10.27 42.18
C SER E 106 43.54 -10.70 41.41
N GLY E 107 44.70 -10.51 42.05
CA GLY E 107 46.00 -10.79 41.45
C GLY E 107 47.13 -10.05 42.16
N ALA E 109 46.84 -6.13 40.93
CA ALA E 109 46.82 -5.50 39.61
C ALA E 109 45.79 -4.33 39.51
N ILE E 110 46.18 -3.14 39.96
CA ILE E 110 45.27 -1.97 40.03
C ILE E 110 45.09 -1.25 38.70
N GLU E 111 43.83 -1.10 38.31
CA GLU E 111 43.40 -0.48 37.06
C GLU E 111 42.79 0.91 37.35
N SER E 112 43.11 1.90 36.51
CA SER E 112 42.66 3.29 36.72
C SER E 112 42.03 3.86 35.47
N SER E 113 41.05 4.75 35.66
CA SER E 113 40.43 5.47 34.52
C SER E 113 39.55 6.61 34.93
N LEU E 114 39.43 7.56 34.01
CA LEU E 114 38.45 8.63 34.09
C LEU E 114 37.35 8.34 33.07
N ARG E 115 36.10 8.50 33.48
CA ARG E 115 34.99 8.36 32.55
C ARG E 115 34.12 9.59 32.58
N GLY E 116 33.80 10.10 31.40
CA GLY E 116 32.88 11.20 31.29
C GLY E 116 31.62 10.93 30.51
N ALA E 117 30.57 11.66 30.88
CA ALA E 117 29.26 11.60 30.22
C ALA E 117 28.76 12.99 29.92
N LEU E 118 27.98 13.10 28.85
CA LEU E 118 27.24 14.31 28.53
C LEU E 118 25.80 13.93 28.24
N GLY E 119 24.86 14.64 28.86
CA GLY E 119 23.43 14.42 28.63
C GLY E 119 23.03 13.04 29.13
N GLY E 120 23.79 12.51 30.09
CA GLY E 120 23.50 11.19 30.64
C GLY E 120 23.92 10.02 29.77
N LEU E 121 24.72 10.31 28.75
CA LEU E 121 25.28 9.29 27.85
C LEU E 121 26.83 9.29 27.87
N ASP E 122 27.46 8.11 27.75
CA ASP E 122 28.92 7.96 27.63
C ASP E 122 29.46 8.98 26.65
N PHE E 123 30.48 9.73 27.05
CA PHE E 123 31.13 10.67 26.13
C PHE E 123 32.61 10.32 25.90
N VAL E 124 33.34 10.04 26.97
CA VAL E 124 34.79 9.82 26.85
C VAL E 124 35.33 8.98 28.00
N SER E 125 36.43 8.27 27.77
CA SER E 125 37.15 7.72 28.89
C SER E 125 38.62 8.06 28.68
N ILE E 126 39.33 8.32 29.77
CA ILE E 126 40.75 8.63 29.72
C ILE E 126 41.51 7.59 30.52
N GLN E 127 42.41 6.85 29.87
CA GLN E 127 43.28 5.86 30.53
C GLN E 127 44.64 5.93 29.87
N ASN E 128 45.69 5.55 30.62
CA ASN E 128 47.00 5.28 30.04
C ASN E 128 47.44 6.42 29.15
N HIS E 129 47.24 7.65 29.62
CA HIS E 129 47.55 8.85 28.84
C HIS E 129 46.95 8.85 27.42
N SER E 130 45.73 8.33 27.33
CA SER E 130 44.98 8.33 26.08
C SER E 130 43.54 8.67 26.36
N CYS E 131 43.00 9.53 25.50
CA CYS E 131 41.59 9.93 25.54
C CYS E 131 40.88 9.07 24.49
N VAL E 132 39.79 8.44 24.87
CA VAL E 132 39.06 7.59 23.92
C VAL E 132 37.61 8.05 23.86
N PRO E 133 37.19 8.70 22.76
CA PRO E 133 35.77 9.09 22.70
C PRO E 133 34.89 7.85 22.70
N ALA E 134 33.74 7.97 23.35
CA ALA E 134 32.76 6.89 23.36
C ALA E 134 32.31 6.67 21.92
N PRO E 135 31.98 5.41 21.57
CA PRO E 135 31.35 5.22 20.27
C PRO E 135 29.99 5.91 20.35
N ASP E 136 29.67 6.69 19.31
CA ASP E 136 28.47 7.52 19.28
C ASP E 136 28.65 8.96 19.78
N SER E 137 29.80 9.30 20.35
CA SER E 137 30.01 10.69 20.77
C SER E 137 30.17 11.61 19.53
N GLY E 138 30.32 10.98 18.36
CA GLY E 138 30.46 11.68 17.11
C GLY E 138 31.72 12.51 17.07
N SER E 139 31.72 13.50 16.18
CA SER E 139 32.84 14.40 16.01
C SER E 139 33.09 15.24 17.26
N ARG E 140 32.06 15.51 18.05
CA ARG E 140 32.25 16.21 19.30
C ARG E 140 33.19 15.44 20.27
N GLY E 141 33.10 14.11 20.28
CA GLY E 141 34.04 13.30 21.06
C GLY E 141 35.48 13.46 20.58
N GLN E 142 35.67 13.41 19.25
CA GLN E 142 36.98 13.60 18.61
C GLN E 142 37.55 15.00 18.78
N LYS E 143 36.68 16.02 18.74
CA LYS E 143 37.11 17.39 19.02
C LYS E 143 37.63 17.47 20.46
N PHE E 144 36.85 16.94 21.41
CA PHE E 144 37.26 16.92 22.81
C PHE E 144 38.62 16.25 22.99
N CYS E 145 38.79 15.06 22.43
CA CYS E 145 40.02 14.31 22.64
C CYS E 145 41.22 15.02 22.03
N ALA E 146 41.01 15.65 20.87
CA ALA E 146 42.00 16.49 20.21
C ALA E 146 42.38 17.63 21.14
N LEU E 147 41.36 18.29 21.69
CA LEU E 147 41.56 19.36 22.67
C LEU E 147 42.51 19.00 23.82
N THR E 148 42.34 17.80 24.41
CA THR E 148 43.18 17.37 25.54
C THR E 148 44.67 17.28 25.23
N THR E 149 45.02 17.09 23.97
CA THR E 149 46.44 17.08 23.60
C THR E 149 47.07 18.48 23.51
N GLN E 150 46.23 19.52 23.59
CA GLN E 150 46.72 20.91 23.64
C GLN E 150 46.93 21.32 25.12
N TYR E 151 46.49 20.46 26.04
CA TYR E 151 46.53 20.68 27.50
C TYR E 151 47.34 19.61 28.20
N GLN E 152 48.57 19.43 27.74
CA GLN E 152 49.50 18.41 28.21
C GLN E 152 49.74 18.42 29.74
N GLY E 153 49.74 19.60 30.37
CA GLY E 153 50.03 19.70 31.80
C GLY E 153 48.86 19.20 32.61
N ILE E 154 47.66 19.55 32.17
CA ILE E 154 46.44 19.07 32.82
C ILE E 154 46.24 17.55 32.60
N SER E 155 46.38 17.09 31.35
CA SER E 155 46.41 15.66 31.06
C SER E 155 47.48 14.95 31.89
N ASP E 156 48.68 15.55 32.00
CA ASP E 156 49.72 14.94 32.85
C ASP E 156 49.34 14.88 34.34
N ILE E 157 48.67 15.92 34.84
CA ILE E 157 48.25 15.97 36.24
C ILE E 157 47.25 14.87 36.51
N ILE E 158 46.27 14.77 35.62
CA ILE E 158 45.26 13.73 35.69
C ILE E 158 45.87 12.32 35.63
N GLU E 159 46.83 12.11 34.71
CA GLU E 159 47.45 10.81 34.53
C GLU E 159 48.29 10.41 35.76
N ARG E 160 49.03 11.35 36.34
CA ARG E 160 49.66 11.06 37.65
C ARG E 160 48.61 10.70 38.74
N LEU E 161 47.50 11.43 38.79
CA LEU E 161 46.45 11.14 39.76
C LEU E 161 45.88 9.75 39.59
N LEU E 162 45.66 9.37 38.33
CA LEU E 162 45.05 8.09 38.02
C LEU E 162 45.98 6.96 38.32
N SER E 163 47.21 7.07 37.86
CA SER E 163 48.05 5.90 37.83
C SER E 163 49.07 5.89 38.95
N GLU E 164 49.26 7.01 39.64
CA GLU E 164 50.28 7.08 40.71
C GLU E 164 49.65 7.31 42.07
N THR E 165 48.79 8.32 42.18
CA THR E 165 48.18 8.70 43.46
C THR E 165 47.09 7.74 43.90
N CYS E 166 46.09 7.54 43.05
CA CYS E 166 44.91 6.73 43.36
C CYS E 166 45.19 5.27 43.80
N PRO E 167 46.12 4.55 43.15
CA PRO E 167 46.42 3.19 43.65
C PRO E 167 46.98 3.18 45.09
N ARG E 168 47.79 4.18 45.36
CA ARG E 168 48.44 4.41 46.63
C ARG E 168 47.35 4.74 47.68
N TYR E 169 46.53 5.74 47.35
CA TYR E 169 45.35 6.08 48.13
C TYR E 169 44.41 4.90 48.42
N LEU E 170 44.03 4.18 47.39
CA LEU E 170 43.10 3.07 47.55
C LEU E 170 43.61 2.00 48.54
N LEU E 171 44.88 1.60 48.41
CA LEU E 171 45.43 0.57 49.28
C LEU E 171 45.51 1.08 50.71
N GLY E 172 45.89 2.35 50.86
CA GLY E 172 45.99 2.96 52.16
C GLY E 172 44.64 3.10 52.85
N VAL E 173 43.60 3.45 52.09
CA VAL E 173 42.29 3.67 52.67
C VAL E 173 41.64 2.34 53.05
N LEU E 174 41.85 1.30 52.24
CA LEU E 174 41.30 0.00 52.56
C LEU E 174 41.93 -0.54 53.85
N ASP E 175 43.18 -0.21 54.12
CA ASP E 175 43.84 -0.62 55.34
C ASP E 175 43.34 0.23 56.52
N ALA E 176 43.34 1.56 56.33
CA ALA E 176 42.91 2.49 57.35
C ALA E 176 41.51 2.20 57.85
N GLY E 177 40.60 1.86 56.94
CA GLY E 177 39.22 1.66 57.32
C GLY E 177 38.87 0.20 57.35
N LYS E 178 39.88 -0.65 57.35
CA LYS E 178 39.65 -2.11 57.23
C LYS E 178 38.59 -2.67 58.19
N ALA E 179 38.66 -2.26 59.46
CA ALA E 179 37.83 -2.81 60.51
C ALA E 179 36.36 -2.56 60.23
N GLU E 180 36.05 -1.32 59.88
CA GLU E 180 34.69 -0.96 59.53
C GLU E 180 34.26 -1.54 58.16
N LEU E 181 35.18 -1.58 57.18
CA LEU E 181 34.86 -2.04 55.84
C LEU E 181 34.68 -3.52 55.76
N GLN E 182 35.22 -4.24 56.73
CA GLN E 182 35.11 -5.71 56.72
C GLN E 182 34.27 -6.27 57.88
N ARG E 183 33.54 -5.37 58.54
N ARG E 183 33.56 -5.40 58.59
CA ARG E 183 32.59 -5.70 59.60
CA ARG E 183 32.71 -5.79 59.69
C ARG E 183 31.47 -6.56 59.03
C ARG E 183 31.43 -6.44 59.14
N GLN E 184 30.93 -7.43 59.86
CA GLN E 184 29.82 -8.23 59.47
C GLN E 184 28.64 -7.75 60.31
N VAL E 185 27.55 -7.40 59.64
CA VAL E 185 26.35 -6.97 60.31
C VAL E 185 25.23 -7.85 59.82
N LYS E 186 24.63 -8.57 60.75
CA LYS E 186 23.55 -9.52 60.44
C LYS E 186 22.29 -8.80 59.98
N PRO E 187 21.62 -9.35 58.94
CA PRO E 187 20.33 -8.84 58.50
C PRO E 187 19.28 -8.97 59.58
N GLU E 188 18.41 -7.95 59.68
CA GLU E 188 17.07 -8.10 60.23
C GLU E 188 16.15 -8.54 59.10
N ALA E 189 15.25 -9.47 59.38
CA ALA E 189 14.35 -9.98 58.39
C ALA E 189 12.91 -10.05 58.96
N TRP E 190 11.92 -9.84 58.10
CA TRP E 190 10.53 -10.07 58.49
C TRP E 190 9.64 -10.36 57.26
N LEU E 191 8.42 -10.83 57.51
CA LEU E 191 7.46 -11.19 56.45
C LEU E 191 6.22 -10.33 56.52
N SER E 192 5.63 -10.08 55.35
CA SER E 192 4.34 -9.41 55.24
C SER E 192 3.61 -9.97 54.04
N SER E 193 2.33 -9.64 53.88
CA SER E 193 1.63 -9.95 52.65
C SER E 193 1.29 -8.64 51.96
N GLY E 194 1.71 -8.50 50.70
CA GLY E 194 1.60 -7.27 49.95
C GLY E 194 0.22 -7.10 49.34
N PRO E 195 0.04 -6.04 48.52
CA PRO E 195 -1.25 -5.82 47.87
C PRO E 195 -1.64 -7.07 47.10
N THR E 196 -2.93 -7.37 47.11
CA THR E 196 -3.45 -8.53 46.42
C THR E 196 -3.22 -8.42 44.91
N PRO E 197 -2.53 -9.42 44.32
CA PRO E 197 -2.35 -9.43 42.87
C PRO E 197 -3.58 -9.94 42.14
N GLY E 198 -4.38 -10.74 42.82
CA GLY E 198 -5.57 -11.33 42.22
C GLY E 198 -6.42 -12.09 43.21
N PRO E 199 -7.70 -12.33 42.84
CA PRO E 199 -8.62 -13.17 43.60
C PRO E 199 -8.02 -14.55 43.96
N GLY E 200 -7.99 -14.87 45.25
CA GLY E 200 -7.35 -16.08 45.74
C GLY E 200 -5.83 -16.11 45.73
N ARG E 201 -5.20 -14.99 45.34
CA ARG E 201 -3.74 -14.90 45.33
C ARG E 201 -3.19 -14.06 46.49
N LEU E 202 -2.00 -14.42 46.97
CA LEU E 202 -1.28 -13.61 47.93
C LEU E 202 0.07 -13.17 47.37
N LEU E 203 0.46 -11.97 47.77
CA LEU E 203 1.82 -11.52 47.58
C LEU E 203 2.58 -11.69 48.90
N LEU E 204 3.42 -12.70 49.00
CA LEU E 204 4.27 -12.90 50.19
C LEU E 204 5.54 -12.11 50.03
N VAL E 205 5.86 -11.28 51.00
CA VAL E 205 6.99 -10.41 50.90
C VAL E 205 7.95 -10.74 52.03
N CYS E 206 9.20 -11.05 51.64
CA CYS E 206 10.28 -11.27 52.62
C CYS E 206 11.21 -10.06 52.61
N HIS E 207 11.26 -9.35 53.73
CA HIS E 207 12.05 -8.14 53.81
C HIS E 207 13.33 -8.48 54.54
N VAL E 208 14.45 -7.97 54.02
CA VAL E 208 15.75 -8.16 54.64
C VAL E 208 16.42 -6.77 54.69
N SER E 209 16.88 -6.36 55.87
CA SER E 209 17.38 -5.00 56.04
C SER E 209 18.48 -4.94 57.07
N GLY E 210 19.47 -4.06 56.85
CA GLY E 210 20.46 -3.78 57.87
C GLY E 210 21.68 -4.67 57.76
N PHE E 211 21.79 -5.44 56.69
CA PHE E 211 22.95 -6.28 56.50
C PHE E 211 24.11 -5.50 55.90
N TYR E 212 25.32 -6.00 56.18
CA TYR E 212 26.55 -5.48 55.58
C TYR E 212 27.61 -6.57 55.74
N PRO E 213 28.39 -6.86 54.70
CA PRO E 213 28.46 -6.22 53.37
C PRO E 213 27.25 -6.52 52.50
N LYS E 214 27.31 -6.00 51.27
CA LYS E 214 26.19 -5.99 50.30
C LYS E 214 25.72 -7.37 49.74
N PRO E 215 26.66 -8.30 49.43
CA PRO E 215 26.23 -9.60 48.85
C PRO E 215 25.29 -10.39 49.78
N VAL E 216 24.18 -10.87 49.23
CA VAL E 216 23.13 -11.50 50.02
C VAL E 216 22.36 -12.45 49.10
N ARG E 217 21.77 -13.50 49.65
CA ARG E 217 21.00 -14.44 48.83
C ARG E 217 19.71 -14.74 49.58
N VAL E 218 18.58 -14.26 49.05
CA VAL E 218 17.26 -14.45 49.69
C VAL E 218 16.29 -15.19 48.77
N MET E 219 15.76 -16.32 49.24
CA MET E 219 14.92 -17.18 48.41
C MET E 219 13.65 -17.68 49.12
N TRP E 220 12.54 -17.78 48.38
CA TRP E 220 11.35 -18.45 48.90
C TRP E 220 11.47 -19.96 48.70
N MET E 221 11.13 -20.70 49.75
CA MET E 221 11.32 -22.15 49.79
C MET E 221 10.06 -22.91 50.17
N ARG E 222 9.93 -24.12 49.62
CA ARG E 222 9.10 -25.12 50.25
C ARG E 222 10.05 -26.24 50.65
N GLY E 223 10.15 -26.46 51.95
CA GLY E 223 11.12 -27.40 52.47
C GLY E 223 12.50 -26.89 52.08
N GLU E 224 13.17 -27.67 51.23
CA GLU E 224 14.49 -27.35 50.73
C GLU E 224 14.46 -26.98 49.24
N GLN E 225 13.26 -26.93 48.65
CA GLN E 225 13.12 -26.57 47.23
C GLN E 225 12.86 -25.07 47.03
N GLU E 226 13.72 -24.43 46.24
CA GLU E 226 13.53 -23.04 45.83
C GLU E 226 12.28 -22.94 44.96
N GLN E 227 11.50 -21.89 45.19
CA GLN E 227 10.32 -21.63 44.36
C GLN E 227 10.75 -20.76 43.19
N PRO E 228 10.58 -21.29 41.97
CA PRO E 228 10.97 -20.59 40.75
C PRO E 228 10.24 -19.24 40.54
N GLY E 229 9.11 -19.03 41.23
CA GLY E 229 8.37 -17.77 41.13
C GLY E 229 9.00 -16.59 41.87
N THR E 230 10.06 -16.86 42.64
CA THR E 230 10.67 -15.84 43.49
C THR E 230 11.10 -14.61 42.67
N GLN E 231 10.58 -13.45 43.06
CA GLN E 231 10.98 -12.20 42.43
C GLN E 231 12.02 -11.51 43.32
N GLN E 232 13.23 -11.38 42.80
CA GLN E 232 14.32 -10.65 43.46
C GLN E 232 14.12 -9.15 43.31
N GLY E 233 13.93 -8.42 44.40
CA GLY E 233 13.89 -6.96 44.30
C GLY E 233 15.29 -6.39 44.13
N ASP E 234 15.40 -5.09 43.88
CA ASP E 234 16.74 -4.44 43.82
C ASP E 234 17.23 -4.15 45.22
N LEU E 235 18.55 -4.21 45.43
CA LEU E 235 19.12 -3.75 46.69
C LEU E 235 18.96 -2.24 46.78
N MET E 236 18.44 -1.80 47.91
CA MET E 236 18.20 -0.38 48.12
C MET E 236 18.93 0.08 49.36
N PRO E 237 19.51 1.28 49.34
CA PRO E 237 20.31 1.69 50.49
C PRO E 237 19.49 2.12 51.72
N ASN E 238 20.04 1.86 52.91
CA ASN E 238 19.57 2.52 54.14
C ASN E 238 20.60 3.64 54.40
N ALA E 239 20.39 4.46 55.42
CA ALA E 239 21.28 5.63 55.62
C ALA E 239 22.55 5.33 56.41
N ASP E 240 22.69 4.13 56.93
CA ASP E 240 23.81 3.79 57.83
C ASP E 240 24.73 2.70 57.23
N TRP E 241 25.02 2.75 55.93
CA TRP E 241 25.89 1.73 55.31
C TRP E 241 25.40 0.29 55.51
N THR E 242 24.10 0.10 55.33
CA THR E 242 23.52 -1.23 55.18
C THR E 242 22.53 -1.16 54.01
N TRP E 243 21.94 -2.31 53.63
CA TRP E 243 20.97 -2.28 52.55
C TRP E 243 19.63 -2.91 52.90
N TYR E 244 18.69 -2.72 51.99
CA TYR E 244 17.33 -3.24 52.15
C TYR E 244 16.95 -3.96 50.87
N LEU E 245 16.33 -5.12 51.04
CA LEU E 245 15.87 -5.95 49.93
C LEU E 245 14.45 -6.51 50.25
N ARG E 246 13.52 -6.44 49.31
CA ARG E 246 12.28 -7.22 49.32
C ARG E 246 12.40 -8.34 48.32
N VAL E 247 11.92 -9.52 48.70
CA VAL E 247 11.88 -10.68 47.80
C VAL E 247 10.47 -11.21 47.87
N THR E 248 9.79 -11.30 46.74
CA THR E 248 8.36 -11.59 46.81
C THR E 248 7.95 -12.87 46.11
N LEU E 249 6.83 -13.45 46.54
CA LEU E 249 6.25 -14.60 45.85
C LEU E 249 4.73 -14.46 45.67
N ASN E 250 4.30 -14.58 44.42
CA ASN E 250 2.90 -14.58 44.04
C ASN E 250 2.38 -16.01 44.19
N VAL E 251 1.43 -16.23 45.11
CA VAL E 251 0.96 -17.59 45.43
C VAL E 251 -0.56 -17.70 45.56
N ALA E 252 -1.06 -18.90 45.29
CA ALA E 252 -2.44 -19.25 45.63
C ALA E 252 -2.57 -19.22 47.16
N ALA E 253 -3.65 -18.63 47.67
CA ALA E 253 -3.89 -18.57 49.13
C ALA E 253 -3.74 -19.93 49.82
N GLY E 254 -4.27 -20.99 49.22
CA GLY E 254 -4.12 -22.35 49.74
C GLY E 254 -2.70 -22.91 49.69
N GLU E 255 -1.79 -22.22 49.02
CA GLU E 255 -0.40 -22.68 48.88
C GLU E 255 0.59 -21.95 49.80
N ALA E 256 0.14 -20.92 50.51
CA ALA E 256 1.05 -20.10 51.32
C ALA E 256 1.57 -20.86 52.54
N ALA E 257 0.68 -21.68 53.08
CA ALA E 257 1.00 -22.63 54.14
C ALA E 257 2.23 -23.49 53.82
N GLY E 258 3.22 -23.44 54.69
CA GLY E 258 4.40 -24.32 54.55
C GLY E 258 5.57 -23.71 53.81
N LEU E 259 5.41 -22.47 53.36
CA LEU E 259 6.50 -21.76 52.71
C LEU E 259 7.37 -21.08 53.75
N ASN E 260 8.65 -20.97 53.45
CA ASN E 260 9.55 -20.16 54.22
C ASN E 260 10.47 -19.35 53.31
N CYS E 261 10.97 -18.24 53.85
CA CYS E 261 11.95 -17.42 53.21
C CYS E 261 13.27 -17.77 53.86
N ARG E 262 14.31 -17.97 53.06
CA ARG E 262 15.62 -18.34 53.58
C ARG E 262 16.61 -17.22 53.25
N VAL E 263 17.38 -16.79 54.24
CA VAL E 263 18.31 -15.67 54.07
C VAL E 263 19.73 -16.13 54.31
N LYS E 264 20.56 -16.14 53.26
CA LYS E 264 22.00 -16.43 53.38
C LYS E 264 22.82 -15.13 53.33
N HIS E 265 23.76 -14.97 54.27
CA HIS E 265 24.62 -13.80 54.32
C HIS E 265 25.92 -14.14 55.02
N SER E 266 27.02 -13.56 54.54
CA SER E 266 28.34 -13.79 55.10
C SER E 266 28.35 -13.62 56.62
N SER E 267 27.58 -12.66 57.15
CA SER E 267 27.51 -12.45 58.62
C SER E 267 27.00 -13.66 59.42
N LEU E 268 26.29 -14.59 58.77
CA LEU E 268 25.64 -15.73 59.41
C LEU E 268 26.42 -17.03 59.25
N GLY E 269 27.52 -16.98 58.51
CA GLY E 269 28.25 -18.18 58.14
C GLY E 269 27.33 -19.11 57.35
N ASP E 270 27.38 -20.40 57.68
CA ASP E 270 26.57 -21.38 56.98
C ASP E 270 25.17 -21.59 57.56
N GLN E 271 24.81 -20.84 58.61
CA GLN E 271 23.49 -21.02 59.22
C GLN E 271 22.55 -19.90 58.80
N ASP E 272 21.79 -20.15 57.73
CA ASP E 272 20.83 -19.20 57.19
C ASP E 272 19.70 -18.93 58.16
N ILE E 273 19.18 -17.72 58.13
CA ILE E 273 17.98 -17.40 58.85
C ILE E 273 16.77 -17.90 58.06
N ILE E 274 15.80 -18.45 58.77
CA ILE E 274 14.61 -18.97 58.13
C ILE E 274 13.36 -18.34 58.75
N LEU E 275 12.47 -17.85 57.89
CA LEU E 275 11.20 -17.25 58.32
C LEU E 275 10.04 -18.02 57.72
N TYR E 276 9.23 -18.66 58.57
CA TYR E 276 8.08 -19.46 58.13
C TYR E 276 6.80 -18.66 57.96
N TRP E 277 6.09 -18.90 56.87
CA TRP E 277 4.79 -18.26 56.70
C TRP E 277 3.72 -19.14 57.36
N HIS E 278 3.03 -18.56 58.33
CA HIS E 278 1.96 -19.28 59.07
C HIS E 278 0.70 -18.43 59.10
N ILE F 1 18.34 13.84 27.09
CA ILE F 1 18.05 12.43 27.48
C ILE F 1 17.35 12.42 28.83
N GLN F 2 16.03 12.45 28.81
CA GLN F 2 15.25 12.53 30.04
C GLN F 2 14.77 11.16 30.51
N ARG F 3 14.97 10.89 31.80
CA ARG F 3 14.49 9.69 32.45
C ARG F 3 13.70 10.08 33.71
N PRO F 4 12.47 9.56 33.87
CA PRO F 4 11.68 9.84 35.06
C PRO F 4 12.21 9.11 36.32
N PRO F 5 11.95 9.64 37.52
CA PRO F 5 12.45 8.97 38.72
C PRO F 5 11.65 7.72 39.06
N LYS F 6 12.32 6.74 39.64
CA LYS F 6 11.61 5.65 40.29
C LYS F 6 11.69 5.91 41.79
N ILE F 7 10.67 5.48 42.53
CA ILE F 7 10.47 5.90 43.91
C ILE F 7 10.07 4.68 44.74
N GLN F 8 10.82 4.42 45.81
CA GLN F 8 10.52 3.31 46.69
C GLN F 8 10.62 3.82 48.10
N VAL F 9 9.70 3.37 48.94
CA VAL F 9 9.55 3.88 50.27
C VAL F 9 9.49 2.65 51.15
N TYR F 10 10.33 2.64 52.20
CA TYR F 10 10.45 1.46 53.08
C TYR F 10 11.00 1.91 54.42
N SER F 11 10.72 1.15 55.49
CA SER F 11 11.27 1.48 56.80
C SER F 11 12.60 0.77 56.99
N ARG F 12 13.41 1.25 57.94
CA ARG F 12 14.74 0.72 58.20
C ARG F 12 14.67 -0.59 58.96
N HIS F 13 13.72 -0.64 59.89
CA HIS F 13 13.49 -1.78 60.77
C HIS F 13 12.06 -2.28 60.57
N PRO F 14 11.78 -3.53 60.98
CA PRO F 14 10.40 -4.04 60.91
C PRO F 14 9.43 -3.04 61.56
N PRO F 15 8.39 -2.59 60.83
CA PRO F 15 7.51 -1.58 61.42
C PRO F 15 6.79 -2.13 62.61
N GLU F 16 6.67 -1.33 63.65
CA GLU F 16 5.98 -1.76 64.86
C GLU F 16 5.34 -0.53 65.46
N ASP F 17 4.05 -0.65 65.78
CA ASP F 17 3.29 0.44 66.38
C ASP F 17 3.99 0.97 67.64
N GLY F 18 4.19 2.30 67.67
CA GLY F 18 4.74 2.98 68.85
C GLY F 18 6.25 2.86 69.00
N LYS F 19 6.88 2.23 68.00
CA LYS F 19 8.32 2.06 67.96
C LYS F 19 8.99 3.03 66.99
N PRO F 20 9.80 3.98 67.51
CA PRO F 20 10.67 4.82 66.69
C PRO F 20 11.44 4.00 65.65
N ASN F 21 11.46 4.50 64.42
CA ASN F 21 11.99 3.81 63.26
C ASN F 21 12.58 4.88 62.30
N TYR F 22 13.03 4.46 61.12
CA TYR F 22 13.38 5.40 60.06
C TYR F 22 12.61 5.07 58.80
N LEU F 23 12.08 6.10 58.17
CA LEU F 23 11.41 5.94 56.89
C LEU F 23 12.31 6.46 55.78
N ASN F 24 12.58 5.60 54.80
CA ASN F 24 13.47 5.91 53.67
C ASN F 24 12.69 6.15 52.40
N CYS F 25 13.14 7.12 51.60
CA CYS F 25 12.55 7.31 50.29
C CYS F 25 13.67 7.27 49.27
N TYR F 26 13.74 6.17 48.55
CA TYR F 26 14.80 5.98 47.58
C TYR F 26 14.30 6.37 46.18
N VAL F 27 14.98 7.34 45.58
CA VAL F 27 14.59 7.92 44.31
C VAL F 27 15.77 7.81 43.34
N TYR F 28 15.52 7.18 42.19
CA TYR F 28 16.60 6.75 41.32
C TYR F 28 16.20 6.65 39.86
N GLY F 29 17.20 6.44 39.00
CA GLY F 29 16.99 6.34 37.55
C GLY F 29 16.63 7.64 36.83
N PHE F 30 16.89 8.78 37.45
CA PHE F 30 16.36 10.00 36.86
C PHE F 30 17.41 10.86 36.18
N HIS F 31 16.93 11.70 35.28
CA HIS F 31 17.78 12.61 34.52
C HIS F 31 16.87 13.67 33.89
N PRO F 32 17.22 14.96 34.02
CA PRO F 32 18.39 15.60 34.69
C PRO F 32 18.35 15.53 36.25
N PRO F 33 19.44 15.94 36.93
CA PRO F 33 19.52 15.69 38.37
C PRO F 33 18.66 16.61 39.25
N GLN F 34 18.25 17.78 38.75
CA GLN F 34 17.40 18.68 39.54
C GLN F 34 16.17 17.88 39.96
N ILE F 35 15.85 17.92 41.25
CA ILE F 35 14.72 17.16 41.79
C ILE F 35 14.32 17.68 43.18
N GLU F 36 13.04 17.54 43.52
CA GLU F 36 12.59 17.87 44.87
C GLU F 36 12.01 16.63 45.49
N ILE F 37 12.49 16.29 46.70
CA ILE F 37 11.99 15.14 47.47
C ILE F 37 11.62 15.56 48.89
N ASP F 38 10.34 15.43 49.23
CA ASP F 38 9.90 15.64 50.60
C ASP F 38 9.20 14.39 51.15
N LEU F 39 9.48 14.07 52.41
CA LEU F 39 8.73 13.06 53.15
C LEU F 39 7.55 13.70 53.89
N LEU F 40 6.41 13.04 53.85
CA LEU F 40 5.16 13.65 54.33
C LEU F 40 4.48 12.79 55.37
N LYS F 41 3.87 13.46 56.35
CA LYS F 41 3.09 12.80 57.39
C LYS F 41 1.70 13.42 57.32
N ASN F 42 0.70 12.59 57.01
CA ASN F 42 -0.66 13.07 56.69
C ASN F 42 -0.61 14.29 55.77
N GLY F 43 0.17 14.16 54.71
CA GLY F 43 0.26 15.19 53.68
C GLY F 43 1.10 16.41 54.01
N GLU F 44 1.70 16.44 55.20
CA GLU F 44 2.50 17.59 55.63
C GLU F 44 3.98 17.22 55.85
N LYS F 45 4.87 18.15 55.45
CA LYS F 45 6.33 17.95 55.47
C LYS F 45 6.94 17.55 56.83
N ILE F 46 7.73 16.50 56.77
CA ILE F 46 8.44 15.89 57.89
C ILE F 46 9.92 16.34 57.83
N LYS F 47 10.56 16.54 58.98
CA LYS F 47 12.00 16.84 59.01
C LYS F 47 12.78 15.72 58.36
N SER F 48 13.75 16.06 57.51
CA SER F 48 14.32 15.10 56.59
C SER F 48 15.79 15.32 56.27
N GLU F 49 16.52 14.23 56.07
CA GLU F 49 17.91 14.29 55.63
C GLU F 49 18.00 13.66 54.25
N GLN F 50 18.69 14.35 53.35
CA GLN F 50 18.90 13.88 51.98
C GLN F 50 20.40 13.59 51.73
N SER F 51 20.73 12.41 51.22
CA SER F 51 22.11 12.06 50.91
C SER F 51 22.63 13.01 49.81
N ASP F 52 23.95 13.10 49.68
CA ASP F 52 24.56 13.82 48.58
C ASP F 52 24.19 13.12 47.24
N LEU F 53 24.03 13.91 46.18
CA LEU F 53 23.65 13.34 44.90
C LEU F 53 24.73 12.41 44.40
N SER F 54 24.30 11.26 43.93
CA SER F 54 25.20 10.32 43.30
C SER F 54 24.61 9.77 42.02
N PHE F 55 25.38 8.93 41.32
CA PHE F 55 24.83 8.28 40.12
C PHE F 55 25.38 6.87 39.90
N SER F 56 24.67 6.04 39.15
CA SER F 56 25.08 4.64 39.03
C SER F 56 25.94 4.54 37.79
N LYS F 57 26.30 3.31 37.42
CA LYS F 57 27.17 3.06 36.30
C LYS F 57 26.52 3.51 34.99
N ASP F 58 25.20 3.43 34.90
CA ASP F 58 24.54 3.86 33.68
C ASP F 58 24.37 5.37 33.60
N TRP F 59 24.94 6.11 34.56
CA TRP F 59 24.88 7.58 34.64
C TRP F 59 23.58 8.14 35.21
N SER F 60 22.64 7.29 35.57
CA SER F 60 21.38 7.81 36.09
C SER F 60 21.48 8.13 37.60
N PHE F 61 20.87 9.22 38.02
CA PHE F 61 21.00 9.73 39.38
C PHE F 61 20.22 8.96 40.42
N TYR F 62 20.70 9.01 41.66
CA TYR F 62 19.96 8.49 42.79
C TYR F 62 20.20 9.31 44.08
N LEU F 63 19.16 9.38 44.89
CA LEU F 63 19.16 10.07 46.16
C LEU F 63 18.45 9.22 47.23
N LEU F 64 18.85 9.38 48.48
CA LEU F 64 18.15 8.77 49.58
C LEU F 64 17.78 9.85 50.57
N SER F 65 16.51 9.85 50.94
CA SER F 65 15.97 10.77 51.89
C SER F 65 15.40 9.92 53.03
N HIS F 66 15.72 10.31 54.25
CA HIS F 66 15.22 9.54 55.38
C HIS F 66 14.90 10.46 56.54
N ALA F 67 13.94 10.03 57.36
CA ALA F 67 13.50 10.77 58.52
C ALA F 67 13.16 9.80 59.62
N GLU F 68 13.31 10.25 60.86
CA GLU F 68 12.79 9.54 62.01
C GLU F 68 11.27 9.54 61.93
N PHE F 69 10.67 8.44 62.37
CA PHE F 69 9.22 8.38 62.51
C PHE F 69 8.83 7.24 63.42
N THR F 70 7.60 7.32 63.91
CA THR F 70 7.07 6.31 64.80
C THR F 70 5.73 5.88 64.23
N PRO F 71 5.70 4.74 63.53
CA PRO F 71 4.45 4.24 62.94
C PRO F 71 3.42 3.87 64.00
N ASN F 72 2.15 4.15 63.69
CA ASN F 72 1.00 3.81 64.53
C ASN F 72 -0.21 3.43 63.66
N SER F 73 -1.42 3.54 64.20
CA SER F 73 -2.65 3.23 63.45
C SER F 73 -3.12 4.35 62.53
N LYS F 74 -3.19 5.58 63.06
CA LYS F 74 -3.82 6.68 62.34
C LYS F 74 -2.94 7.38 61.32
N ASP F 75 -1.64 7.48 61.59
CA ASP F 75 -0.77 8.31 60.77
C ASP F 75 -0.31 7.65 59.46
N GLN F 76 -0.32 8.47 58.41
CA GLN F 76 -0.03 8.02 57.07
C GLN F 76 1.24 8.68 56.59
N TYR F 77 2.12 7.90 56.02
CA TYR F 77 3.36 8.44 55.49
C TYR F 77 3.47 8.23 54.00
N SER F 78 4.08 9.22 53.34
CA SER F 78 4.30 9.19 51.90
C SER F 78 5.55 9.98 51.48
N CYS F 79 5.92 9.81 50.21
CA CYS F 79 7.06 10.51 49.63
C CYS F 79 6.59 11.26 48.39
N ARG F 80 6.85 12.56 48.36
CA ARG F 80 6.45 13.40 47.23
C ARG F 80 7.67 13.87 46.45
N VAL F 81 7.63 13.63 45.14
CA VAL F 81 8.73 13.92 44.24
C VAL F 81 8.31 14.87 43.11
N LYS F 82 9.08 15.96 42.95
CA LYS F 82 8.85 16.89 41.86
C LYS F 82 10.04 16.85 40.90
N HIS F 83 9.75 16.69 39.62
CA HIS F 83 10.77 16.52 38.60
C HIS F 83 10.21 16.97 37.26
N VAL F 84 11.11 17.35 36.35
CA VAL F 84 10.70 17.97 35.08
C VAL F 84 9.96 16.99 34.16
N THR F 85 10.26 15.70 34.31
CA THR F 85 9.55 14.63 33.60
C THR F 85 8.15 14.38 34.15
N LEU F 86 7.81 15.01 35.27
CA LEU F 86 6.49 14.84 35.91
C LEU F 86 5.66 16.12 35.80
N GLU F 87 4.49 16.01 35.16
CA GLU F 87 3.60 17.16 34.94
C GLU F 87 3.01 17.67 36.25
N GLN F 88 2.86 16.76 37.21
CA GLN F 88 2.40 17.09 38.56
C GLN F 88 3.24 16.28 39.54
N PRO F 89 3.37 16.77 40.79
CA PRO F 89 4.16 15.99 41.74
C PRO F 89 3.68 14.54 41.86
N ARG F 90 4.60 13.63 42.13
CA ARG F 90 4.24 12.23 42.30
C ARG F 90 4.36 11.84 43.78
N ILE F 91 3.31 11.20 44.29
CA ILE F 91 3.22 10.82 45.70
C ILE F 91 3.14 9.29 45.82
N VAL F 92 4.16 8.70 46.43
CA VAL F 92 4.16 7.27 46.72
C VAL F 92 3.95 7.08 48.24
N LYS F 93 2.87 6.38 48.58
CA LYS F 93 2.52 6.13 49.97
C LYS F 93 3.40 5.02 50.55
N TRP F 94 3.79 5.18 51.82
CA TRP F 94 4.43 4.09 52.54
C TRP F 94 3.41 3.02 52.77
N ASP F 95 3.66 1.85 52.21
CA ASP F 95 2.82 0.72 52.48
C ASP F 95 3.58 -0.19 53.44
N ARG F 96 3.16 -0.20 54.70
CA ARG F 96 3.78 -1.01 55.75
C ARG F 96 3.98 -2.47 55.31
N ASP F 97 3.19 -2.91 54.35
CA ASP F 97 3.22 -4.30 53.91
C ASP F 97 4.23 -4.54 52.79
N LEU F 98 4.89 -3.47 52.34
CA LEU F 98 5.82 -3.56 51.22
C LEU F 98 7.20 -2.98 51.60
N VAL G 3 29.47 -26.60 16.88
CA VAL G 3 28.32 -25.65 16.75
C VAL G 3 28.66 -24.31 17.39
N PHE G 4 29.66 -24.33 18.27
CA PHE G 4 30.14 -23.13 18.95
C PHE G 4 30.99 -22.15 18.10
N GLN G 5 31.35 -22.54 16.87
CA GLN G 5 31.78 -21.53 15.89
C GLN G 5 30.62 -20.66 15.41
N GLY G 6 29.42 -21.22 15.30
CA GLY G 6 28.28 -20.38 14.94
C GLY G 6 27.37 -19.92 16.08
N PRO G 7 26.14 -19.49 15.73
CA PRO G 7 25.10 -19.17 16.72
C PRO G 7 24.77 -20.35 17.63
N THR G 8 24.39 -20.04 18.86
CA THR G 8 24.11 -21.06 19.87
C THR G 8 22.73 -20.89 20.47
N SER G 9 21.86 -20.11 19.83
CA SER G 9 20.52 -19.86 20.38
C SER G 9 19.49 -19.68 19.31
N PHE G 10 18.22 -19.98 19.62
CA PHE G 10 17.15 -19.64 18.70
C PHE G 10 16.12 -18.84 19.45
N HIS G 11 15.64 -17.74 18.85
CA HIS G 11 14.50 -17.01 19.41
C HIS G 11 13.44 -16.66 18.40
N LEU G 12 12.20 -16.82 18.81
CA LEU G 12 11.08 -16.16 18.16
C LEU G 12 10.95 -14.77 18.73
N MET G 13 10.67 -13.79 17.88
CA MET G 13 10.52 -12.41 18.34
C MET G 13 9.18 -11.84 17.86
N GLN G 14 8.57 -11.05 18.73
CA GLN G 14 7.29 -10.46 18.49
C GLN G 14 7.40 -8.98 18.83
N ILE G 15 6.91 -8.13 17.92
CA ILE G 15 6.67 -6.71 18.20
C ILE G 15 5.20 -6.41 17.92
N SER G 16 4.50 -5.96 18.96
CA SER G 16 3.06 -5.71 18.90
C SER G 16 2.76 -4.30 19.29
N THR G 17 2.26 -3.54 18.32
CA THR G 17 1.91 -2.13 18.50
C THR G 17 0.40 -1.99 18.55
N PHE G 18 -0.09 -1.43 19.66
CA PHE G 18 -1.49 -1.22 19.91
C PHE G 18 -1.71 0.27 19.89
N VAL G 19 -2.33 0.74 18.82
CA VAL G 19 -2.52 2.16 18.56
C VAL G 19 -3.86 2.63 19.11
N ASN G 20 -4.93 1.85 18.89
CA ASN G 20 -6.22 2.10 19.55
C ASN G 20 -7.04 0.84 19.69
N SER G 21 -8.31 1.02 20.08
CA SER G 21 -9.25 -0.05 20.37
C SER G 21 -9.59 -0.85 19.12
N THR G 22 -9.31 -0.27 17.96
CA THR G 22 -9.61 -0.88 16.68
C THR G 22 -8.37 -1.19 15.83
N TRP G 23 -7.18 -0.73 16.26
CA TRP G 23 -5.96 -0.86 15.45
C TRP G 23 -4.76 -1.38 16.23
N ALA G 24 -4.29 -2.56 15.85
CA ALA G 24 -3.11 -3.18 16.43
C ALA G 24 -2.32 -3.97 15.40
N GLN G 25 -0.99 -3.90 15.45
CA GLN G 25 -0.13 -4.56 14.45
C GLN G 25 0.86 -5.49 15.14
N ASN G 26 1.02 -6.69 14.59
CA ASN G 26 1.95 -7.67 15.08
C ASN G 26 3.01 -7.92 14.02
N GLN G 27 4.27 -7.99 14.43
CA GLN G 27 5.38 -8.35 13.54
C GLN G 27 6.07 -9.51 14.22
N GLY G 28 6.26 -10.60 13.50
CA GLY G 28 6.90 -11.78 14.07
C GLY G 28 8.16 -12.13 13.30
N SER G 29 9.06 -12.88 13.93
CA SER G 29 10.25 -13.41 13.25
C SER G 29 10.96 -14.49 14.08
N GLY G 30 11.98 -15.12 13.49
CA GLY G 30 12.75 -16.18 14.15
C GLY G 30 14.23 -15.98 13.85
N TRP G 31 15.08 -16.14 14.88
CA TRP G 31 16.47 -15.70 14.81
C TRP G 31 17.42 -16.72 15.42
N LEU G 32 18.57 -16.91 14.77
CA LEU G 32 19.64 -17.67 15.38
C LEU G 32 20.64 -16.65 15.80
N ASP G 33 20.79 -16.46 17.13
CA ASP G 33 21.46 -15.29 17.69
C ASP G 33 20.94 -14.06 16.96
N ASP G 34 21.81 -13.31 16.28
CA ASP G 34 21.33 -12.15 15.51
C ASP G 34 21.17 -12.37 13.98
N LEU G 35 21.03 -13.63 13.55
CA LEU G 35 20.79 -13.96 12.13
C LEU G 35 19.32 -14.37 11.89
N GLN G 36 18.58 -13.56 11.12
CA GLN G 36 17.16 -13.84 10.86
C GLN G 36 16.96 -15.05 9.94
N ILE G 37 16.32 -16.10 10.45
CA ILE G 37 16.00 -17.25 9.56
C ILE G 37 14.50 -17.37 9.23
N HIS G 38 13.66 -16.64 9.94
CA HIS G 38 12.21 -16.69 9.71
C HIS G 38 11.64 -15.29 9.66
N GLY G 39 10.70 -15.07 8.74
CA GLY G 39 9.89 -13.87 8.75
C GLY G 39 8.45 -14.31 8.90
N TRP G 40 7.53 -13.36 8.90
CA TRP G 40 6.14 -13.71 9.17
C TRP G 40 5.25 -12.71 8.45
N GLU G 41 4.32 -13.22 7.66
CA GLU G 41 3.39 -12.34 6.93
C GLU G 41 2.17 -12.27 7.82
N SER G 42 1.92 -11.11 8.41
CA SER G 42 0.93 -11.00 9.50
C SER G 42 -0.50 -11.18 9.03
N ASP G 43 -0.79 -10.73 7.80
CA ASP G 43 -2.15 -10.72 7.28
C ASP G 43 -2.68 -12.15 7.14
N SER G 44 -2.02 -12.93 6.28
CA SER G 44 -2.33 -14.35 6.08
C SER G 44 -1.86 -15.20 7.26
N GLY G 45 -0.98 -14.65 8.08
CA GLY G 45 -0.38 -15.43 9.15
C GLY G 45 0.49 -16.59 8.68
N THR G 46 1.40 -16.32 7.75
CA THR G 46 2.24 -17.39 7.20
C THR G 46 3.73 -17.14 7.46
N ALA G 47 4.47 -18.23 7.69
CA ALA G 47 5.89 -18.14 7.82
C ALA G 47 6.57 -17.88 6.47
N ILE G 48 7.69 -17.15 6.54
CA ILE G 48 8.58 -16.96 5.41
C ILE G 48 9.92 -17.57 5.87
N PHE G 49 10.38 -18.57 5.14
CA PHE G 49 11.63 -19.24 5.47
C PHE G 49 12.73 -18.55 4.69
N LEU G 50 13.61 -17.88 5.40
CA LEU G 50 14.60 -17.02 4.79
C LEU G 50 15.83 -17.81 4.38
N LYS G 51 15.97 -19.04 4.90
CA LYS G 51 17.03 -19.95 4.42
C LYS G 51 16.44 -21.29 4.08
N PRO G 52 17.00 -21.96 3.05
CA PRO G 52 16.42 -23.24 2.58
C PRO G 52 16.35 -24.30 3.70
N TRP G 53 17.37 -24.36 4.54
CA TRP G 53 17.49 -25.32 5.65
C TRP G 53 16.75 -24.88 6.94
N SER G 54 16.05 -23.73 6.92
CA SER G 54 15.51 -23.15 8.19
C SER G 54 14.33 -23.90 8.84
N LYS G 55 13.91 -25.00 8.26
CA LYS G 55 13.00 -25.90 8.96
C LYS G 55 13.75 -26.98 9.76
N GLY G 56 15.07 -26.97 9.75
CA GLY G 56 15.83 -27.89 10.58
C GLY G 56 15.52 -29.32 10.19
N ASN G 57 15.25 -30.14 11.20
CA ASN G 57 14.83 -31.51 11.03
C ASN G 57 13.37 -31.67 11.42
N PHE G 58 12.57 -30.59 11.34
CA PHE G 58 11.15 -30.74 11.68
C PHE G 58 10.38 -31.19 10.46
N SER G 59 9.58 -32.24 10.61
CA SER G 59 8.73 -32.76 9.52
C SER G 59 7.78 -31.68 9.02
N ASP G 60 7.27 -31.88 7.80
CA ASP G 60 6.28 -30.95 7.22
C ASP G 60 5.06 -30.81 8.13
N ASP G 61 4.57 -31.93 8.65
CA ASP G 61 3.42 -31.89 9.57
C ASP G 61 3.70 -31.03 10.83
N GLU G 62 4.91 -31.14 11.39
CA GLU G 62 5.15 -30.41 12.62
C GLU G 62 5.33 -28.92 12.34
N VAL G 63 6.05 -28.60 11.28
CA VAL G 63 6.18 -27.22 10.83
C VAL G 63 4.81 -26.56 10.60
N THR G 64 3.88 -27.27 9.97
CA THR G 64 2.57 -26.74 9.68
C THR G 64 1.76 -26.55 10.96
N GLU G 65 1.89 -27.50 11.87
CA GLU G 65 1.19 -27.45 13.15
C GLU G 65 1.66 -26.29 13.99
N LEU G 66 2.97 -25.99 13.94
CA LEU G 66 3.54 -24.86 14.65
C LEU G 66 3.09 -23.55 14.03
N VAL G 67 3.10 -23.50 12.71
CA VAL G 67 2.72 -22.29 12.01
C VAL G 67 1.22 -22.03 12.29
N ASP G 68 0.39 -23.06 12.27
CA ASP G 68 -1.02 -22.92 12.65
C ASP G 68 -1.22 -22.39 14.09
N LEU G 69 -0.32 -22.80 15.00
CA LEU G 69 -0.33 -22.35 16.39
C LEU G 69 0.01 -20.86 16.52
N PHE G 70 1.02 -20.42 15.80
CA PHE G 70 1.48 -19.06 15.91
C PHE G 70 0.47 -18.11 15.33
N ARG G 71 -0.23 -18.55 14.30
CA ARG G 71 -1.26 -17.74 13.70
C ARG G 71 -2.41 -17.56 14.69
N ALA G 72 -2.84 -18.65 15.34
CA ALA G 72 -3.93 -18.56 16.35
C ALA G 72 -3.44 -17.68 17.51
N TYR G 73 -2.19 -17.88 17.88
CA TYR G 73 -1.56 -17.10 18.92
C TYR G 73 -1.76 -15.61 18.70
N PHE G 74 -1.34 -15.10 17.56
CA PHE G 74 -1.40 -13.66 17.31
C PHE G 74 -2.82 -13.16 17.34
N ILE G 75 -3.75 -14.00 16.89
CA ILE G 75 -5.16 -13.63 16.86
C ILE G 75 -5.68 -13.49 18.28
N GLY G 76 -5.41 -14.50 19.12
CA GLY G 76 -5.89 -14.47 20.51
C GLY G 76 -5.21 -13.39 21.35
N PHE G 77 -3.89 -13.31 21.19
CA PHE G 77 -3.08 -12.29 21.89
C PHE G 77 -3.57 -10.86 21.66
N THR G 78 -3.84 -10.50 20.42
CA THR G 78 -4.35 -9.17 20.12
C THR G 78 -5.69 -8.95 20.80
N ARG G 79 -6.55 -9.99 20.75
CA ARG G 79 -7.88 -9.93 21.37
C ARG G 79 -7.81 -9.76 22.88
N GLU G 80 -6.96 -10.56 23.54
CA GLU G 80 -6.83 -10.50 25.01
C GLU G 80 -6.26 -9.19 25.48
N VAL G 81 -5.29 -8.63 24.77
CA VAL G 81 -4.69 -7.38 25.20
C VAL G 81 -5.72 -6.24 25.08
N GLN G 82 -6.53 -6.26 24.03
CA GLN G 82 -7.56 -5.25 23.84
C GLN G 82 -8.67 -5.32 24.90
N ASP G 83 -9.05 -6.55 25.27
CA ASP G 83 -10.10 -6.74 26.27
C ASP G 83 -9.60 -6.35 27.65
N ARG G 84 -8.29 -6.23 27.80
CA ARG G 84 -7.71 -5.97 29.12
C ARG G 84 -7.04 -4.60 29.26
N VAL G 85 -7.15 -3.78 28.22
CA VAL G 85 -6.58 -2.45 28.23
C VAL G 85 -7.01 -1.61 29.44
N ASN G 86 -8.27 -1.68 29.83
CA ASN G 86 -8.70 -0.84 30.94
C ASN G 86 -8.29 -1.38 32.29
N GLU G 87 -8.57 -2.66 32.51
CA GLU G 87 -8.16 -3.41 33.71
C GLU G 87 -6.68 -3.17 34.07
N PHE G 88 -5.80 -3.22 33.07
CA PHE G 88 -4.37 -3.01 33.27
C PHE G 88 -3.97 -1.55 33.09
N GLN G 89 -4.97 -0.68 32.93
CA GLN G 89 -4.75 0.75 32.73
C GLN G 89 -3.63 1.07 31.76
N LEU G 90 -3.72 0.49 30.56
CA LEU G 90 -2.78 0.78 29.46
C LEU G 90 -3.27 1.97 28.65
N GLU G 91 -2.36 2.85 28.25
CA GLU G 91 -2.76 4.00 27.46
C GLU G 91 -2.17 3.97 26.06
N TYR G 92 -3.04 4.04 25.06
CA TYR G 92 -2.64 4.12 23.67
C TYR G 92 -1.80 5.37 23.37
N PRO G 93 -0.74 5.21 22.54
CA PRO G 93 -0.34 3.91 22.00
C PRO G 93 0.71 3.24 22.89
N PHE G 94 0.81 1.93 22.78
CA PHE G 94 1.77 1.17 23.56
C PHE G 94 2.27 0.01 22.74
N VAL G 95 3.48 -0.45 23.08
CA VAL G 95 4.14 -1.52 22.37
C VAL G 95 4.54 -2.65 23.31
N ILE G 96 4.22 -3.87 22.90
CA ILE G 96 4.64 -5.06 23.63
C ILE G 96 5.71 -5.78 22.82
N GLN G 97 6.78 -6.20 23.49
CA GLN G 97 7.82 -6.99 22.84
C GLN G 97 7.98 -8.30 23.57
N VAL G 98 8.17 -9.36 22.81
CA VAL G 98 8.33 -10.67 23.41
C VAL G 98 9.44 -11.39 22.68
N THR G 99 10.30 -12.01 23.45
CA THR G 99 11.27 -12.91 22.89
C THR G 99 11.13 -14.26 23.57
N ALA G 100 11.06 -15.33 22.79
CA ALA G 100 10.89 -16.68 23.35
C ALA G 100 11.79 -17.67 22.62
N GLY G 101 12.59 -18.44 23.38
CA GLY G 101 13.42 -19.48 22.77
C GLY G 101 14.45 -20.07 23.71
N CYS G 102 15.54 -20.62 23.17
CA CYS G 102 16.46 -21.38 23.97
C CYS G 102 17.91 -21.20 23.53
N GLU G 103 18.84 -21.76 24.28
CA GLU G 103 20.26 -21.45 24.13
C GLU G 103 21.14 -22.59 24.67
N LEU G 104 22.18 -22.95 23.94
CA LEU G 104 23.15 -23.95 24.40
C LEU G 104 24.02 -23.40 25.51
N HIS G 105 24.38 -24.29 26.44
CA HIS G 105 25.42 -24.01 27.43
C HIS G 105 26.25 -25.25 27.60
N SER G 106 27.47 -25.24 27.05
CA SER G 106 28.37 -26.40 27.12
C SER G 106 28.50 -26.92 28.55
N GLY G 107 28.62 -28.24 28.68
CA GLY G 107 28.56 -28.91 30.00
C GLY G 107 27.11 -29.15 30.41
N ALA G 109 23.77 -28.47 28.47
CA ALA G 109 22.63 -28.03 29.29
C ALA G 109 21.78 -26.86 28.69
N ILE G 110 20.74 -27.19 27.93
CA ILE G 110 19.94 -26.16 27.23
C ILE G 110 18.97 -25.38 28.13
N GLU G 111 19.06 -24.05 28.05
CA GLU G 111 18.25 -23.08 28.80
C GLU G 111 17.10 -22.49 27.95
N SER G 112 15.95 -22.27 28.57
CA SER G 112 14.74 -21.78 27.88
C SER G 112 14.04 -20.67 28.64
N SER G 113 13.58 -19.65 27.93
CA SER G 113 12.73 -18.67 28.56
C SER G 113 11.94 -17.83 27.58
N LEU G 114 10.87 -17.25 28.09
CA LEU G 114 10.13 -16.23 27.41
C LEU G 114 10.35 -14.94 28.21
N ARG G 115 10.62 -13.83 27.51
CA ARG G 115 10.85 -12.54 28.16
C ARG G 115 9.89 -11.56 27.54
N GLY G 116 9.24 -10.73 28.33
CA GLY G 116 8.35 -9.72 27.77
C GLY G 116 8.69 -8.32 28.21
N ALA G 117 8.43 -7.36 27.32
CA ALA G 117 8.63 -5.94 27.61
C ALA G 117 7.36 -5.15 27.31
N LEU G 118 7.17 -4.08 28.08
CA LEU G 118 6.12 -3.09 27.84
C LEU G 118 6.77 -1.71 27.88
N GLY G 119 6.45 -0.87 26.90
CA GLY G 119 6.95 0.50 26.84
C GLY G 119 8.45 0.45 26.74
N GLY G 120 8.98 -0.65 26.20
CA GLY G 120 10.43 -0.78 26.02
C GLY G 120 11.17 -1.11 27.30
N LEU G 121 10.44 -1.41 28.37
CA LEU G 121 11.03 -1.77 29.67
C LEU G 121 10.68 -3.21 30.05
N ASP G 122 11.61 -3.91 30.70
CA ASP G 122 11.36 -5.30 31.13
C ASP G 122 10.03 -5.32 31.84
N PHE G 123 9.20 -6.30 31.50
CA PHE G 123 7.95 -6.40 32.18
C PHE G 123 7.85 -7.72 32.92
N VAL G 124 8.24 -8.82 32.28
CA VAL G 124 7.98 -10.14 32.85
C VAL G 124 8.92 -11.17 32.25
N SER G 125 9.13 -12.28 32.93
CA SER G 125 9.76 -13.44 32.30
C SER G 125 9.16 -14.74 32.78
N ILE G 126 9.16 -15.74 31.91
CA ILE G 126 8.45 -17.01 32.13
C ILE G 126 9.44 -18.13 31.86
N GLN G 127 9.61 -19.00 32.85
CA GLN G 127 10.57 -20.11 32.82
C GLN G 127 10.08 -21.10 33.86
N ASN G 128 10.27 -22.39 33.59
CA ASN G 128 10.04 -23.43 34.57
C ASN G 128 8.60 -23.42 35.11
N HIS G 129 7.66 -23.23 34.19
CA HIS G 129 6.22 -23.12 34.49
C HIS G 129 5.91 -22.11 35.60
N SER G 130 6.68 -21.02 35.65
CA SER G 130 6.41 -19.93 36.57
C SER G 130 6.58 -18.56 35.92
N CYS G 131 5.77 -17.61 36.37
CA CYS G 131 5.83 -16.23 35.89
C CYS G 131 6.53 -15.32 36.92
N VAL G 132 7.59 -14.60 36.52
CA VAL G 132 8.27 -13.66 37.42
C VAL G 132 8.16 -12.24 36.87
N PRO G 133 7.40 -11.36 37.53
CA PRO G 133 7.40 -9.96 37.08
C PRO G 133 8.77 -9.30 37.29
N ALA G 134 9.17 -8.48 36.33
CA ALA G 134 10.39 -7.70 36.43
C ALA G 134 10.36 -6.81 37.67
N PRO G 135 11.54 -6.57 38.26
CA PRO G 135 11.61 -5.83 39.53
C PRO G 135 10.74 -4.56 39.55
N ASP G 136 10.60 -3.89 38.41
CA ASP G 136 10.00 -2.54 38.38
C ASP G 136 8.66 -2.40 37.62
N SER G 137 8.09 -3.55 37.23
CA SER G 137 6.81 -3.61 36.55
C SER G 137 5.67 -3.28 37.49
N GLY G 138 6.00 -3.17 38.78
CA GLY G 138 5.06 -2.76 39.82
C GLY G 138 3.88 -3.70 39.96
N SER G 139 2.73 -3.11 40.24
CA SER G 139 1.50 -3.88 40.48
C SER G 139 0.95 -4.45 39.19
N ARG G 140 1.18 -3.77 38.08
CA ARG G 140 0.76 -4.27 36.80
C ARG G 140 1.39 -5.63 36.43
N GLY G 141 2.66 -5.83 36.78
CA GLY G 141 3.30 -7.14 36.52
C GLY G 141 2.79 -8.26 37.43
N GLN G 142 2.56 -7.92 38.69
CA GLN G 142 1.94 -8.84 39.65
C GLN G 142 0.58 -9.29 39.16
N LYS G 143 -0.20 -8.34 38.68
CA LYS G 143 -1.52 -8.61 38.16
C LYS G 143 -1.40 -9.59 37.00
N PHE G 144 -0.48 -9.33 36.07
CA PHE G 144 -0.29 -10.21 34.93
C PHE G 144 0.12 -11.64 35.30
N CYS G 145 1.07 -11.77 36.22
CA CYS G 145 1.54 -13.10 36.63
C CYS G 145 0.45 -13.86 37.38
N ALA G 146 -0.37 -13.14 38.15
CA ALA G 146 -1.53 -13.73 38.81
C ALA G 146 -2.51 -14.22 37.74
N LEU G 147 -2.63 -13.44 36.68
CA LEU G 147 -3.54 -13.77 35.61
C LEU G 147 -3.13 -15.07 34.93
N THR G 148 -1.83 -15.31 34.79
CA THR G 148 -1.33 -16.48 34.04
C THR G 148 -1.66 -17.82 34.66
N THR G 149 -1.88 -17.84 35.96
CA THR G 149 -2.19 -19.10 36.68
C THR G 149 -3.65 -19.53 36.45
N GLN G 150 -4.45 -18.64 35.85
CA GLN G 150 -5.81 -18.96 35.46
C GLN G 150 -5.86 -19.51 34.03
N TYR G 151 -4.69 -19.57 33.38
CA TYR G 151 -4.54 -19.96 31.99
C TYR G 151 -3.65 -21.19 31.85
N GLN G 152 -3.99 -22.28 32.54
CA GLN G 152 -3.11 -23.45 32.57
C GLN G 152 -2.80 -24.07 31.20
N GLY G 153 -3.78 -24.05 30.30
CA GLY G 153 -3.63 -24.66 28.97
C GLY G 153 -2.65 -23.90 28.11
N ILE G 154 -2.85 -22.60 28.04
CA ILE G 154 -1.89 -21.73 27.36
C ILE G 154 -0.51 -21.86 28.01
N SER G 155 -0.46 -21.93 29.35
CA SER G 155 0.83 -22.05 30.05
C SER G 155 1.48 -23.33 29.65
N ASP G 156 0.71 -24.43 29.72
CA ASP G 156 1.23 -25.73 29.31
C ASP G 156 1.76 -25.69 27.88
N ILE G 157 1.05 -25.02 26.98
CA ILE G 157 1.52 -24.93 25.61
C ILE G 157 2.87 -24.23 25.58
N ILE G 158 2.99 -23.13 26.30
CA ILE G 158 4.19 -22.33 26.26
C ILE G 158 5.37 -23.10 26.87
N GLU G 159 5.10 -23.81 27.96
CA GLU G 159 6.13 -24.59 28.61
C GLU G 159 6.58 -25.77 27.72
N ARG G 160 5.66 -26.40 26.98
CA ARG G 160 6.08 -27.45 26.04
C ARG G 160 6.95 -26.90 24.91
N LEU G 161 6.53 -25.77 24.31
CA LEU G 161 7.33 -25.09 23.31
C LEU G 161 8.71 -24.77 23.82
N LEU G 162 8.79 -24.23 25.02
CA LEU G 162 10.04 -23.70 25.53
C LEU G 162 10.98 -24.85 25.88
N SER G 163 10.48 -25.83 26.63
CA SER G 163 11.36 -26.82 27.20
C SER G 163 11.50 -28.14 26.41
N GLU G 164 10.62 -28.42 25.47
CA GLU G 164 10.72 -29.70 24.74
C GLU G 164 10.93 -29.47 23.23
N THR G 165 10.14 -28.58 22.65
CA THR G 165 10.22 -28.26 21.22
C THR G 165 11.45 -27.45 20.79
N CYS G 166 11.67 -26.29 21.42
CA CYS G 166 12.77 -25.41 21.07
C CYS G 166 14.19 -26.09 21.13
N PRO G 167 14.55 -26.76 22.25
CA PRO G 167 15.89 -27.39 22.29
C PRO G 167 16.09 -28.37 21.13
N ARG G 168 15.01 -29.07 20.81
CA ARG G 168 14.94 -30.04 19.73
C ARG G 168 15.14 -29.32 18.42
N TYR G 169 14.39 -28.23 18.27
CA TYR G 169 14.44 -27.45 17.07
C TYR G 169 15.84 -26.85 16.89
N LEU G 170 16.38 -26.28 17.95
CA LEU G 170 17.67 -25.63 17.93
C LEU G 170 18.77 -26.61 17.46
N LEU G 171 18.86 -27.78 18.08
CA LEU G 171 19.90 -28.74 17.69
C LEU G 171 19.75 -29.15 16.23
N GLY G 172 18.51 -29.33 15.80
CA GLY G 172 18.19 -29.80 14.46
C GLY G 172 18.55 -28.76 13.44
N VAL G 173 18.33 -27.48 13.76
CA VAL G 173 18.58 -26.42 12.82
C VAL G 173 20.04 -25.96 12.78
N LEU G 174 20.76 -26.04 13.89
CA LEU G 174 22.21 -25.75 13.89
C LEU G 174 22.93 -26.76 12.99
N ASP G 175 22.53 -28.04 13.08
CA ASP G 175 23.02 -29.09 12.19
C ASP G 175 22.62 -28.85 10.72
N ALA G 176 21.33 -28.65 10.48
CA ALA G 176 20.82 -28.43 9.13
C ALA G 176 21.52 -27.30 8.38
N GLY G 177 21.78 -26.17 9.07
CA GLY G 177 22.45 -25.00 8.47
C GLY G 177 23.96 -24.93 8.71
N LYS G 178 24.59 -25.98 9.22
CA LYS G 178 26.02 -25.83 9.60
C LYS G 178 26.96 -25.38 8.49
N ALA G 179 26.74 -25.84 7.25
CA ALA G 179 27.66 -25.43 6.16
C ALA G 179 27.72 -23.91 6.00
N GLU G 180 26.65 -23.23 6.38
CA GLU G 180 26.58 -21.79 6.35
C GLU G 180 26.90 -21.16 7.72
N LEU G 181 26.35 -21.76 8.79
CA LEU G 181 26.54 -21.26 10.16
C LEU G 181 27.95 -21.38 10.67
N GLN G 182 28.69 -22.35 10.14
CA GLN G 182 30.09 -22.58 10.56
C GLN G 182 31.13 -22.27 9.48
N ARG G 183 30.68 -21.61 8.40
CA ARG G 183 31.59 -21.14 7.31
C ARG G 183 32.53 -20.06 7.89
N GLN G 184 33.73 -19.92 7.32
CA GLN G 184 34.64 -18.89 7.73
C GLN G 184 34.75 -17.98 6.53
N VAL G 185 34.53 -16.67 6.73
CA VAL G 185 34.64 -15.71 5.63
C VAL G 185 35.59 -14.61 6.05
N LYS G 186 36.67 -14.46 5.30
CA LYS G 186 37.69 -13.43 5.52
C LYS G 186 37.15 -12.02 5.36
N PRO G 187 37.52 -11.13 6.29
CA PRO G 187 37.16 -9.71 6.11
C PRO G 187 37.99 -9.06 5.01
N GLU G 188 37.40 -8.07 4.35
CA GLU G 188 38.15 -7.03 3.65
C GLU G 188 38.48 -5.93 4.64
N ALA G 189 39.66 -5.36 4.56
CA ALA G 189 40.00 -4.22 5.40
C ALA G 189 40.59 -3.14 4.53
N TRP G 190 40.40 -1.89 4.94
CA TRP G 190 41.02 -0.74 4.28
C TRP G 190 41.12 0.41 5.28
N LEU G 191 42.03 1.35 4.97
CA LEU G 191 42.24 2.55 5.78
C LEU G 191 41.71 3.77 5.08
N SER G 192 41.25 4.72 5.86
CA SER G 192 41.01 6.07 5.38
C SER G 192 41.34 7.07 6.47
N SER G 193 41.21 8.34 6.14
CA SER G 193 41.51 9.44 7.03
C SER G 193 40.25 10.30 7.19
N GLY G 194 39.61 10.22 8.36
CA GLY G 194 38.32 10.88 8.61
C GLY G 194 38.41 12.38 8.82
N PRO G 195 37.28 13.01 9.23
CA PRO G 195 37.29 14.47 9.43
C PRO G 195 38.31 14.89 10.49
N THR G 196 39.06 15.93 10.18
CA THR G 196 40.13 16.45 11.03
C THR G 196 39.62 16.82 12.43
N PRO G 197 40.10 16.12 13.48
CA PRO G 197 39.52 16.38 14.80
C PRO G 197 40.05 17.67 15.47
N GLY G 198 41.18 18.18 14.96
CA GLY G 198 41.81 19.38 15.53
C GLY G 198 43.16 19.59 14.86
N PRO G 199 43.77 20.78 15.03
CA PRO G 199 44.94 21.20 14.25
C PRO G 199 46.18 20.31 14.42
N GLY G 200 46.77 19.92 13.29
CA GLY G 200 47.94 19.05 13.30
C GLY G 200 47.62 17.61 13.60
N ARG G 201 46.34 17.25 13.65
CA ARG G 201 45.96 15.91 14.07
C ARG G 201 45.16 15.20 12.98
N LEU G 202 45.28 13.87 12.98
CA LEU G 202 44.62 13.02 12.02
C LEU G 202 43.70 12.01 12.71
N LEU G 203 42.58 11.74 12.06
CA LEU G 203 41.71 10.66 12.45
C LEU G 203 41.93 9.53 11.47
N LEU G 204 42.59 8.47 11.93
CA LEU G 204 42.86 7.31 11.08
C LEU G 204 41.73 6.30 11.27
N VAL G 205 41.20 5.77 10.18
CA VAL G 205 40.08 4.87 10.31
C VAL G 205 40.41 3.54 9.68
N CYS G 206 40.36 2.49 10.49
CA CYS G 206 40.49 1.14 9.97
C CYS G 206 39.13 0.52 9.82
N HIS G 207 38.78 0.16 8.59
CA HIS G 207 37.46 -0.40 8.27
C HIS G 207 37.62 -1.89 8.05
N VAL G 208 36.75 -2.67 8.68
CA VAL G 208 36.84 -4.13 8.57
C VAL G 208 35.43 -4.59 8.23
N SER G 209 35.27 -5.18 7.05
CA SER G 209 33.96 -5.54 6.54
C SER G 209 33.94 -6.90 5.86
N GLY G 210 32.82 -7.61 6.01
CA GLY G 210 32.65 -8.86 5.29
C GLY G 210 33.09 -10.10 6.03
N PHE G 211 33.36 -10.00 7.31
CA PHE G 211 33.87 -11.19 8.00
C PHE G 211 32.73 -11.98 8.58
N TYR G 212 32.92 -13.30 8.64
CA TYR G 212 32.03 -14.19 9.37
C TYR G 212 32.87 -15.37 9.90
N PRO G 213 32.67 -15.78 11.17
CA PRO G 213 31.67 -15.30 12.14
C PRO G 213 31.97 -13.96 12.79
N LYS G 214 31.14 -13.61 13.78
CA LYS G 214 31.15 -12.27 14.41
C LYS G 214 32.43 -11.94 15.19
N PRO G 215 32.94 -12.87 16.03
CA PRO G 215 34.10 -12.46 16.85
C PRO G 215 35.31 -12.00 16.02
N VAL G 216 35.93 -10.90 16.43
CA VAL G 216 36.96 -10.25 15.64
C VAL G 216 37.80 -9.39 16.58
N ARG G 217 39.11 -9.31 16.35
CA ARG G 217 39.94 -8.39 17.14
C ARG G 217 40.72 -7.43 16.22
N VAL G 218 40.43 -6.14 16.35
CA VAL G 218 41.07 -5.13 15.51
C VAL G 218 41.70 -4.09 16.42
N MET G 219 42.98 -3.80 16.22
CA MET G 219 43.74 -2.87 17.05
C MET G 219 44.67 -2.01 16.23
N TRP G 220 44.89 -0.75 16.65
CA TRP G 220 45.98 0.08 16.08
C TRP G 220 47.30 -0.23 16.81
N MET G 221 48.39 -0.31 16.06
CA MET G 221 49.69 -0.76 16.57
C MET G 221 50.77 0.18 16.12
N ARG G 222 51.80 0.30 16.95
CA ARG G 222 53.06 0.84 16.51
C ARG G 222 54.06 -0.24 16.89
N GLY G 223 54.70 -0.81 15.88
CA GLY G 223 55.53 -2.00 16.08
C GLY G 223 54.64 -3.08 16.65
N GLU G 224 54.97 -3.53 17.86
CA GLU G 224 54.16 -4.52 18.59
C GLU G 224 53.40 -3.92 19.79
N GLN G 225 53.53 -2.61 20.02
CA GLN G 225 52.80 -1.91 21.07
C GLN G 225 51.36 -1.50 20.61
N GLU G 226 50.35 -2.08 21.25
CA GLU G 226 48.95 -1.69 21.03
C GLU G 226 48.76 -0.22 21.40
N GLN G 227 48.08 0.55 20.55
CA GLN G 227 47.90 1.96 20.86
C GLN G 227 46.67 2.16 21.73
N PRO G 228 46.87 2.72 22.94
CA PRO G 228 45.75 2.85 23.89
C PRO G 228 44.65 3.82 23.42
N GLY G 229 44.98 4.68 22.45
CA GLY G 229 44.00 5.58 21.85
C GLY G 229 42.98 4.87 20.97
N THR G 230 43.21 3.60 20.66
CA THR G 230 42.32 2.83 19.79
C THR G 230 40.84 2.91 20.23
N GLN G 231 39.97 3.39 19.33
CA GLN G 231 38.55 3.48 19.60
C GLN G 231 37.82 2.37 18.87
N GLN G 232 37.35 1.36 19.60
CA GLN G 232 36.53 0.30 19.03
C GLN G 232 35.18 0.87 18.64
N GLY G 233 34.74 0.67 17.41
CA GLY G 233 33.35 0.99 17.09
C GLY G 233 32.44 -0.20 17.44
N ASP G 234 31.13 0.01 17.35
CA ASP G 234 30.17 -1.07 17.47
C ASP G 234 30.17 -1.88 16.18
N LEU G 235 29.93 -3.18 16.31
CA LEU G 235 29.74 -4.05 15.18
C LEU G 235 28.41 -3.77 14.54
N MET G 236 28.42 -3.61 13.23
CA MET G 236 27.24 -3.23 12.51
C MET G 236 26.97 -4.27 11.43
N PRO G 237 25.68 -4.59 11.20
CA PRO G 237 25.38 -5.63 10.23
C PRO G 237 25.53 -5.18 8.76
N ASN G 238 26.02 -6.11 7.93
CA ASN G 238 25.84 -6.04 6.48
C ASN G 238 24.55 -6.79 6.13
N ALA G 239 24.13 -6.75 4.87
CA ALA G 239 22.87 -7.36 4.47
C ALA G 239 23.02 -8.85 4.15
N ASP G 240 24.26 -9.34 4.17
CA ASP G 240 24.59 -10.69 3.74
C ASP G 240 25.27 -11.53 4.84
N TRP G 241 24.74 -11.51 6.08
CA TRP G 241 25.32 -12.34 7.16
C TRP G 241 26.84 -12.17 7.40
N THR G 242 27.28 -10.93 7.33
CA THR G 242 28.62 -10.53 7.76
C THR G 242 28.44 -9.22 8.50
N TRP G 243 29.54 -8.71 9.08
CA TRP G 243 29.55 -7.47 9.83
C TRP G 243 30.57 -6.45 9.36
N TYR G 244 30.39 -5.23 9.86
CA TYR G 244 31.22 -4.10 9.55
C TYR G 244 31.69 -3.49 10.88
N LEU G 245 32.98 -3.26 10.97
CA LEU G 245 33.56 -2.56 12.13
C LEU G 245 34.49 -1.42 11.67
N ARG G 246 34.43 -0.31 12.39
CA ARG G 246 35.29 0.85 12.19
C ARG G 246 36.06 1.00 13.51
N VAL G 247 37.39 1.10 13.43
CA VAL G 247 38.22 1.28 14.61
C VAL G 247 39.11 2.48 14.35
N THR G 248 39.05 3.49 15.21
CA THR G 248 39.73 4.73 14.86
C THR G 248 40.83 5.10 15.83
N LEU G 249 41.77 5.90 15.37
CA LEU G 249 42.86 6.40 16.18
C LEU G 249 42.99 7.90 15.91
N ASN G 250 42.95 8.67 16.98
CA ASN G 250 43.09 10.12 16.94
C ASN G 250 44.57 10.39 17.21
N VAL G 251 45.25 10.93 16.21
CA VAL G 251 46.71 11.01 16.31
C VAL G 251 47.34 12.32 15.77
N ALA G 252 48.49 12.68 16.33
CA ALA G 252 49.30 13.78 15.78
C ALA G 252 49.90 13.38 14.43
N ALA G 253 49.89 14.29 13.47
CA ALA G 253 50.43 14.01 12.13
C ALA G 253 51.92 13.61 12.17
N GLY G 254 52.71 14.40 12.90
CA GLY G 254 54.12 14.13 13.11
C GLY G 254 54.41 13.02 14.12
N GLU G 255 53.60 11.97 14.11
CA GLU G 255 53.85 10.77 14.92
C GLU G 255 53.06 9.57 14.40
N ALA G 256 52.60 9.66 13.15
CA ALA G 256 51.88 8.55 12.51
C ALA G 256 52.81 7.44 11.99
N ALA G 257 54.08 7.48 12.38
CA ALA G 257 55.12 6.60 11.84
C ALA G 257 55.02 5.15 12.35
N GLY G 258 55.07 4.19 11.43
CA GLY G 258 55.05 2.78 11.77
C GLY G 258 53.68 2.32 12.20
N LEU G 259 52.72 3.24 12.19
CA LEU G 259 51.36 2.94 12.61
C LEU G 259 50.67 1.93 11.68
N ASN G 260 50.15 0.87 12.26
CA ASN G 260 49.38 -0.06 11.46
C ASN G 260 48.14 -0.56 12.16
N CYS G 261 47.13 -0.89 11.36
CA CYS G 261 45.92 -1.51 11.84
C CYS G 261 46.05 -3.02 11.70
N ARG G 262 45.76 -3.75 12.76
CA ARG G 262 45.99 -5.18 12.77
C ARG G 262 44.67 -5.92 13.02
N VAL G 263 44.31 -6.83 12.10
CA VAL G 263 43.04 -7.53 12.17
C VAL G 263 43.31 -9.01 12.43
N LYS G 264 42.77 -9.50 13.53
CA LYS G 264 42.82 -10.89 13.88
C LYS G 264 41.41 -11.41 13.73
N HIS G 265 41.26 -12.55 13.04
CA HIS G 265 39.97 -13.22 12.86
C HIS G 265 40.20 -14.68 12.60
N SER G 266 39.23 -15.47 13.04
CA SER G 266 39.27 -16.93 12.96
C SER G 266 39.49 -17.43 11.57
N SER G 267 38.98 -16.73 10.55
CA SER G 267 39.18 -17.16 9.15
C SER G 267 40.62 -17.01 8.65
N LEU G 268 41.45 -16.34 9.43
CA LEU G 268 42.77 -15.95 8.94
C LEU G 268 43.84 -16.85 9.51
N GLY G 269 43.45 -17.69 10.47
CA GLY G 269 44.39 -18.63 11.07
C GLY G 269 45.44 -17.82 11.79
N ASP G 270 46.69 -18.15 11.55
CA ASP G 270 47.84 -17.52 12.21
C ASP G 270 48.38 -16.29 11.44
N GLN G 271 47.69 -15.88 10.39
CA GLN G 271 48.21 -14.81 9.50
C GLN G 271 47.32 -13.58 9.50
N ASP G 272 47.55 -12.65 10.42
CA ASP G 272 46.69 -11.48 10.54
C ASP G 272 46.82 -10.59 9.29
N ILE G 273 45.77 -9.79 9.08
CA ILE G 273 45.82 -8.66 8.18
C ILE G 273 46.48 -7.45 8.86
N ILE G 274 47.48 -6.90 8.18
CA ILE G 274 48.20 -5.74 8.63
C ILE G 274 48.16 -4.63 7.56
N LEU G 275 47.70 -3.45 7.96
CA LEU G 275 47.59 -2.28 7.07
C LEU G 275 48.35 -1.11 7.64
N TYR G 276 49.44 -0.73 6.99
CA TYR G 276 50.20 0.45 7.39
C TYR G 276 49.64 1.75 6.83
N TRP G 277 49.80 2.79 7.62
CA TRP G 277 49.46 4.13 7.23
C TRP G 277 50.77 4.88 7.10
N HIS G 278 50.97 5.50 5.95
CA HIS G 278 52.08 6.43 5.79
C HIS G 278 51.58 7.85 5.51
N ILE H 1 8.61 4.46 26.90
CA ILE H 1 9.80 5.37 27.00
C ILE H 1 10.31 5.80 25.61
N GLN H 2 10.84 7.02 25.51
CA GLN H 2 11.34 7.53 24.22
C GLN H 2 12.87 7.59 24.11
N ARG H 3 13.39 6.99 23.03
CA ARG H 3 14.83 6.93 22.76
C ARG H 3 15.10 7.31 21.30
N PRO H 4 15.97 8.31 21.07
CA PRO H 4 16.21 8.72 19.69
C PRO H 4 17.10 7.73 18.94
N PRO H 5 16.99 7.69 17.59
CA PRO H 5 17.80 6.77 16.81
C PRO H 5 19.27 7.16 16.73
N LYS H 6 20.13 6.17 16.69
CA LYS H 6 21.52 6.39 16.26
C LYS H 6 21.61 5.96 14.77
N ILE H 7 22.37 6.71 13.98
CA ILE H 7 22.41 6.51 12.54
C ILE H 7 23.83 6.35 12.05
N GLN H 8 24.05 5.31 11.27
CA GLN H 8 25.37 5.06 10.74
C GLN H 8 25.27 4.70 9.27
N VAL H 9 26.16 5.29 8.48
CA VAL H 9 26.23 5.03 7.05
C VAL H 9 27.63 4.56 6.72
N TYR H 10 27.68 3.46 5.97
CA TYR H 10 28.92 2.77 5.60
C TYR H 10 28.68 1.92 4.36
N SER H 11 29.77 1.69 3.61
CA SER H 11 29.71 0.88 2.40
C SER H 11 30.12 -0.55 2.74
N ARG H 12 29.52 -1.51 2.01
CA ARG H 12 29.80 -2.91 2.23
C ARG H 12 31.24 -3.29 1.88
N HIS H 13 31.75 -2.74 0.79
CA HIS H 13 33.11 -3.00 0.27
C HIS H 13 33.92 -1.68 0.27
N PRO H 14 35.26 -1.76 0.18
CA PRO H 14 36.01 -0.51 0.08
C PRO H 14 35.56 0.26 -1.15
N PRO H 15 35.29 1.58 -1.02
CA PRO H 15 34.81 2.34 -2.17
C PRO H 15 35.90 2.56 -3.18
N GLU H 16 35.64 2.16 -4.42
CA GLU H 16 36.52 2.43 -5.56
C GLU H 16 35.63 3.17 -6.54
N ASP H 17 36.07 4.35 -7.00
CA ASP H 17 35.26 5.16 -7.91
C ASP H 17 34.87 4.36 -9.13
N GLY H 18 33.59 4.45 -9.51
CA GLY H 18 33.09 3.82 -10.73
C GLY H 18 32.79 2.35 -10.56
N LYS H 19 32.90 1.85 -9.32
CA LYS H 19 32.69 0.44 -9.01
C LYS H 19 31.44 0.19 -8.18
N PRO H 20 30.57 -0.74 -8.63
CA PRO H 20 29.35 -1.11 -7.92
C PRO H 20 29.64 -1.63 -6.53
N ASN H 21 28.79 -1.22 -5.58
CA ASN H 21 29.00 -1.43 -4.15
C ASN H 21 27.61 -1.44 -3.49
N TYR H 22 27.55 -1.48 -2.17
CA TYR H 22 26.30 -1.29 -1.47
C TYR H 22 26.43 -0.24 -0.41
N LEU H 23 25.40 0.59 -0.30
CA LEU H 23 25.33 1.58 0.75
C LEU H 23 24.38 1.07 1.83
N ASN H 24 24.93 0.96 3.03
CA ASN H 24 24.19 0.56 4.21
C ASN H 24 23.94 1.73 5.13
N CYS H 25 22.70 1.80 5.62
CA CYS H 25 22.32 2.73 6.67
C CYS H 25 21.77 1.93 7.85
N TYR H 26 22.52 1.93 8.95
CA TYR H 26 22.10 1.21 10.14
C TYR H 26 21.54 2.21 11.17
N VAL H 27 20.30 1.97 11.57
CA VAL H 27 19.56 2.86 12.46
C VAL H 27 19.10 2.05 13.67
N TYR H 28 19.54 2.44 14.86
CA TYR H 28 19.37 1.60 16.04
C TYR H 28 19.17 2.35 17.36
N GLY H 29 18.77 1.61 18.40
CA GLY H 29 18.67 2.16 19.76
C GLY H 29 17.45 3.04 19.97
N PHE H 30 16.47 2.95 19.07
CA PHE H 30 15.30 3.82 19.13
C PHE H 30 14.06 3.16 19.74
N HIS H 31 13.10 4.01 20.14
CA HIS H 31 11.80 3.60 20.64
C HIS H 31 10.94 4.86 20.68
N PRO H 32 9.67 4.76 20.24
CA PRO H 32 8.93 3.62 19.68
C PRO H 32 9.43 3.14 18.30
N PRO H 33 8.93 1.98 17.83
CA PRO H 33 9.44 1.37 16.60
C PRO H 33 9.07 2.07 15.27
N GLN H 34 8.02 2.89 15.28
CA GLN H 34 7.59 3.62 14.09
C GLN H 34 8.71 4.57 13.63
N ILE H 35 9.17 4.40 12.39
CA ILE H 35 10.31 5.15 11.87
C ILE H 35 10.33 5.19 10.33
N GLU H 36 10.82 6.29 9.76
CA GLU H 36 11.02 6.36 8.30
C GLU H 36 12.51 6.48 7.90
N ILE H 37 13.00 5.52 7.13
CA ILE H 37 14.40 5.53 6.68
C ILE H 37 14.49 5.54 5.15
N ASP H 38 15.11 6.59 4.61
CA ASP H 38 15.36 6.68 3.18
C ASP H 38 16.86 6.89 2.88
N LEU H 39 17.38 6.20 1.88
CA LEU H 39 18.71 6.52 1.33
C LEU H 39 18.64 7.54 0.20
N LEU H 40 19.54 8.53 0.21
CA LEU H 40 19.51 9.64 -0.77
C LEU H 40 20.76 9.75 -1.63
N LYS H 41 20.55 10.15 -2.89
CA LYS H 41 21.61 10.45 -3.84
C LYS H 41 21.41 11.88 -4.33
N ASN H 42 22.26 12.79 -3.88
CA ASN H 42 22.13 14.25 -4.11
C ASN H 42 20.77 14.79 -3.66
N GLY H 43 20.28 14.28 -2.53
CA GLY H 43 19.03 14.71 -1.92
C GLY H 43 17.75 14.13 -2.49
N GLU H 44 17.86 13.02 -3.23
CA GLU H 44 16.67 12.32 -3.76
C GLU H 44 16.61 10.84 -3.35
N LYS H 45 15.39 10.32 -3.16
CA LYS H 45 15.17 8.94 -2.72
C LYS H 45 15.67 7.93 -3.76
N ILE H 46 16.50 6.99 -3.34
CA ILE H 46 16.87 5.85 -4.19
C ILE H 46 16.29 4.55 -3.64
N LYS H 47 16.03 3.59 -4.54
CA LYS H 47 15.48 2.29 -4.14
C LYS H 47 16.42 1.60 -3.19
N SER H 48 15.89 1.24 -2.03
CA SER H 48 16.65 0.55 -0.99
C SER H 48 15.82 -0.59 -0.45
N GLU H 49 16.48 -1.51 0.26
CA GLU H 49 15.84 -2.65 0.93
C GLU H 49 16.00 -2.47 2.43
N GLN H 50 14.91 -2.66 3.17
CA GLN H 50 14.95 -2.52 4.61
C GLN H 50 14.80 -3.91 5.26
N SER H 51 15.64 -4.23 6.24
CA SER H 51 15.48 -5.49 6.97
C SER H 51 14.18 -5.47 7.78
N ASP H 52 13.65 -6.66 8.12
CA ASP H 52 12.50 -6.78 9.06
C ASP H 52 12.85 -6.16 10.41
N LEU H 53 11.89 -5.50 11.03
CA LEU H 53 12.16 -4.84 12.30
C LEU H 53 12.70 -5.80 13.35
N SER H 54 13.73 -5.40 14.08
CA SER H 54 14.21 -6.22 15.20
C SER H 54 14.54 -5.36 16.40
N PHE H 55 14.98 -5.99 17.48
CA PHE H 55 15.42 -5.26 18.65
C PHE H 55 16.54 -6.01 19.38
N SER H 56 17.29 -5.28 20.20
CA SER H 56 18.42 -5.81 20.94
C SER H 56 17.98 -6.24 22.34
N LYS H 57 18.93 -6.76 23.12
CA LYS H 57 18.67 -7.23 24.48
C LYS H 57 17.99 -6.16 25.36
N ASP H 58 18.38 -4.89 25.18
CA ASP H 58 17.82 -3.83 26.02
C ASP H 58 16.43 -3.40 25.56
N TRP H 59 15.91 -4.10 24.55
CA TRP H 59 14.60 -3.85 23.91
C TRP H 59 14.52 -2.72 22.88
N SER H 60 15.62 -2.00 22.61
CA SER H 60 15.57 -0.88 21.66
C SER H 60 15.67 -1.43 20.24
N PHE H 61 15.05 -0.73 19.29
CA PHE H 61 14.88 -1.28 17.95
C PHE H 61 16.04 -0.98 17.02
N TYR H 62 16.23 -1.83 16.02
CA TYR H 62 17.22 -1.54 14.97
C TYR H 62 16.73 -1.97 13.59
N LEU H 63 17.20 -1.27 12.56
CA LEU H 63 16.93 -1.59 11.16
C LEU H 63 18.19 -1.43 10.30
N LEU H 64 18.25 -2.19 9.22
CA LEU H 64 19.25 -1.97 8.21
C LEU H 64 18.58 -1.65 6.90
N SER H 65 18.94 -0.49 6.35
CA SER H 65 18.50 -0.13 5.02
C SER H 65 19.70 -0.24 4.12
N HIS H 66 19.55 -0.90 2.98
CA HIS H 66 20.68 -1.01 2.10
C HIS H 66 20.32 -0.88 0.64
N ALA H 67 21.22 -0.25 -0.11
CA ALA H 67 20.98 0.02 -1.52
C ALA H 67 22.22 -0.18 -2.38
N GLU H 68 22.01 -0.69 -3.60
CA GLU H 68 23.03 -0.69 -4.64
C GLU H 68 23.44 0.73 -4.94
N PHE H 69 24.75 0.94 -5.09
CA PHE H 69 25.28 2.21 -5.59
C PHE H 69 26.67 2.09 -6.24
N THR H 70 27.04 3.13 -6.96
CA THR H 70 28.34 3.23 -7.60
C THR H 70 28.92 4.59 -7.20
N PRO H 71 29.83 4.58 -6.23
CA PRO H 71 30.43 5.81 -5.74
C PRO H 71 31.32 6.47 -6.78
N ASN H 72 31.29 7.80 -6.83
CA ASN H 72 32.23 8.61 -7.62
C ASN H 72 32.50 9.96 -6.94
N SER H 73 33.51 10.69 -7.42
CA SER H 73 33.93 11.94 -6.78
C SER H 73 32.80 12.96 -6.65
N LYS H 74 31.93 13.03 -7.67
CA LYS H 74 30.90 14.07 -7.72
C LYS H 74 29.73 13.79 -6.77
N ASP H 75 29.09 12.63 -6.91
CA ASP H 75 27.82 12.38 -6.25
C ASP H 75 27.90 12.27 -4.73
N GLN H 76 26.87 12.80 -4.08
CA GLN H 76 26.72 12.74 -2.63
C GLN H 76 25.66 11.72 -2.25
N TYR H 77 25.87 11.07 -1.12
CA TYR H 77 24.90 10.12 -0.58
C TYR H 77 24.65 10.36 0.89
N SER H 78 23.40 10.19 1.30
CA SER H 78 23.06 10.33 2.70
C SER H 78 21.93 9.38 3.12
N CYS H 79 21.65 9.38 4.42
CA CYS H 79 20.56 8.60 4.99
C CYS H 79 19.66 9.52 5.79
N ARG H 80 18.37 9.52 5.45
CA ARG H 80 17.38 10.40 6.07
C ARG H 80 16.41 9.60 6.93
N VAL H 81 16.26 10.01 8.19
CA VAL H 81 15.47 9.30 9.17
C VAL H 81 14.40 10.23 9.75
N LYS H 82 13.14 9.80 9.68
CA LYS H 82 12.06 10.50 10.35
C LYS H 82 11.63 9.69 11.57
N HIS H 83 11.58 10.34 12.73
CA HIS H 83 11.16 9.68 13.98
C HIS H 83 10.43 10.65 14.89
N VAL H 84 9.57 10.10 15.75
CA VAL H 84 8.75 10.92 16.67
C VAL H 84 9.57 11.76 17.66
N THR H 85 10.81 11.34 17.92
CA THR H 85 11.75 12.05 18.79
C THR H 85 12.48 13.17 18.04
N LEU H 86 12.40 13.16 16.70
CA LEU H 86 13.08 14.16 15.89
C LEU H 86 12.13 15.24 15.37
N GLU H 87 12.40 16.49 15.77
CA GLU H 87 11.57 17.64 15.40
C GLU H 87 11.66 17.94 13.91
N GLN H 88 12.80 17.60 13.33
CA GLN H 88 13.06 17.71 11.91
C GLN H 88 13.78 16.45 11.48
N PRO H 89 13.61 16.04 10.20
CA PRO H 89 14.28 14.80 9.77
C PRO H 89 15.81 14.92 9.84
N ARG H 90 16.46 13.91 10.40
CA ARG H 90 17.93 13.91 10.48
C ARG H 90 18.55 13.28 9.22
N ILE H 91 19.45 14.03 8.59
CA ILE H 91 20.21 13.56 7.44
C ILE H 91 21.64 13.25 7.88
N VAL H 92 22.10 12.04 7.61
CA VAL H 92 23.49 11.69 7.88
C VAL H 92 24.17 11.40 6.55
N LYS H 93 25.09 12.27 6.18
CA LYS H 93 25.86 12.13 4.95
C LYS H 93 26.80 10.91 5.02
N TRP H 94 26.89 10.16 3.92
CA TRP H 94 27.92 9.16 3.82
C TRP H 94 29.26 9.83 3.62
N ASP H 95 30.12 9.68 4.61
CA ASP H 95 31.49 10.13 4.44
C ASP H 95 32.31 8.89 4.11
N ARG H 96 32.81 8.84 2.88
CA ARG H 96 33.59 7.69 2.38
C ARG H 96 34.85 7.47 3.20
N ASP H 97 35.42 8.58 3.70
CA ASP H 97 36.62 8.57 4.51
C ASP H 97 36.34 8.19 5.97
N LEU H 98 35.09 7.86 6.28
CA LEU H 98 34.64 7.53 7.63
C LEU H 98 33.33 6.75 7.63
C1 NAG I . -47.02 11.96 -53.35
C2 NAG I . -48.08 13.08 -53.33
C3 NAG I . -49.04 12.96 -52.15
C4 NAG I . -49.27 11.56 -51.61
C5 NAG I . -47.98 10.75 -51.57
C6 NAG I . -48.20 9.32 -51.08
C7 NAG I . -47.27 15.16 -54.17
C8 NAG I . -46.52 16.46 -54.00
N2 NAG I . -47.35 14.34 -53.15
O3 NAG I . -50.29 13.56 -52.44
O4 NAG I . -49.80 11.76 -50.33
O5 NAG I . -47.47 10.71 -52.88
O6 NAG I . -49.39 8.80 -51.65
O7 NAG I . -47.81 14.87 -55.25
C1 NAG I . -50.94 10.96 -50.01
C2 NAG I . -51.13 10.97 -48.51
C3 NAG I . -52.42 10.30 -48.13
C4 NAG I . -53.60 10.75 -48.99
C5 NAG I . -53.24 10.71 -50.47
C6 NAG I . -54.31 11.34 -51.37
C7 NAG I . -49.21 10.78 -47.00
C8 NAG I . -48.20 9.89 -46.36
N2 NAG I . -50.09 10.21 -47.83
O3 NAG I . -52.66 10.59 -46.79
O4 NAG I . -54.66 9.85 -48.75
O5 NAG I . -52.06 11.45 -50.68
O6 NAG I . -54.17 10.82 -52.67
O7 NAG I . -49.20 11.98 -46.75
C1 BMA I . -55.86 10.53 -48.33
C2 BMA I . -57.06 9.74 -48.85
C3 BMA I . -58.41 10.25 -48.35
C4 BMA I . -58.35 10.83 -46.93
C5 BMA I . -57.01 11.50 -46.57
C6 BMA I . -56.82 11.85 -45.09
O2 BMA I . -56.92 8.39 -48.47
O3 BMA I . -59.34 9.20 -48.41
O4 BMA I . -59.42 11.75 -46.83
O5 BMA I . -55.95 10.65 -46.94
O6 BMA I . -57.92 11.49 -44.29
C1 MAN I . -60.32 9.46 -49.46
C2 MAN I . -61.62 8.69 -49.24
C3 MAN I . -61.49 7.21 -49.60
C4 MAN I . -60.80 6.99 -50.95
C5 MAN I . -59.56 7.87 -51.12
C6 MAN I . -59.16 7.85 -52.59
O2 MAN I . -62.64 9.27 -50.03
O3 MAN I . -62.76 6.62 -49.66
O4 MAN I . -60.44 5.63 -51.07
O5 MAN I . -59.83 9.21 -50.77
O6 MAN I . -57.76 7.95 -52.69
C1 FUC I . -50.36 14.93 -51.99
C2 FUC I . -51.59 15.63 -52.60
C3 FUC I . -52.85 15.12 -51.90
C4 FUC I . -52.73 15.41 -50.40
C5 FUC I . -51.49 14.70 -49.85
C6 FUC I . -51.29 14.99 -48.36
O2 FUC I . -51.68 15.41 -53.99
O3 FUC I . -54.00 15.71 -52.45
O4 FUC I . -52.62 16.80 -50.14
O5 FUC I . -50.33 15.08 -50.57
C1 FUC I . -49.43 7.36 -51.72
C2 FUC I . -50.79 6.92 -52.26
C3 FUC I . -50.94 7.29 -53.74
C4 FUC I . -49.73 6.80 -54.55
C5 FUC I . -48.44 7.25 -53.89
C6 FUC I . -47.18 6.73 -54.59
O2 FUC I . -51.83 7.54 -51.55
O3 FUC I . -52.16 6.77 -54.24
O4 FUC I . -49.78 5.39 -54.57
O5 FUC I . -48.44 6.80 -52.54
C1 NAG J . -26.70 -28.81 -10.49
C2 NAG J . -26.49 -30.33 -10.51
C3 NAG J . -26.47 -30.85 -11.95
C4 NAG J . -27.68 -30.31 -12.70
C5 NAG J . -27.82 -28.81 -12.52
C6 NAG J . -29.09 -28.27 -13.16
C7 NAG J . -24.03 -30.32 -10.30
C8 NAG J . -22.88 -30.77 -9.43
N2 NAG J . -25.25 -30.66 -9.85
O3 NAG J . -26.53 -32.25 -11.98
O4 NAG J . -27.57 -30.64 -14.07
O5 NAG J . -27.89 -28.53 -11.16
O6 NAG J . -30.14 -29.12 -12.77
O7 NAG J . -23.84 -29.70 -11.36
C1 NAG J . -28.71 -31.32 -14.58
C2 NAG J . -28.63 -31.39 -16.12
C3 NAG J . -29.80 -32.25 -16.66
C4 NAG J . -29.94 -33.58 -15.94
C5 NAG J . -29.95 -33.35 -14.42
C6 NAG J . -29.97 -34.63 -13.59
C7 NAG J . -27.59 -29.50 -17.30
C8 NAG J . -27.72 -28.11 -17.89
N2 NAG J . -28.65 -30.05 -16.72
O3 NAG J . -29.63 -32.50 -18.04
O4 NAG J . -31.17 -34.16 -16.37
O5 NAG J . -28.83 -32.58 -13.99
O6 NAG J . -30.57 -34.34 -12.34
O7 NAG J . -26.51 -30.05 -17.35
C1 BMA J . -30.99 -35.45 -17.01
C2 BMA J . -32.30 -36.23 -16.87
C3 BMA J . -32.13 -37.61 -17.48
C4 BMA J . -31.68 -37.47 -18.94
C5 BMA J . -30.46 -36.55 -19.08
C6 BMA J . -30.16 -36.16 -20.55
O2 BMA J . -33.30 -35.55 -17.59
O3 BMA J . -33.33 -38.37 -17.39
O4 BMA J . -31.38 -38.75 -19.42
O5 BMA J . -30.62 -35.33 -18.36
O6 BMA J . -30.31 -37.25 -21.43
C1 FUC J . -25.27 -32.95 -12.12
C2 FUC J . -25.52 -34.40 -11.72
C3 FUC J . -26.31 -35.13 -12.80
C4 FUC J . -25.63 -34.98 -14.15
C5 FUC J . -25.41 -33.50 -14.46
C6 FUC J . -24.68 -33.31 -15.79
O2 FUC J . -26.26 -34.44 -10.53
O3 FUC J . -26.45 -36.48 -12.46
O4 FUC J . -24.38 -35.65 -14.13
O5 FUC J . -24.68 -32.89 -13.41
C1 FUC J . -31.43 -28.48 -12.83
C2 FUC J . -32.52 -29.55 -12.71
C3 FUC J . -32.62 -30.05 -11.27
C4 FUC J . -32.78 -28.88 -10.31
C5 FUC J . -31.57 -27.95 -10.52
C6 FUC J . -31.53 -26.84 -9.48
O2 FUC J . -32.21 -30.67 -13.53
O3 FUC J . -33.68 -30.94 -11.14
O4 FUC J . -33.98 -28.19 -10.61
O5 FUC J . -31.60 -27.47 -11.84
C1 NAG K . 50.14 4.23 51.49
C2 NAG K . 51.63 4.64 51.56
C3 NAG K . 52.36 4.24 50.27
C4 NAG K . 52.03 2.79 49.89
C5 NAG K . 50.52 2.50 49.95
C6 NAG K . 50.19 1.03 49.72
C7 NAG K . 51.33 7.12 51.10
C8 NAG K . 51.59 8.50 51.64
N2 NAG K . 51.74 6.07 51.85
O3 NAG K . 53.77 4.34 50.39
O4 NAG K . 52.50 2.58 48.57
O5 NAG K . 50.05 2.84 51.23
O6 NAG K . 51.19 0.24 50.35
O7 NAG K . 50.81 7.04 49.98
C1 NAG K . 53.37 1.45 48.50
C2 NAG K . 53.57 1.14 47.03
C3 NAG K . 54.64 0.07 46.83
C4 NAG K . 55.91 0.36 47.62
C5 NAG K . 55.52 0.61 49.08
C6 NAG K . 56.74 0.97 49.94
C7 NAG K . 51.75 1.41 45.51
C8 NAG K . 50.47 0.92 44.90
N2 NAG K . 52.34 0.67 46.44
O3 NAG K . 54.95 0.05 45.48
O4 NAG K . 56.72 -0.78 47.52
O5 NAG K . 54.60 1.68 49.12
O6 NAG K . 56.37 0.82 51.29
O7 NAG K . 52.22 2.49 45.15
C1 BMA K . 58.04 -0.57 46.97
C2 BMA K . 58.90 -1.64 47.60
C3 BMA K . 60.36 -1.53 47.12
C4 BMA K . 60.45 -1.47 45.61
C5 BMA K . 59.40 -0.50 45.01
C6 BMA K . 59.24 -0.57 43.48
O2 BMA K . 58.34 -2.89 47.27
O3 BMA K . 61.13 -2.62 47.60
O4 BMA K . 61.80 -1.13 45.29
O5 BMA K . 58.11 -0.71 45.57
O6 BMA K . 59.74 -1.75 42.88
C1 FUC K . 54.32 5.57 49.84
C2 FUC K . 55.67 5.90 50.49
C3 FUC K . 56.75 4.96 49.98
C4 FUC K . 56.81 4.98 48.47
C5 FUC K . 55.43 4.70 47.86
C6 FUC K . 55.40 4.82 46.34
O2 FUC K . 55.61 5.76 51.90
O3 FUC K . 57.98 5.28 50.59
O4 FUC K . 57.26 6.26 48.06
O5 FUC K . 54.45 5.58 48.42
C1 FUC K . 50.71 -1.08 50.66
C2 FUC K . 51.83 -1.95 51.22
C3 FUC K . 52.27 -1.37 52.57
C4 FUC K . 51.08 -1.30 53.51
C5 FUC K . 49.96 -0.49 52.88
C6 FUC K . 48.70 -0.52 53.71
O2 FUC K . 52.91 -2.00 50.29
O3 FUC K . 53.23 -2.22 53.16
O4 FUC K . 50.60 -2.61 53.72
O5 FUC K . 49.67 -1.04 51.61
C1 NAG L . 15.90 -33.31 15.58
C2 NAG L . 15.21 -34.65 15.86
C3 NAG L . 15.11 -34.90 17.37
C4 NAG L . 16.45 -34.68 18.05
C5 NAG L . 17.04 -33.32 17.63
C6 NAG L . 18.44 -33.16 18.14
C7 NAG L . 12.88 -33.82 15.59
C8 NAG L . 11.58 -33.97 14.83
N2 NAG L . 13.87 -34.66 15.26
O3 NAG L . 14.72 -36.22 17.63
O4 NAG L . 16.25 -34.68 19.45
O5 NAG L . 17.16 -33.23 16.24
O6 NAG L . 19.09 -34.38 17.95
O7 NAG L . 12.98 -32.96 16.49
C1 NAG L . 17.11 -35.61 20.12
C2 NAG L . 17.02 -35.38 21.64
C3 NAG L . 17.81 -36.45 22.40
C4 NAG L . 17.53 -37.85 21.88
C5 NAG L . 17.67 -37.89 20.35
C6 NAG L . 17.33 -39.24 19.75
C7 NAG L . 16.61 -33.16 22.48
C8 NAG L . 17.15 -31.81 22.85
N2 NAG L . 17.47 -34.07 22.03
O3 NAG L . 17.44 -36.38 23.76
O4 NAG L . 18.48 -38.72 22.44
O5 NAG L . 16.78 -36.94 19.79
O6 NAG L . 18.14 -39.37 18.61
O7 NAG L . 15.40 -33.37 22.60
C1 BMA L . 17.90 -39.69 23.33
C2 BMA L . 18.89 -40.83 23.35
C3 BMA L . 18.35 -41.94 24.23
C4 BMA L . 18.11 -41.40 25.65
C5 BMA L . 17.22 -40.14 25.61
C6 BMA L . 17.13 -39.43 26.96
O2 BMA L . 20.12 -40.34 23.84
O3 BMA L . 19.21 -43.05 24.24
O4 BMA L . 17.49 -42.40 26.42
O5 BMA L . 17.71 -39.21 24.66
O6 BMA L . 16.77 -40.33 27.99
C1 FUC L . 13.31 -36.40 17.92
C2 FUC L . 12.93 -37.88 17.71
C3 FUC L . 13.38 -38.76 18.88
C4 FUC L . 12.98 -38.16 20.24
C5 FUC L . 13.38 -36.66 20.31
C6 FUC L . 13.00 -35.98 21.63
O2 FUC L . 13.52 -38.39 16.53
O3 FUC L . 12.84 -40.06 18.77
O4 FUC L . 11.60 -38.38 20.45
O5 FUC L . 12.90 -35.92 19.20
C1 FUC L . 20.49 -34.20 18.15
C2 FUC L . 21.19 -35.55 18.11
C3 FUC L . 21.04 -36.20 16.75
C4 FUC L . 21.50 -35.24 15.66
C5 FUC L . 20.85 -33.86 15.84
C6 FUC L . 21.41 -32.79 14.92
O2 FUC L . 20.57 -36.41 19.04
O3 FUC L . 21.79 -37.39 16.73
O4 FUC L . 22.91 -35.11 15.73
O5 FUC L . 21.03 -33.36 17.15
C1 NAG M . -8.47 29.68 -39.26
C2 NAG M . -7.15 30.41 -38.96
C3 NAG M . -6.58 31.02 -40.25
C4 NAG M . -6.37 29.89 -41.25
C5 NAG M . -7.64 29.03 -41.45
C6 NAG M . -7.28 27.79 -42.26
C7 NAG M . -8.09 32.40 -37.75
C8 NAG M . -7.92 33.26 -36.53
N2 NAG M . -7.21 31.39 -37.88
O3 NAG M . -5.37 31.73 -40.02
O4 NAG M . -5.93 30.43 -42.49
O5 NAG M . -8.26 28.65 -40.22
O6 NAG M . -8.37 26.89 -42.23
O7 NAG M . -8.99 32.65 -38.56
N L9R N . -34.08 32.13 -48.18
P L9R N . -35.80 31.05 -43.87
C1 L9R N . -34.10 29.82 -42.02
C2 L9R N . -33.95 28.47 -41.23
O2 L9R N . -34.23 27.26 -42.06
C3 L9R N . -32.56 28.25 -40.54
O3 L9R N . -31.92 29.30 -39.75
C4 L9R N . -35.99 31.63 -46.54
C5 L9R N . -35.18 31.19 -47.78
C6 L9R N . -34.51 33.06 -49.21
C7 L9R N . -33.49 32.98 -47.11
C8 L9R N . -33.02 31.32 -48.82
C11 L9R N . -31.35 28.93 -38.54
O11 L9R N . -31.23 29.82 -37.67
C12 L9R N . -30.77 27.50 -38.26
C13 L9R N . -31.05 26.93 -36.85
C14 L9R N . -29.90 26.07 -36.27
C15 L9R N . -29.68 26.34 -34.75
C16 L9R N . -28.39 25.69 -34.17
C17 L9R N . -27.81 26.48 -32.96
C18 L9R N . -27.32 25.60 -31.78
C19 L9R N . -25.92 26.00 -31.25
O1P L9R N . -37.17 31.19 -43.33
C20 L9R N . -25.40 25.07 -30.12
C21 L9R N . -24.61 23.86 -30.65
C22 L9R N . -24.80 22.60 -29.78
C23 L9R N . -24.65 21.27 -30.56
C24 L9R N . -25.68 21.11 -31.69
C25 L9R N . -26.19 19.68 -31.94
C26 L9R N . -26.84 19.56 -33.34
C27 L9R N . -28.38 19.66 -33.36
C28 L9R N . -28.96 20.23 -34.68
O2P L9R N . -34.86 32.22 -43.82
C31 L9R N . -34.95 26.26 -41.45
O31 L9R N . -36.10 26.50 -41.09
C32 L9R N . -34.39 24.85 -41.20
C33 L9R N . -34.56 23.90 -42.40
C34 L9R N . -34.73 22.43 -41.96
C35 L9R N . -33.51 21.52 -42.21
C36 L9R N . -33.54 20.33 -41.23
C37 L9R N . -32.69 19.12 -41.65
C38 L9R N . -31.21 19.47 -41.75
C39 L9R N . -30.42 18.38 -42.16
O3P L9R N . -35.08 29.73 -43.12
C40 L9R N . -29.74 18.31 -43.38
C41 L9R N . -29.79 19.26 -44.42
C42 L9R N . -29.03 18.71 -45.66
C43 L9R N . -29.66 19.10 -47.00
C44 L9R N . -29.18 18.18 -48.14
C45 L9R N . -29.76 18.57 -49.50
C46 L9R N . -30.76 17.60 -50.15
C47 L9R N . -31.32 18.18 -51.47
C48 L9R N . -32.83 17.94 -51.74
O4P L9R N . -35.97 30.62 -45.49
C1 GOL O . -34.87 7.43 -37.41
O1 GOL O . -33.67 8.03 -37.88
C2 GOL O . -36.06 8.11 -38.11
O2 GOL O . -37.20 8.13 -37.27
C3 GOL O . -36.37 7.43 -39.44
O3 GOL O . -35.48 6.35 -39.68
C1 NAG P . 7.11 -1.18 -15.80
C2 NAG P . 8.43 -0.39 -15.70
C3 NAG P . 8.79 -0.07 -14.23
C4 NAG P . 7.60 0.52 -13.48
C5 NAG P . 6.39 -0.42 -13.66
C6 NAG P . 5.15 -0.05 -12.85
C7 NAG P . 10.07 -0.70 -17.46
C8 NAG P . 11.08 -1.63 -18.08
N2 NAG P . 9.44 -1.16 -16.39
O3 NAG P . 9.88 0.83 -14.16
O4 NAG P . 7.94 0.74 -12.12
O5 NAG P . 6.10 -0.53 -15.05
O6 NAG P . 4.65 1.23 -13.23
O7 NAG P . 9.86 0.42 -17.94
N L9Q Q . -1.11 -24.38 -11.03
P L9Q Q . 0.51 -22.60 -15.22
C1 L9Q Q . -1.89 -23.19 -16.39
C2 L9Q Q . -2.38 -23.21 -17.85
O2 L9Q Q . -3.63 -22.49 -18.02
C3 L9Q Q . -1.35 -22.49 -18.71
O3 L9Q Q . -1.58 -22.73 -20.12
C4 L9Q Q . 0.32 -22.95 -12.50
C5 L9Q Q . 0.28 -24.08 -11.45
C11 L9Q Q . -0.84 -21.88 -20.90
O11 L9Q Q . 0.35 -22.16 -21.11
C12 L9Q Q . -1.52 -20.61 -21.50
C13 L9Q Q . -3.06 -20.58 -21.47
C14 L9Q Q . -3.62 -19.15 -21.44
C15 L9Q Q . -4.28 -18.72 -22.77
C16 L9Q Q . -5.81 -18.94 -22.80
C17 L9Q Q . -6.50 -18.23 -24.02
C18 L9Q Q . -7.97 -17.83 -23.72
C19 L9Q Q . -8.57 -16.94 -24.82
O1P L9Q Q . 1.92 -22.67 -15.72
C20 L9Q Q . -8.62 -15.46 -24.40
C21 L9Q Q . -8.96 -14.52 -25.59
C22 L9Q Q . -7.97 -13.34 -25.64
C23 L9Q Q . -8.36 -12.27 -26.69
C24 L9Q Q . -7.26 -11.20 -26.87
C25 L9Q Q . -6.12 -11.74 -27.74
C26 L9Q Q . -4.90 -10.79 -27.86
C27 L9Q Q . -3.87 -11.36 -28.85
C28 L9Q Q . -2.69 -12.07 -28.14
O2P L9Q Q . -0.10 -21.28 -14.93
C31 L9Q Q . -4.78 -23.24 -18.06
O31 L9Q Q . -4.80 -24.44 -17.78
C32 L9Q Q . -6.07 -22.52 -18.43
C33 L9Q Q . -7.16 -23.43 -19.02
C34 L9Q Q . -8.31 -22.56 -19.56
C35 L9Q Q . -9.43 -22.35 -18.56
C36 L9Q Q . -9.75 -20.86 -18.36
C37 L9Q Q . -11.03 -20.38 -19.05
C38 L9Q Q . -11.60 -19.09 -18.40
C39 L9Q Q . -11.60 -17.97 -19.27
O3P L9Q Q . -0.47 -23.41 -16.26
C40 L9Q Q . -11.86 -16.62 -18.94
C41 L9Q Q . -12.29 -16.01 -17.75
C42 L9Q Q . -11.35 -16.13 -16.52
C43 L9Q Q . -11.68 -15.10 -15.41
C44 L9Q Q . -11.59 -15.72 -14.00
C45 L9Q Q . -12.54 -15.07 -12.96
C46 L9Q Q . -12.62 -15.90 -11.66
C47 L9Q Q . -13.88 -15.64 -10.79
C48 L9Q Q . -14.16 -16.77 -9.77
O4P L9Q Q . 0.44 -23.52 -13.82
C1 GOL R . -43.94 5.15 -2.04
O1 GOL R . -44.41 6.10 -1.12
C2 GOL R . -43.50 5.96 -3.26
O2 GOL R . -42.32 6.69 -2.96
C3 GOL R . -44.68 6.88 -3.53
O3 GOL R . -45.91 6.27 -3.15
C1 GOL S . -23.67 -15.95 -22.98
O1 GOL S . -24.39 -14.84 -22.49
C2 GOL S . -23.13 -15.60 -24.35
O2 GOL S . -21.91 -16.28 -24.48
C3 GOL S . -22.90 -14.10 -24.45
O3 GOL S . -21.81 -13.73 -23.63
CL CL T . -2.69 -27.15 -25.22
C1 GOL U . -54.22 27.52 -8.29
O1 GOL U . -53.83 26.50 -9.19
C2 GOL U . -53.38 27.42 -7.02
O2 GOL U . -53.97 28.15 -5.98
C3 GOL U . -52.02 28.00 -7.23
O3 GOL U . -51.25 27.42 -6.20
C1 NAG V . 20.21 32.29 34.42
C2 NAG V . 19.27 33.49 34.28
C3 NAG V . 19.18 34.20 35.64
C4 NAG V . 18.47 33.24 36.59
C5 NAG V . 19.18 31.88 36.68
C6 NAG V . 18.18 30.87 37.22
C7 NAG V . 18.79 35.12 32.52
C8 NAG V . 17.32 35.01 32.79
N2 NAG V . 19.67 34.40 33.24
O3 NAG V . 18.45 35.41 35.58
O4 NAG V . 18.34 33.85 37.87
O5 NAG V . 19.69 31.40 35.42
O6 NAG V . 18.62 30.26 38.41
O7 NAG V . 19.16 35.88 31.63
C1 NAG W . 45.97 0.54 30.36
C2 NAG W . 44.73 -0.37 30.57
C3 NAG W . 45.08 -1.73 31.22
C4 NAG W . 46.35 -2.33 30.60
C5 NAG W . 47.44 -1.27 30.90
C6 NAG W . 48.90 -1.73 30.78
C7 NAG W . 42.49 0.58 31.04
C8 NAG W . 41.63 1.25 32.07
N2 NAG W . 43.75 0.30 31.41
O3 NAG W . 43.98 -2.61 31.17
O4 NAG W . 46.65 -3.61 31.11
O5 NAG W . 47.16 -0.17 30.05
O6 NAG W . 49.07 -2.66 29.73
O7 NAG W . 42.02 0.31 29.93
C1 GOL X . 36.81 3.16 36.82
O1 GOL X . 35.80 2.24 36.47
C2 GOL X . 37.96 2.42 37.52
O2 GOL X . 38.49 1.42 36.66
C3 GOL X . 37.48 1.73 38.78
O3 GOL X . 36.40 0.84 38.50
N L9R Y . 45.59 26.07 43.25
P L9R Y . 46.31 24.25 38.76
C1 L9R Y . 44.15 23.89 36.96
C2 L9R Y . 43.31 22.70 36.42
O2 L9R Y . 43.41 21.76 37.58
C3 L9R Y . 41.79 22.81 35.89
O3 L9R Y . 41.36 23.47 34.61
C4 L9R Y . 46.64 24.55 41.48
C5 L9R Y . 45.45 25.44 41.91
C6 L9R Y . 46.66 25.35 43.97
C7 L9R Y . 45.86 27.51 43.07
C8 L9R Y . 44.36 26.02 44.06
C11 L9R Y . 40.80 22.79 33.52
O11 L9R Y . 41.03 23.27 32.41
C12 L9R Y . 39.86 21.54 33.63
C13 L9R Y . 39.45 20.89 32.26
C14 L9R Y . 38.15 21.47 31.59
C15 L9R Y . 37.57 20.67 30.37
C16 L9R Y . 36.85 21.54 29.27
C17 L9R Y . 36.10 20.72 28.15
C18 L9R Y . 35.05 21.56 27.32
C19 L9R Y . 34.14 20.77 26.32
O1P L9R Y . 47.63 23.81 38.26
C20 L9R Y . 32.86 20.13 26.93
C21 L9R Y . 32.50 18.74 26.31
C22 L9R Y . 31.87 17.73 27.33
C23 L9R Y . 32.87 16.65 27.84
C24 L9R Y . 32.58 16.07 29.26
C25 L9R Y . 33.72 15.19 29.87
C26 L9R Y . 34.75 16.02 30.67
C27 L9R Y . 35.96 15.20 31.16
C28 L9R Y . 37.00 16.08 31.91
O2P L9R Y . 45.94 25.69 38.78
C31 L9R Y . 43.63 20.42 37.36
O31 L9R Y . 44.22 20.03 36.36
C32 L9R Y . 43.18 19.41 38.42
C33 L9R Y . 42.87 18.04 37.82
C34 L9R Y . 41.96 17.22 38.74
C35 L9R Y . 40.99 16.34 37.95
C36 L9R Y . 40.69 15.01 38.67
C37 L9R Y . 39.52 14.21 38.03
C38 L9R Y . 38.16 14.91 38.24
C39 L9R Y . 37.09 14.11 38.71
O3P L9R Y . 45.18 23.37 37.90
C40 L9R Y . 36.36 14.46 39.86
C41 L9R Y . 36.74 15.53 40.68
C42 L9R Y . 35.75 15.77 41.82
C43 L9R Y . 36.40 16.25 43.15
C44 L9R Y . 35.47 15.71 44.27
C45 L9R Y . 35.85 16.09 45.70
C46 L9R Y . 36.40 14.91 46.53
C47 L9R Y . 37.04 15.33 47.87
C48 L9R Y . 38.43 14.69 48.13
O4P L9R Y . 46.25 23.72 40.35
C1 NAG Z . 14.87 -23.80 35.41
C2 NAG Z . 15.89 -22.65 35.30
C3 NAG Z . 17.35 -23.14 35.21
C4 NAG Z . 17.64 -24.24 36.24
C5 NAG Z . 16.62 -25.37 36.04
C6 NAG Z . 16.93 -26.61 36.91
C7 NAG Z . 15.57 -20.50 34.11
C8 NAG Z . 15.35 -19.86 32.77
N2 NAG Z . 15.65 -21.84 34.11
O3 NAG Z . 18.23 -22.04 35.33
O4 NAG Z . 18.98 -24.72 36.13
O5 NAG Z . 15.30 -24.86 36.27
O6 NAG Z . 16.39 -26.51 38.22
O7 NAG Z . 15.67 -19.81 35.15
C1 GOL AA . 17.19 -16.23 27.13
O1 GOL AA . 16.63 -15.35 26.18
C2 GOL AA . 16.71 -17.66 26.85
O2 GOL AA . 16.73 -18.45 28.04
C3 GOL AA . 17.58 -18.29 25.80
O3 GOL AA . 18.79 -17.57 25.65
C1 GOL BA . 42.34 -6.82 3.04
O1 GOL BA . 41.39 -6.46 2.05
C2 GOL BA . 43.61 -7.32 2.37
O2 GOL BA . 43.28 -8.13 1.26
C3 GOL BA . 44.41 -8.16 3.36
O3 GOL BA . 45.67 -8.58 2.85
C1 GOL CA . 1.67 3.42 36.10
O1 GOL CA . 0.29 3.70 36.24
C2 GOL CA . 1.99 3.19 34.63
O2 GOL CA . 3.35 2.85 34.45
C3 GOL CA . 1.64 4.42 33.78
O3 GOL CA . 1.87 4.09 32.43
C1 GOL DA . 38.13 -14.77 16.28
O1 GOL DA . 37.92 -13.86 15.22
C2 GOL DA . 39.14 -14.13 17.23
O2 GOL DA . 38.64 -12.86 17.60
C3 GOL DA . 40.48 -13.99 16.50
O3 GOL DA . 41.51 -13.73 17.43
CL CL EA . -6.02 -21.92 29.25
N L9Q FA . -6.21 -18.83 14.06
P L9Q FA . -7.90 -17.93 18.73
C1 L9Q FA . -5.74 -19.17 19.87
C2 L9Q FA . -4.98 -19.00 21.22
O2 L9Q FA . -3.51 -19.09 21.15
C3 L9Q FA . -5.25 -17.63 21.82
O3 L9Q FA . -4.83 -17.70 23.19
C4 L9Q FA . -7.66 -18.15 16.00
C5 L9Q FA . -7.40 -19.17 14.89
C11 L9Q FA . -5.29 -16.70 23.99
O11 L9Q FA . -6.47 -16.69 24.37
C12 L9Q FA . -4.27 -15.61 24.43
C13 L9Q FA . -2.79 -16.02 24.33
C14 L9Q FA . -1.93 -15.15 25.28
C15 L9Q FA . -0.48 -15.68 25.51
C16 L9Q FA . 0.25 -14.82 26.59
C17 L9Q FA . 1.76 -15.10 26.73
C18 L9Q FA . 2.59 -13.93 26.17
C19 L9Q FA . 3.42 -13.20 27.24
O1P L9Q FA . -9.34 -17.67 19.04
C20 L9Q FA . 3.77 -11.78 26.79
C21 L9Q FA . 3.24 -10.69 27.73
C22 L9Q FA . 4.00 -9.37 27.53
C23 L9Q FA . 3.65 -8.34 28.59
C24 L9Q FA . 2.49 -7.40 28.22
C25 L9Q FA . 1.86 -6.74 29.47
C26 L9Q FA . 0.48 -6.11 29.25
C27 L9Q FA . -0.63 -7.15 29.47
C28 L9Q FA . -2.01 -6.48 29.53
O2P L9Q FA . -7.00 -16.77 18.52
C31 L9Q FA . -2.99 -20.30 21.51
O31 L9Q FA . -3.47 -21.32 21.03
C32 L9Q FA . -1.80 -20.41 22.47
C33 L9Q FA . -0.58 -19.80 21.82
C34 L9Q FA . 0.69 -20.08 22.58
C35 L9Q FA . 1.88 -20.01 21.63
C36 L9Q FA . 3.06 -19.33 22.31
C37 L9Q FA . 4.06 -18.78 21.31
C38 L9Q FA . 4.29 -17.28 21.57
C39 L9Q FA . 5.63 -16.94 21.75
O3P L9Q FA . -7.18 -18.88 19.90
C40 L9Q FA . 6.30 -15.96 20.98
C41 L9Q FA . 5.78 -15.24 19.89
C42 L9Q FA . 6.15 -15.93 18.57
C43 L9Q FA . 6.23 -15.04 17.33
C44 L9Q FA . 5.96 -15.90 16.10
C45 L9Q FA . 7.02 -15.79 14.96
C46 L9Q FA . 6.86 -17.00 13.99
C47 L9Q FA . 7.91 -17.08 12.84
C48 L9Q FA . 8.12 -18.55 12.36
O4P L9Q FA . -7.83 -18.80 17.30
#